data_6KCT
#
_entry.id   6KCT
#
_cell.length_a   71.112
_cell.length_b   89.703
_cell.length_c   100.049
_cell.angle_alpha   76.760
_cell.angle_beta   72.800
_cell.angle_gamma   80.030
#
_symmetry.space_group_name_H-M   'P 1'
#
loop_
_entity.id
_entity.type
_entity.pdbx_description
1 polymer 'Lysine--tRNA ligase'
2 non-polymer 3-(cyclohexylmethyl)-6,8-bis(oxidanyl)isochromen-1-one
3 non-polymer LYSINE
4 water water
#
_entity_poly.entity_id   1
_entity_poly.type   'polypeptide(L)'
_entity_poly.pdbx_seq_one_letter_code
;MEVDPRLYFENRSKFIQDQKDKGINPYPHKFERTISIPEFIEKYKDLGNGEHLEDTILNITGRIMRVSASGQKLRFFDLV
GDGEKIQVLANYSFHNHEKGNFAECYDKIRRGDIVGIVGFPGKSKKGELSIFPKETILLSACLHMLPMKYGLKDTEIRYR
QRYLDLLINESSRHTFVTRTKIINFLRNFLNERGFFEVETPMMNLIAGGANARPFITHHNDLDLDLYLRIATELPLKMLI
VGGIDKVYEIGKVFRNEGIDNTHNPEFTSCEFYWAYADYNDLIKWSEDFFSQLVYHLFGTYKISYNKDGPENQPIEIDFT
PPYPKVSIVEEIEKVTNTILEQPFDSNETIEKMINIIKEHKIELPNPPTAAKLLDQLASHFIENKYNDKPFFIVEHPQIM
SPLAKYHRTKPGLTERLEMFICGKEVLNAYTELNDPFKQKECFKLQQKDREKGDTEAAQLDSAFCTSLEYGLPPTGGLGL
GIDRITMFLTNKNSIKDVILFPTMRPANGGHHHHHH
;
_entity_poly.pdbx_strand_id   A,B,C,D
#
# COMPACT_ATOMS: atom_id res chain seq x y z
N VAL A 3 -24.42 -52.12 -3.90
CA VAL A 3 -25.13 -52.18 -5.17
C VAL A 3 -26.56 -51.68 -5.01
N ASP A 4 -27.10 -51.81 -3.80
CA ASP A 4 -28.48 -51.38 -3.50
C ASP A 4 -28.48 -50.29 -2.44
N PRO A 5 -28.56 -49.02 -2.85
CA PRO A 5 -28.58 -47.94 -1.84
C PRO A 5 -29.84 -47.94 -0.98
N ARG A 6 -30.99 -48.21 -1.57
CA ARG A 6 -32.24 -48.23 -0.80
C ARG A 6 -32.16 -49.24 0.35
N LEU A 7 -31.67 -50.44 0.05
CA LEU A 7 -31.55 -51.46 1.09
C LEU A 7 -30.51 -51.05 2.14
N TYR A 8 -29.43 -50.42 1.70
CA TYR A 8 -28.39 -49.98 2.62
C TYR A 8 -28.96 -48.98 3.61
N PHE A 9 -29.75 -48.02 3.11
CA PHE A 9 -30.37 -47.02 3.97
C PHE A 9 -31.39 -47.65 4.92
N GLU A 10 -32.19 -48.60 4.42
CA GLU A 10 -33.17 -49.24 5.30
C GLU A 10 -32.47 -50.02 6.41
N ASN A 11 -31.35 -50.68 6.08
CA ASN A 11 -30.62 -51.43 7.10
C ASN A 11 -30.02 -50.49 8.13
N ARG A 12 -29.47 -49.36 7.70
CA ARG A 12 -28.89 -48.42 8.67
C ARG A 12 -29.99 -47.82 9.56
N SER A 13 -31.18 -47.61 9.01
CA SER A 13 -32.28 -47.11 9.82
C SER A 13 -32.63 -48.14 10.88
N LYS A 14 -32.67 -49.41 10.49
CA LYS A 14 -32.93 -50.46 11.46
C LYS A 14 -31.82 -50.51 12.50
N PHE A 15 -30.58 -50.21 12.08
CA PHE A 15 -29.46 -50.20 13.03
C PHE A 15 -29.69 -49.16 14.11
N ILE A 16 -30.09 -47.95 13.71
CA ILE A 16 -30.34 -46.88 14.68
C ILE A 16 -31.46 -47.30 15.63
N GLN A 17 -32.55 -47.84 15.09
CA GLN A 17 -33.65 -48.24 15.97
C GLN A 17 -33.24 -49.41 16.87
N ASP A 18 -32.42 -50.33 16.36
CA ASP A 18 -31.96 -51.45 17.18
C ASP A 18 -31.09 -50.95 18.31
N GLN A 19 -30.34 -49.87 18.08
CA GLN A 19 -29.52 -49.29 19.13
C GLN A 19 -30.42 -48.72 20.22
N LYS A 20 -31.46 -47.99 19.81
CA LYS A 20 -32.38 -47.41 20.79
C LYS A 20 -33.08 -48.50 21.61
N ASP A 21 -33.50 -49.58 20.94
CA ASP A 21 -34.17 -50.67 21.65
C ASP A 21 -33.22 -51.34 22.63
N LYS A 22 -31.98 -51.57 22.23
CA LYS A 22 -31.01 -52.22 23.10
C LYS A 22 -30.20 -51.20 23.90
N GLY A 23 -30.91 -50.26 24.52
CA GLY A 23 -30.31 -49.25 25.38
C GLY A 23 -29.52 -48.06 24.84
N ILE A 24 -28.52 -48.32 24.00
CA ILE A 24 -27.64 -47.26 23.50
C ILE A 24 -28.39 -46.14 22.78
N ASN A 25 -27.81 -44.93 22.87
CA ASN A 25 -28.29 -43.72 22.23
C ASN A 25 -27.35 -43.45 21.07
N PRO A 26 -27.80 -43.56 19.81
CA PRO A 26 -26.88 -43.33 18.69
C PRO A 26 -26.49 -41.88 18.46
N TYR A 27 -27.28 -40.90 18.92
CA TYR A 27 -26.94 -39.50 18.74
C TYR A 27 -26.78 -38.84 20.10
N PRO A 28 -25.62 -38.97 20.73
CA PRO A 28 -25.39 -38.34 22.03
C PRO A 28 -25.43 -36.82 21.89
N HIS A 29 -25.69 -36.17 23.02
CA HIS A 29 -25.81 -34.71 23.04
C HIS A 29 -24.46 -34.00 22.98
N LYS A 30 -23.53 -34.38 23.84
CA LYS A 30 -22.24 -33.70 23.89
C LYS A 30 -21.06 -34.65 24.02
N PHE A 31 -19.97 -34.29 23.33
CA PHE A 31 -18.69 -34.99 23.41
C PHE A 31 -17.67 -33.87 23.40
N GLU A 32 -17.18 -33.53 24.60
CA GLU A 32 -16.23 -32.44 24.76
C GLU A 32 -14.92 -32.75 24.04
N ARG A 33 -14.71 -32.08 22.91
CA ARG A 33 -13.51 -32.27 22.12
C ARG A 33 -12.34 -31.50 22.75
N THR A 34 -11.16 -32.08 22.65
CA THR A 34 -9.94 -31.50 23.19
C THR A 34 -9.06 -30.84 22.14
N ILE A 35 -8.97 -31.43 20.95
CA ILE A 35 -8.15 -30.91 19.86
C ILE A 35 -8.86 -31.09 18.54
N SER A 36 -8.51 -30.26 17.57
CA SER A 36 -9.06 -30.36 16.23
C SER A 36 -8.02 -31.05 15.35
N ILE A 37 -8.48 -31.65 14.26
CA ILE A 37 -7.57 -32.36 13.36
C ILE A 37 -6.47 -31.46 12.82
N PRO A 38 -6.74 -30.22 12.38
CA PRO A 38 -5.62 -29.39 11.90
C PRO A 38 -4.59 -29.09 12.99
N GLU A 39 -5.05 -28.67 14.17
CA GLU A 39 -4.09 -28.40 15.23
C GLU A 39 -3.42 -29.69 15.71
N PHE A 40 -4.07 -30.85 15.52
CA PHE A 40 -3.42 -32.11 15.87
C PHE A 40 -2.30 -32.43 14.89
N ILE A 41 -2.57 -32.28 13.59
CA ILE A 41 -1.52 -32.51 12.59
C ILE A 41 -0.36 -31.57 12.85
N GLU A 42 -0.67 -30.31 13.15
CA GLU A 42 0.37 -29.32 13.38
C GLU A 42 1.15 -29.60 14.67
N LYS A 43 0.49 -30.13 15.70
CA LYS A 43 1.14 -30.42 16.96
C LYS A 43 1.93 -31.72 16.98
N TYR A 44 1.62 -32.68 16.09
CA TYR A 44 2.35 -33.94 16.12
C TYR A 44 2.89 -34.39 14.77
N LYS A 45 2.98 -33.49 13.77
CA LYS A 45 3.53 -33.90 12.48
C LYS A 45 5.03 -34.14 12.59
N ASP A 46 5.74 -33.24 13.27
CA ASP A 46 7.18 -33.36 13.47
C ASP A 46 7.37 -34.46 14.52
N LEU A 47 7.17 -35.70 14.10
CA LEU A 47 7.28 -36.85 14.97
C LEU A 47 8.00 -37.95 14.21
N GLY A 48 8.74 -38.78 14.93
CA GLY A 48 9.49 -39.84 14.29
C GLY A 48 8.61 -41.00 13.84
N ASN A 49 9.18 -41.84 12.98
CA ASN A 49 8.46 -43.01 12.48
C ASN A 49 8.23 -43.99 13.62
N GLY A 50 7.00 -44.53 13.68
CA GLY A 50 6.65 -45.47 14.71
C GLY A 50 6.66 -44.89 16.12
N GLU A 51 6.91 -43.60 16.26
CA GLU A 51 6.96 -42.97 17.58
C GLU A 51 5.55 -42.85 18.16
N HIS A 52 5.41 -43.29 19.40
CA HIS A 52 4.16 -43.26 20.13
C HIS A 52 4.29 -42.37 21.36
N LEU A 53 3.16 -41.83 21.80
CA LEU A 53 3.03 -40.94 22.95
C LEU A 53 1.87 -41.41 23.81
N GLU A 54 1.91 -42.69 24.15
CA GLU A 54 0.89 -43.42 24.90
C GLU A 54 0.50 -42.82 26.25
N ASP A 55 1.17 -41.75 26.68
CA ASP A 55 0.84 -41.09 27.93
C ASP A 55 0.04 -39.81 27.75
N THR A 56 -0.16 -39.35 26.51
CA THR A 56 -0.94 -38.15 26.22
C THR A 56 -2.25 -38.57 25.56
N ILE A 57 -3.33 -38.58 26.34
CA ILE A 57 -4.64 -38.96 25.85
C ILE A 57 -5.39 -37.71 25.39
N LEU A 58 -5.99 -37.79 24.21
CA LEU A 58 -6.68 -36.68 23.57
C LEU A 58 -8.07 -37.10 23.13
N ASN A 59 -8.97 -36.11 23.06
CA ASN A 59 -10.34 -36.28 22.61
C ASN A 59 -10.44 -35.56 21.27
N ILE A 60 -10.67 -36.31 20.19
CA ILE A 60 -10.75 -35.71 18.87
C ILE A 60 -11.97 -36.24 18.14
N THR A 61 -12.59 -35.39 17.34
CA THR A 61 -13.77 -35.76 16.57
C THR A 61 -13.48 -35.70 15.09
N GLY A 62 -14.38 -36.29 14.30
CA GLY A 62 -14.19 -36.26 12.87
C GLY A 62 -15.20 -37.16 12.17
N ARG A 63 -15.03 -37.25 10.85
CA ARG A 63 -15.90 -38.07 10.02
C ARG A 63 -15.07 -39.14 9.33
N ILE A 64 -15.55 -40.39 9.36
CA ILE A 64 -14.87 -41.51 8.73
C ILE A 64 -15.14 -41.46 7.23
N MET A 65 -14.08 -41.53 6.42
CA MET A 65 -14.22 -41.48 4.97
C MET A 65 -13.58 -42.66 4.26
N ARG A 66 -12.80 -43.48 4.95
CA ARG A 66 -12.18 -44.66 4.35
C ARG A 66 -12.17 -45.74 5.41
N VAL A 67 -12.66 -46.92 5.06
CA VAL A 67 -12.73 -48.05 5.98
C VAL A 67 -11.94 -49.22 5.40
N SER A 68 -11.05 -49.77 6.21
CA SER A 68 -10.23 -50.91 5.82
C SER A 68 -9.77 -51.59 7.10
N ALA A 69 -9.33 -52.83 6.97
CA ALA A 69 -8.87 -53.57 8.14
C ALA A 69 -7.81 -54.59 7.73
N SER A 70 -6.82 -54.77 8.61
CA SER A 70 -5.75 -55.72 8.41
C SER A 70 -5.93 -56.92 9.33
N GLY A 71 -7.19 -57.24 9.63
CA GLY A 71 -7.57 -58.32 10.50
C GLY A 71 -8.57 -57.88 11.54
N GLN A 72 -9.01 -58.85 12.34
CA GLN A 72 -9.99 -58.57 13.38
C GLN A 72 -9.42 -57.75 14.53
N LYS A 73 -8.10 -57.60 14.61
CA LYS A 73 -7.48 -56.86 15.71
C LYS A 73 -6.84 -55.53 15.30
N LEU A 74 -6.74 -55.24 14.00
CA LEU A 74 -6.16 -53.99 13.51
C LEU A 74 -7.11 -53.37 12.49
N ARG A 75 -7.67 -52.21 12.82
CA ARG A 75 -8.60 -51.52 11.94
C ARG A 75 -7.98 -50.21 11.48
N PHE A 76 -8.24 -49.84 10.23
CA PHE A 76 -7.71 -48.62 9.63
C PHE A 76 -8.85 -47.76 9.13
N PHE A 77 -8.76 -46.45 9.39
CA PHE A 77 -9.78 -45.51 8.95
C PHE A 77 -9.13 -44.19 8.56
N ASP A 78 -9.90 -43.32 7.91
CA ASP A 78 -9.45 -41.99 7.53
C ASP A 78 -10.42 -41.01 8.17
N LEU A 79 -9.94 -40.25 9.15
CA LEU A 79 -10.77 -39.28 9.85
C LEU A 79 -10.50 -37.91 9.26
N VAL A 80 -11.54 -37.27 8.75
CA VAL A 80 -11.42 -35.95 8.14
C VAL A 80 -12.11 -34.92 9.03
N GLY A 81 -11.64 -33.69 8.92
CA GLY A 81 -12.16 -32.57 9.68
C GLY A 81 -11.50 -31.25 9.30
N ASP A 82 -12.31 -30.20 9.13
CA ASP A 82 -11.83 -28.86 8.79
C ASP A 82 -10.91 -28.88 7.57
N GLY A 83 -11.29 -29.68 6.57
CA GLY A 83 -10.54 -29.78 5.35
C GLY A 83 -9.26 -30.59 5.41
N GLU A 84 -8.89 -31.13 6.58
CA GLU A 84 -7.67 -31.91 6.67
C GLU A 84 -8.03 -33.35 7.07
N LYS A 85 -7.02 -34.22 7.11
CA LYS A 85 -7.28 -35.62 7.42
C LYS A 85 -6.11 -36.30 8.10
N ILE A 86 -6.44 -37.29 8.93
CA ILE A 86 -5.48 -38.12 9.65
C ILE A 86 -5.97 -39.55 9.52
N GLN A 87 -5.10 -40.49 9.84
CA GLN A 87 -5.47 -41.90 9.79
C GLN A 87 -5.79 -42.37 11.20
N VAL A 88 -6.75 -43.27 11.30
CA VAL A 88 -7.16 -43.86 12.58
C VAL A 88 -6.65 -45.29 12.57
N LEU A 89 -5.74 -45.59 13.49
CA LEU A 89 -5.15 -46.91 13.60
C LEU A 89 -5.66 -47.53 14.90
N ALA A 90 -6.71 -48.33 14.80
CA ALA A 90 -7.32 -48.97 15.97
C ALA A 90 -6.65 -50.32 16.21
N ASN A 91 -5.79 -50.38 17.21
CA ASN A 91 -5.09 -51.59 17.60
C ASN A 91 -5.80 -52.16 18.82
N TYR A 92 -6.14 -53.45 18.77
CA TYR A 92 -6.82 -54.08 19.89
C TYR A 92 -5.95 -54.13 21.16
N SER A 93 -4.63 -54.08 21.02
CA SER A 93 -3.79 -54.05 22.21
C SER A 93 -4.02 -52.80 23.05
N PHE A 94 -4.57 -51.75 22.45
CA PHE A 94 -4.80 -50.46 23.11
C PHE A 94 -6.27 -50.20 23.45
N HIS A 95 -7.17 -51.10 23.09
CA HIS A 95 -8.60 -50.88 23.35
C HIS A 95 -8.92 -50.98 24.84
N ASN A 96 -9.68 -49.99 25.33
CA ASN A 96 -10.12 -49.96 26.72
C ASN A 96 -11.28 -50.95 26.81
N HIS A 97 -10.94 -52.18 27.22
CA HIS A 97 -11.94 -53.24 27.31
C HIS A 97 -13.02 -52.97 28.33
N GLU A 98 -12.77 -52.08 29.28
CA GLU A 98 -13.78 -51.75 30.26
C GLU A 98 -14.99 -51.05 29.62
N LYS A 99 -14.81 -50.46 28.44
CA LYS A 99 -15.89 -49.76 27.76
C LYS A 99 -16.67 -50.64 26.80
N GLY A 100 -16.12 -51.74 26.34
CA GLY A 100 -16.84 -52.61 25.42
C GLY A 100 -15.91 -53.45 24.58
N ASN A 101 -16.52 -54.39 23.86
CA ASN A 101 -15.76 -55.29 23.00
C ASN A 101 -15.21 -54.54 21.79
N PHE A 102 -13.98 -54.91 21.40
CA PHE A 102 -13.28 -54.26 20.30
C PHE A 102 -14.01 -54.44 18.98
N ALA A 103 -14.19 -55.69 18.55
CA ALA A 103 -14.85 -55.95 17.27
C ALA A 103 -16.29 -55.44 17.26
N GLU A 104 -17.01 -55.65 18.37
CA GLU A 104 -18.40 -55.20 18.45
C GLU A 104 -18.49 -53.71 18.20
N CYS A 105 -17.50 -52.95 18.70
CA CYS A 105 -17.49 -51.50 18.54
C CYS A 105 -17.09 -51.07 17.14
N TYR A 106 -16.03 -51.67 16.58
CA TYR A 106 -15.58 -51.24 15.26
C TYR A 106 -16.31 -51.89 14.09
N ASP A 107 -16.99 -53.02 14.29
CA ASP A 107 -17.71 -53.62 13.16
C ASP A 107 -18.91 -52.77 12.75
N LYS A 108 -19.38 -51.89 13.63
CA LYS A 108 -20.52 -51.04 13.32
C LYS A 108 -20.15 -49.81 12.51
N ILE A 109 -18.88 -49.39 12.56
CA ILE A 109 -18.44 -48.21 11.84
C ILE A 109 -18.65 -48.38 10.34
N ARG A 110 -19.22 -47.36 9.71
CA ARG A 110 -19.45 -47.32 8.28
C ARG A 110 -18.84 -46.04 7.72
N ARG A 111 -18.68 -46.01 6.40
CA ARG A 111 -18.12 -44.82 5.77
C ARG A 111 -19.10 -43.66 5.91
N GLY A 112 -18.60 -42.54 6.43
CA GLY A 112 -19.40 -41.36 6.66
C GLY A 112 -19.84 -41.15 8.09
N ASP A 113 -19.55 -42.11 8.98
CA ASP A 113 -19.94 -41.98 10.37
C ASP A 113 -19.13 -40.91 11.09
N ILE A 114 -19.81 -40.06 11.83
CA ILE A 114 -19.18 -39.01 12.62
C ILE A 114 -18.88 -39.63 13.97
N VAL A 115 -17.59 -39.72 14.27
CA VAL A 115 -17.06 -40.39 15.45
C VAL A 115 -16.31 -39.44 16.38
N GLY A 116 -16.32 -39.83 17.66
CA GLY A 116 -15.62 -39.19 18.75
C GLY A 116 -14.62 -40.24 19.20
N ILE A 117 -13.34 -39.87 19.28
CA ILE A 117 -12.28 -40.81 19.63
C ILE A 117 -11.47 -40.32 20.82
N VAL A 118 -11.24 -41.23 21.75
CA VAL A 118 -10.40 -41.01 22.93
C VAL A 118 -9.15 -41.82 22.63
N GLY A 119 -8.07 -41.14 22.27
CA GLY A 119 -6.88 -41.88 21.93
C GLY A 119 -5.56 -41.21 22.22
N PHE A 120 -4.53 -41.60 21.51
CA PHE A 120 -3.20 -41.07 21.71
C PHE A 120 -2.49 -40.90 20.36
N PRO A 121 -1.70 -39.85 20.22
CA PRO A 121 -1.06 -39.58 18.92
C PRO A 121 0.17 -40.43 18.64
N GLY A 122 0.48 -40.57 17.36
CA GLY A 122 1.66 -41.31 16.98
C GLY A 122 1.74 -41.45 15.48
N LYS A 123 2.79 -42.14 15.04
CA LYS A 123 3.03 -42.43 13.65
C LYS A 123 3.11 -43.93 13.46
N SER A 124 2.67 -44.39 12.29
CA SER A 124 2.70 -45.80 11.98
C SER A 124 4.13 -46.22 11.63
N LYS A 125 4.28 -47.48 11.23
CA LYS A 125 5.61 -47.95 10.85
C LYS A 125 6.05 -47.25 9.57
N LYS A 126 5.14 -47.10 8.61
CA LYS A 126 5.44 -46.42 7.35
C LYS A 126 5.56 -44.92 7.52
N GLY A 127 5.18 -44.37 8.67
CA GLY A 127 5.27 -42.94 8.92
C GLY A 127 3.98 -42.16 8.80
N GLU A 128 2.84 -42.84 8.68
CA GLU A 128 1.56 -42.14 8.56
C GLU A 128 1.10 -41.64 9.92
N LEU A 129 0.93 -40.32 10.04
CA LEU A 129 0.45 -39.72 11.28
C LEU A 129 -0.93 -40.24 11.59
N SER A 130 -1.07 -40.91 12.73
CA SER A 130 -2.34 -41.51 13.11
C SER A 130 -2.69 -41.26 14.57
N ILE A 131 -3.99 -41.46 14.83
CA ILE A 131 -4.60 -41.39 16.14
C ILE A 131 -4.90 -42.83 16.54
N PHE A 132 -4.44 -43.23 17.71
CA PHE A 132 -4.64 -44.59 18.18
C PHE A 132 -5.73 -44.54 19.25
N PRO A 133 -6.95 -44.93 18.93
CA PRO A 133 -8.04 -44.83 19.90
C PRO A 133 -8.00 -45.90 20.99
N LYS A 134 -8.54 -45.51 22.15
CA LYS A 134 -8.72 -46.40 23.28
C LYS A 134 -10.18 -46.75 23.44
N GLU A 135 -11.06 -45.92 22.89
CA GLU A 135 -12.51 -46.10 22.83
C GLU A 135 -13.03 -45.20 21.73
N THR A 136 -13.99 -45.71 20.96
CA THR A 136 -14.60 -45.01 19.85
C THR A 136 -16.11 -45.04 20.02
N ILE A 137 -16.73 -43.86 20.11
CA ILE A 137 -18.17 -43.75 20.30
C ILE A 137 -18.78 -43.08 19.08
N LEU A 138 -19.87 -43.64 18.58
CA LEU A 138 -20.56 -43.08 17.43
C LEU A 138 -21.32 -41.82 17.85
N LEU A 139 -21.05 -40.72 17.15
CA LEU A 139 -21.73 -39.46 17.43
C LEU A 139 -22.89 -39.19 16.49
N SER A 140 -22.71 -39.42 15.19
CA SER A 140 -23.79 -39.21 14.23
C SER A 140 -23.53 -40.12 13.04
N ALA A 141 -24.33 -41.17 12.92
CA ALA A 141 -24.15 -42.14 11.85
C ALA A 141 -24.60 -41.60 10.49
N CYS A 142 -24.02 -42.18 9.43
CA CYS A 142 -24.34 -41.85 8.05
C CYS A 142 -25.22 -42.98 7.55
N LEU A 143 -26.49 -42.68 7.26
CA LEU A 143 -27.44 -43.69 6.84
C LEU A 143 -27.34 -44.07 5.37
N HIS A 144 -26.86 -43.17 4.52
CA HIS A 144 -26.77 -43.43 3.09
C HIS A 144 -25.33 -43.75 2.67
N MET A 145 -25.20 -44.25 1.44
CA MET A 145 -23.88 -44.54 0.90
C MET A 145 -23.33 -43.27 0.29
N LEU A 146 -22.11 -42.91 0.65
CA LEU A 146 -21.53 -41.70 0.10
C LEU A 146 -21.18 -41.93 -1.36
N PRO A 147 -21.38 -40.94 -2.22
CA PRO A 147 -21.06 -41.12 -3.64
C PRO A 147 -19.56 -41.06 -3.87
N MET A 148 -19.16 -41.49 -5.05
CA MET A 148 -17.76 -41.45 -5.46
C MET A 148 -17.51 -40.13 -6.15
N LYS A 149 -16.24 -39.75 -6.26
CA LYS A 149 -15.92 -38.48 -6.93
C LYS A 149 -16.53 -38.45 -8.33
N TYR A 150 -16.41 -39.56 -9.07
CA TYR A 150 -16.98 -39.59 -10.42
C TYR A 150 -18.50 -39.44 -10.36
N GLY A 151 -19.15 -39.96 -9.31
CA GLY A 151 -20.59 -39.77 -9.24
C GLY A 151 -21.02 -38.32 -9.19
N LEU A 152 -20.08 -37.40 -8.94
CA LEU A 152 -20.38 -35.97 -8.86
C LEU A 152 -19.68 -35.14 -9.93
N LYS A 153 -18.90 -35.76 -10.82
CA LYS A 153 -18.14 -35.05 -11.83
C LYS A 153 -18.94 -34.10 -12.72
N ASP A 154 -19.84 -34.62 -13.53
CA ASP A 154 -20.66 -33.80 -14.41
C ASP A 154 -22.14 -33.95 -14.07
N THR A 155 -22.43 -34.11 -12.79
CA THR A 155 -23.79 -34.27 -12.30
C THR A 155 -24.18 -33.05 -11.47
N GLU A 156 -25.48 -32.80 -11.36
CA GLU A 156 -25.98 -31.66 -10.61
C GLU A 156 -26.07 -31.92 -9.12
N ILE A 157 -25.59 -33.08 -8.63
CA ILE A 157 -25.65 -33.37 -7.20
C ILE A 157 -24.81 -32.35 -6.43
N ARG A 158 -23.78 -31.80 -7.08
CA ARG A 158 -22.95 -30.80 -6.44
C ARG A 158 -23.78 -29.59 -6.02
N TYR A 159 -24.84 -29.31 -6.76
CA TYR A 159 -25.72 -28.17 -6.56
C TYR A 159 -26.89 -28.48 -5.64
N ARG A 160 -27.61 -29.57 -5.93
CA ARG A 160 -28.76 -29.96 -5.14
C ARG A 160 -28.40 -30.56 -3.79
N GLN A 161 -27.18 -31.09 -3.66
CA GLN A 161 -26.68 -31.74 -2.45
C GLN A 161 -25.26 -31.27 -2.12
N ARG A 162 -25.08 -29.95 -2.06
CA ARG A 162 -23.77 -29.33 -1.79
C ARG A 162 -22.97 -29.96 -0.66
N TYR A 163 -23.62 -30.53 0.36
CA TYR A 163 -22.86 -31.15 1.44
C TYR A 163 -22.00 -32.30 0.93
N LEU A 164 -22.54 -33.09 -0.01
CA LEU A 164 -21.76 -34.18 -0.59
C LEU A 164 -20.55 -33.63 -1.32
N ASP A 165 -20.74 -32.55 -2.07
CA ASP A 165 -19.65 -31.92 -2.80
C ASP A 165 -18.59 -31.36 -1.86
N LEU A 166 -19.01 -30.82 -0.70
CA LEU A 166 -18.07 -30.26 0.26
C LEU A 166 -17.25 -31.35 0.93
N LEU A 167 -17.84 -32.54 1.13
CA LEU A 167 -17.10 -33.61 1.80
C LEU A 167 -16.22 -34.40 0.84
N ILE A 168 -16.71 -34.68 -0.36
CA ILE A 168 -15.98 -35.52 -1.31
C ILE A 168 -14.88 -34.75 -2.05
N ASN A 169 -15.21 -33.61 -2.64
CA ASN A 169 -14.25 -32.84 -3.43
C ASN A 169 -13.56 -31.76 -2.59
N GLU A 170 -12.23 -31.80 -2.55
CA GLU A 170 -11.48 -30.78 -1.81
C GLU A 170 -11.52 -29.44 -2.52
N SER A 171 -11.61 -29.47 -3.84
CA SER A 171 -11.65 -28.24 -4.63
C SER A 171 -12.86 -27.38 -4.27
N SER A 172 -13.95 -27.99 -3.82
CA SER A 172 -15.13 -27.23 -3.43
C SER A 172 -14.87 -26.37 -2.20
N ARG A 173 -14.33 -26.99 -1.15
CA ARG A 173 -14.01 -26.24 0.05
C ARG A 173 -13.03 -25.13 -0.28
N HIS A 174 -12.03 -25.44 -1.12
CA HIS A 174 -11.07 -24.42 -1.52
C HIS A 174 -11.77 -23.25 -2.22
N THR A 175 -12.71 -23.56 -3.12
CA THR A 175 -13.42 -22.51 -3.86
C THR A 175 -14.18 -21.58 -2.93
N PHE A 176 -14.97 -22.11 -2.01
CA PHE A 176 -15.74 -21.23 -1.14
C PHE A 176 -14.86 -20.49 -0.14
N VAL A 177 -13.75 -21.10 0.30
CA VAL A 177 -12.86 -20.38 1.19
C VAL A 177 -12.28 -19.17 0.45
N THR A 178 -11.92 -19.37 -0.83
CA THR A 178 -11.42 -18.26 -1.63
C THR A 178 -12.50 -17.20 -1.82
N ARG A 179 -13.76 -17.62 -1.96
CA ARG A 179 -14.85 -16.67 -2.13
C ARG A 179 -14.94 -15.73 -0.92
N THR A 180 -14.96 -16.31 0.27
CA THR A 180 -15.03 -15.47 1.46
C THR A 180 -13.77 -14.64 1.61
N LYS A 181 -12.64 -15.13 1.10
CA LYS A 181 -11.43 -14.31 1.17
C LYS A 181 -11.56 -13.09 0.27
N ILE A 182 -12.21 -13.26 -0.89
CA ILE A 182 -12.43 -12.14 -1.80
C ILE A 182 -13.31 -11.10 -1.10
N ILE A 183 -14.37 -11.56 -0.44
CA ILE A 183 -15.26 -10.63 0.25
C ILE A 183 -14.55 -9.94 1.42
N ASN A 184 -13.74 -10.69 2.17
CA ASN A 184 -13.00 -10.10 3.28
C ASN A 184 -12.04 -9.03 2.78
N PHE A 185 -11.34 -9.33 1.68
CA PHE A 185 -10.41 -8.38 1.10
C PHE A 185 -11.14 -7.10 0.69
N LEU A 186 -12.29 -7.25 0.03
CA LEU A 186 -13.04 -6.07 -0.41
C LEU A 186 -13.54 -5.24 0.78
N ARG A 187 -14.11 -5.90 1.80
CA ARG A 187 -14.62 -5.16 2.94
C ARG A 187 -13.51 -4.38 3.64
N ASN A 188 -12.34 -5.00 3.80
CA ASN A 188 -11.24 -4.30 4.44
C ASN A 188 -10.67 -3.21 3.52
N PHE A 189 -10.57 -3.51 2.23
CA PHE A 189 -10.05 -2.55 1.25
C PHE A 189 -10.87 -1.27 1.32
N LEU A 190 -12.18 -1.41 1.55
CA LEU A 190 -13.04 -0.23 1.65
C LEU A 190 -12.95 0.40 3.03
N ASN A 191 -12.87 -0.42 4.09
CA ASN A 191 -12.77 0.13 5.44
C ASN A 191 -11.47 0.90 5.63
N GLU A 192 -10.36 0.36 5.10
CA GLU A 192 -9.08 1.03 5.23
C GLU A 192 -9.05 2.37 4.50
N ARG A 193 -9.92 2.57 3.51
CA ARG A 193 -10.02 3.83 2.78
C ARG A 193 -11.04 4.77 3.37
N GLY A 194 -11.59 4.44 4.54
CA GLY A 194 -12.56 5.30 5.18
C GLY A 194 -13.99 5.12 4.72
N PHE A 195 -14.34 4.00 4.10
CA PHE A 195 -15.73 3.87 3.70
C PHE A 195 -16.58 3.37 4.87
N PHE A 196 -17.89 3.50 4.71
CA PHE A 196 -18.86 3.15 5.75
C PHE A 196 -19.86 2.13 5.20
N GLU A 197 -19.80 0.91 5.73
CA GLU A 197 -20.72 -0.14 5.30
C GLU A 197 -22.11 0.10 5.90
N VAL A 198 -23.13 -0.06 5.07
CA VAL A 198 -24.52 0.16 5.47
C VAL A 198 -25.38 -0.98 4.91
N GLU A 199 -26.69 -0.86 5.13
CA GLU A 199 -27.67 -1.83 4.68
C GLU A 199 -28.90 -1.10 4.15
N THR A 200 -29.19 -1.28 2.84
CA THR A 200 -30.36 -0.68 2.24
C THR A 200 -31.42 -1.75 2.05
N PRO A 201 -32.71 -1.39 2.03
CA PRO A 201 -33.76 -2.40 1.91
C PRO A 201 -33.70 -3.21 0.63
N MET A 202 -34.15 -4.46 0.75
CA MET A 202 -34.25 -5.37 -0.38
C MET A 202 -35.64 -5.36 -0.98
N MET A 203 -36.65 -4.99 -0.19
CA MET A 203 -38.02 -4.87 -0.63
C MET A 203 -38.26 -3.37 -0.84
N ASN A 204 -38.79 -3.01 -2.01
CA ASN A 204 -38.99 -1.60 -2.30
C ASN A 204 -40.28 -1.38 -3.07
N LEU A 205 -40.76 -0.13 -3.00
CA LEU A 205 -41.96 0.25 -3.73
C LEU A 205 -41.69 0.29 -5.23
N ILE A 206 -40.45 0.59 -5.60
CA ILE A 206 -40.00 0.65 -6.98
C ILE A 206 -38.58 0.11 -7.04
N ALA A 207 -38.32 -0.80 -7.98
CA ALA A 207 -37.01 -1.42 -8.14
C ALA A 207 -36.25 -0.69 -9.23
N GLY A 208 -35.34 0.20 -8.82
CA GLY A 208 -34.54 0.97 -9.73
C GLY A 208 -33.05 0.70 -9.52
N GLY A 209 -32.24 1.37 -10.34
CA GLY A 209 -30.80 1.25 -10.26
C GLY A 209 -30.17 0.42 -11.36
N ALA A 210 -30.96 -0.27 -12.18
CA ALA A 210 -30.45 -1.08 -13.26
C ALA A 210 -31.57 -1.30 -14.28
N ASN A 211 -31.24 -2.00 -15.35
CA ASN A 211 -32.18 -2.32 -16.42
C ASN A 211 -32.46 -3.83 -16.36
N ALA A 212 -33.46 -4.21 -15.57
CA ALA A 212 -33.80 -5.61 -15.44
C ALA A 212 -35.20 -5.75 -14.82
N ARG A 213 -35.84 -6.87 -15.13
CA ARG A 213 -37.17 -7.17 -14.60
C ARG A 213 -37.04 -7.64 -13.16
N PRO A 214 -37.73 -7.02 -12.22
CA PRO A 214 -37.63 -7.40 -10.80
C PRO A 214 -38.68 -8.40 -10.35
N PHE A 215 -38.49 -8.91 -9.14
CA PHE A 215 -39.49 -9.79 -8.57
C PHE A 215 -40.52 -8.93 -7.85
N ILE A 216 -41.65 -9.53 -7.51
CA ILE A 216 -42.72 -8.83 -6.80
C ILE A 216 -43.23 -9.73 -5.68
N THR A 217 -43.42 -9.14 -4.50
CA THR A 217 -43.92 -9.81 -3.33
C THR A 217 -45.04 -8.95 -2.74
N HIS A 218 -45.68 -9.44 -1.70
CA HIS A 218 -46.78 -8.72 -1.08
C HIS A 218 -46.77 -8.84 0.44
N HIS A 219 -46.92 -7.70 1.11
CA HIS A 219 -47.01 -7.65 2.56
C HIS A 219 -48.50 -7.65 2.86
N ASN A 220 -48.95 -8.67 3.59
CA ASN A 220 -50.37 -8.84 3.88
C ASN A 220 -50.90 -7.79 4.84
N ASP A 221 -50.24 -7.61 5.98
CA ASP A 221 -50.75 -6.66 6.97
C ASP A 221 -50.78 -5.24 6.42
N LEU A 222 -49.84 -4.88 5.54
CA LEU A 222 -49.87 -3.56 4.95
C LEU A 222 -50.69 -3.54 3.66
N ASP A 223 -50.98 -4.71 3.10
CA ASP A 223 -51.70 -4.81 1.83
C ASP A 223 -50.95 -4.00 0.79
N LEU A 224 -49.64 -4.26 0.70
CA LEU A 224 -48.77 -3.50 -0.19
C LEU A 224 -47.86 -4.39 -1.01
N ASP A 225 -47.72 -4.06 -2.30
CA ASP A 225 -46.84 -4.80 -3.19
C ASP A 225 -45.45 -4.20 -3.14
N LEU A 226 -44.46 -5.04 -2.85
CA LEU A 226 -43.07 -4.61 -2.75
C LEU A 226 -42.23 -5.33 -3.79
N TYR A 227 -41.26 -4.65 -4.36
CA TYR A 227 -40.39 -5.24 -5.37
C TYR A 227 -39.02 -5.52 -4.79
N LEU A 228 -38.45 -6.68 -5.14
CA LEU A 228 -37.11 -7.00 -4.67
C LEU A 228 -36.12 -6.12 -5.41
N ARG A 229 -35.14 -5.60 -4.68
CA ARG A 229 -34.17 -4.70 -5.28
C ARG A 229 -33.35 -5.39 -6.37
N ILE A 230 -33.18 -4.69 -7.48
CA ILE A 230 -32.36 -5.18 -8.59
C ILE A 230 -30.95 -4.60 -8.50
N ALA A 231 -30.76 -3.58 -7.67
CA ALA A 231 -29.50 -2.89 -7.44
C ALA A 231 -29.69 -2.02 -6.20
N THR A 232 -28.57 -1.56 -5.64
CA THR A 232 -28.57 -0.71 -4.46
C THR A 232 -28.11 0.71 -4.77
N GLU A 233 -28.15 1.09 -6.04
CA GLU A 233 -27.66 2.40 -6.47
C GLU A 233 -28.42 3.58 -5.86
N LEU A 234 -29.75 3.58 -5.99
CA LEU A 234 -30.55 4.72 -5.54
C LEU A 234 -30.43 5.03 -4.06
N PRO A 235 -30.75 4.12 -3.12
CA PRO A 235 -30.63 4.48 -1.70
C PRO A 235 -29.21 4.84 -1.29
N LEU A 236 -28.20 4.27 -1.95
CA LEU A 236 -26.82 4.63 -1.60
C LEU A 236 -26.54 6.08 -2.01
N LYS A 237 -27.03 6.50 -3.18
CA LYS A 237 -26.83 7.91 -3.52
C LYS A 237 -27.64 8.81 -2.58
N MET A 238 -28.81 8.31 -2.14
CA MET A 238 -29.60 9.06 -1.18
C MET A 238 -28.82 9.24 0.11
N LEU A 239 -28.00 8.24 0.47
CA LEU A 239 -27.17 8.34 1.66
C LEU A 239 -26.03 9.32 1.43
N ILE A 240 -25.49 9.37 0.20
CA ILE A 240 -24.45 10.34 -0.09
C ILE A 240 -25.00 11.74 0.18
N VAL A 241 -26.27 11.96 -0.18
CA VAL A 241 -26.89 13.25 0.10
C VAL A 241 -26.96 13.48 1.60
N GLY A 242 -27.16 12.41 2.37
CA GLY A 242 -27.28 12.45 3.82
C GLY A 242 -26.00 12.81 4.56
N GLY A 243 -24.88 12.96 3.86
CA GLY A 243 -23.63 13.32 4.49
C GLY A 243 -22.59 12.22 4.53
N ILE A 244 -22.99 10.96 4.33
CA ILE A 244 -22.04 9.86 4.35
C ILE A 244 -21.35 9.90 2.99
N ASP A 245 -20.21 10.59 2.92
CA ASP A 245 -19.50 10.76 1.66
C ASP A 245 -18.79 9.50 1.18
N LYS A 246 -18.56 8.53 2.06
CA LYS A 246 -17.91 7.26 1.72
C LYS A 246 -18.92 6.20 2.14
N VAL A 247 -19.67 5.63 1.19
CA VAL A 247 -20.67 4.64 1.57
C VAL A 247 -20.61 3.45 0.61
N TYR A 248 -21.06 2.29 1.08
CA TYR A 248 -21.06 1.10 0.23
C TYR A 248 -21.96 0.05 0.86
N GLU A 249 -22.23 -0.99 0.06
CA GLU A 249 -23.07 -2.09 0.49
C GLU A 249 -22.67 -3.36 -0.25
N ILE A 250 -22.60 -4.46 0.50
CA ILE A 250 -22.25 -5.79 -0.01
C ILE A 250 -23.46 -6.66 0.28
N GLY A 251 -24.20 -7.04 -0.76
CA GLY A 251 -25.36 -7.86 -0.47
C GLY A 251 -25.98 -8.47 -1.71
N LYS A 252 -27.04 -9.23 -1.48
CA LYS A 252 -27.76 -9.92 -2.53
C LYS A 252 -28.72 -8.99 -3.26
N VAL A 253 -28.79 -9.16 -4.58
CA VAL A 253 -29.69 -8.44 -5.46
C VAL A 253 -30.38 -9.51 -6.30
N PHE A 254 -31.64 -9.25 -6.66
CA PHE A 254 -32.43 -10.21 -7.40
C PHE A 254 -32.92 -9.61 -8.71
N ARG A 255 -32.85 -10.41 -9.77
CA ARG A 255 -33.28 -10.03 -11.11
C ARG A 255 -34.01 -11.21 -11.73
N ASN A 256 -35.25 -10.99 -12.15
CA ASN A 256 -36.07 -12.04 -12.76
C ASN A 256 -35.83 -12.08 -14.26
N GLU A 257 -34.83 -12.86 -14.67
CA GLU A 257 -34.51 -12.97 -16.07
C GLU A 257 -33.92 -14.35 -16.32
N GLY A 258 -33.28 -14.53 -17.48
CA GLY A 258 -32.73 -15.83 -17.82
C GLY A 258 -31.65 -16.31 -16.86
N ILE A 259 -31.49 -17.63 -16.83
CA ILE A 259 -30.50 -18.31 -15.99
C ILE A 259 -29.54 -19.04 -16.93
N ASP A 260 -28.25 -18.88 -16.69
CA ASP A 260 -27.20 -19.54 -17.46
C ASP A 260 -25.95 -19.63 -16.59
N ASN A 261 -24.82 -19.96 -17.23
CA ASN A 261 -23.56 -20.11 -16.51
C ASN A 261 -23.04 -18.81 -15.91
N THR A 262 -23.66 -17.68 -16.24
CA THR A 262 -23.23 -16.39 -15.72
C THR A 262 -24.37 -15.60 -15.06
N HIS A 263 -25.56 -16.18 -14.95
CA HIS A 263 -26.69 -15.47 -14.36
C HIS A 263 -27.48 -16.38 -13.43
N ASN A 264 -27.48 -16.04 -12.15
CA ASN A 264 -28.22 -16.68 -11.08
C ASN A 264 -29.30 -15.68 -10.67
N PRO A 265 -30.55 -16.11 -10.49
CA PRO A 265 -31.59 -15.13 -10.10
C PRO A 265 -31.19 -14.21 -8.96
N GLU A 266 -30.47 -14.71 -7.97
CA GLU A 266 -30.03 -13.90 -6.84
C GLU A 266 -28.50 -13.96 -6.81
N PHE A 267 -27.86 -12.81 -6.77
CA PHE A 267 -26.40 -12.79 -6.77
C PHE A 267 -25.89 -11.67 -5.88
N THR A 268 -24.66 -11.85 -5.41
CA THR A 268 -24.02 -10.89 -4.52
C THR A 268 -23.33 -9.80 -5.32
N SER A 269 -23.62 -8.55 -4.98
CA SER A 269 -23.02 -7.41 -5.63
C SER A 269 -22.49 -6.46 -4.57
N CYS A 270 -21.48 -5.68 -4.95
CA CYS A 270 -20.89 -4.69 -4.06
C CYS A 270 -20.94 -3.35 -4.76
N GLU A 271 -21.60 -2.38 -4.14
CA GLU A 271 -21.71 -1.04 -4.72
C GLU A 271 -21.16 -0.01 -3.75
N PHE A 272 -20.25 0.85 -4.22
CA PHE A 272 -19.67 1.85 -3.36
C PHE A 272 -19.75 3.21 -4.06
N TYR A 273 -20.07 4.23 -3.26
CA TYR A 273 -20.24 5.60 -3.69
C TYR A 273 -19.22 6.47 -2.95
N TRP A 274 -18.44 7.19 -3.74
CA TRP A 274 -17.34 8.01 -3.26
C TRP A 274 -17.56 9.45 -3.73
N ALA A 275 -17.83 10.32 -2.78
CA ALA A 275 -18.10 11.72 -3.09
C ALA A 275 -16.84 12.43 -3.55
N TYR A 276 -17.02 13.38 -4.47
CA TYR A 276 -15.94 14.21 -5.00
C TYR A 276 -14.93 13.39 -5.79
N ALA A 277 -15.44 12.36 -6.47
CA ALA A 277 -14.65 11.47 -7.30
C ALA A 277 -15.35 11.36 -8.66
N ASP A 278 -14.58 10.99 -9.68
CA ASP A 278 -15.14 10.89 -11.02
C ASP A 278 -14.73 9.61 -11.75
N TYR A 279 -15.00 9.58 -13.06
CA TYR A 279 -14.66 8.41 -13.88
C TYR A 279 -13.20 8.02 -13.75
N ASN A 280 -12.28 9.00 -13.78
CA ASN A 280 -10.87 8.69 -13.67
C ASN A 280 -10.54 8.03 -12.33
N ASP A 281 -11.13 8.56 -11.24
CA ASP A 281 -10.90 7.96 -9.94
C ASP A 281 -11.41 6.54 -9.90
N LEU A 282 -12.54 6.27 -10.54
CA LEU A 282 -13.09 4.92 -10.56
C LEU A 282 -12.21 3.99 -11.41
N ILE A 283 -11.63 4.50 -12.49
CA ILE A 283 -10.74 3.70 -13.32
C ILE A 283 -9.53 3.27 -12.50
N LYS A 284 -8.90 4.25 -11.83
CA LYS A 284 -7.73 3.95 -11.01
C LYS A 284 -8.11 3.02 -9.87
N TRP A 285 -9.28 3.22 -9.26
CA TRP A 285 -9.72 2.36 -8.18
C TRP A 285 -9.85 0.92 -8.65
N SER A 286 -10.45 0.73 -9.82
CA SER A 286 -10.64 -0.61 -10.36
C SER A 286 -9.30 -1.29 -10.61
N GLU A 287 -8.36 -0.57 -11.22
CA GLU A 287 -7.06 -1.17 -11.49
C GLU A 287 -6.36 -1.53 -10.18
N ASP A 288 -6.32 -0.60 -9.23
CA ASP A 288 -5.67 -0.84 -7.94
C ASP A 288 -6.28 -2.05 -7.25
N PHE A 289 -7.60 -2.05 -7.08
CA PHE A 289 -8.29 -3.12 -6.38
C PHE A 289 -8.09 -4.48 -7.03
N PHE A 290 -8.30 -4.61 -8.35
CA PHE A 290 -8.12 -5.93 -8.95
C PHE A 290 -6.69 -6.41 -8.90
N SER A 291 -5.71 -5.53 -9.17
CA SER A 291 -4.32 -5.96 -9.11
C SER A 291 -3.97 -6.45 -7.71
N GLN A 292 -4.37 -5.70 -6.67
CA GLN A 292 -4.04 -6.10 -5.31
C GLN A 292 -4.82 -7.34 -4.88
N LEU A 293 -6.07 -7.50 -5.34
CA LEU A 293 -6.84 -8.69 -4.97
C LEU A 293 -6.20 -9.95 -5.52
N VAL A 294 -5.83 -9.91 -6.81
CA VAL A 294 -5.20 -11.08 -7.41
C VAL A 294 -3.86 -11.36 -6.75
N TYR A 295 -3.06 -10.32 -6.47
CA TYR A 295 -1.78 -10.59 -5.82
C TYR A 295 -1.97 -11.08 -4.39
N HIS A 296 -3.01 -10.61 -3.70
CA HIS A 296 -3.29 -11.04 -2.35
C HIS A 296 -3.64 -12.51 -2.29
N LEU A 297 -4.31 -13.00 -3.33
CA LEU A 297 -4.71 -14.42 -3.34
C LEU A 297 -3.68 -15.36 -3.93
N PHE A 298 -2.87 -14.91 -4.90
CA PHE A 298 -1.92 -15.80 -5.56
C PHE A 298 -0.46 -15.38 -5.51
N GLY A 299 -0.13 -14.18 -5.01
CA GLY A 299 1.26 -13.80 -5.03
C GLY A 299 1.78 -13.53 -6.42
N THR A 300 0.88 -13.30 -7.37
CA THR A 300 1.23 -13.03 -8.76
C THR A 300 0.09 -12.24 -9.39
N TYR A 301 0.39 -11.62 -10.53
CA TYR A 301 -0.60 -10.84 -11.26
C TYR A 301 -1.17 -11.62 -12.43
N LYS A 302 -0.53 -12.71 -12.82
CA LYS A 302 -0.96 -13.55 -13.93
C LYS A 302 -1.52 -14.86 -13.38
N ILE A 303 -2.78 -15.13 -13.69
CA ILE A 303 -3.45 -16.36 -13.26
C ILE A 303 -3.94 -17.09 -14.49
N SER A 304 -4.01 -18.41 -14.41
CA SER A 304 -4.49 -19.21 -15.51
C SER A 304 -5.96 -19.54 -15.32
N TYR A 305 -6.74 -19.44 -16.40
CA TYR A 305 -8.17 -19.68 -16.37
C TYR A 305 -8.59 -20.54 -17.55
N ASN A 306 -9.30 -21.63 -17.26
CA ASN A 306 -9.79 -22.56 -18.29
C ASN A 306 -11.03 -21.92 -18.92
N LYS A 307 -10.78 -21.06 -19.90
CA LYS A 307 -11.86 -20.34 -20.57
C LYS A 307 -12.76 -21.29 -21.37
N ASP A 308 -12.20 -22.29 -22.03
CA ASP A 308 -12.97 -23.23 -22.85
C ASP A 308 -13.30 -24.52 -22.13
N GLY A 309 -13.48 -24.48 -20.80
CA GLY A 309 -13.81 -25.67 -20.06
C GLY A 309 -12.61 -26.34 -19.44
N PRO A 310 -12.84 -27.38 -18.64
CA PRO A 310 -11.71 -28.07 -18.00
C PRO A 310 -10.91 -28.96 -18.92
N GLU A 311 -11.53 -29.53 -19.96
CA GLU A 311 -10.80 -30.41 -20.86
C GLU A 311 -9.83 -29.63 -21.75
N ASN A 312 -10.28 -28.51 -22.32
CA ASN A 312 -9.42 -27.74 -23.20
C ASN A 312 -8.34 -27.00 -22.40
N GLN A 313 -7.30 -26.56 -23.11
CA GLN A 313 -6.19 -25.86 -22.49
C GLN A 313 -6.63 -24.49 -21.98
N PRO A 314 -6.01 -23.99 -20.92
CA PRO A 314 -6.39 -22.69 -20.36
C PRO A 314 -5.63 -21.52 -20.96
N ILE A 315 -6.19 -20.34 -20.74
CA ILE A 315 -5.60 -19.09 -21.17
C ILE A 315 -4.99 -18.42 -19.95
N GLU A 316 -4.15 -17.42 -20.16
CA GLU A 316 -3.52 -16.70 -19.07
C GLU A 316 -4.10 -15.29 -19.01
N ILE A 317 -4.53 -14.88 -17.83
CA ILE A 317 -5.11 -13.57 -17.60
C ILE A 317 -4.11 -12.78 -16.76
N ASP A 318 -3.65 -11.65 -17.30
CA ASP A 318 -2.69 -10.79 -16.64
C ASP A 318 -3.43 -9.58 -16.07
N PHE A 319 -3.55 -9.53 -14.75
CA PHE A 319 -4.22 -8.43 -14.06
C PHE A 319 -3.28 -7.27 -13.75
N THR A 320 -2.16 -7.17 -14.45
CA THR A 320 -1.21 -6.10 -14.20
C THR A 320 -1.73 -4.78 -14.77
N PRO A 321 -1.81 -3.72 -13.97
CA PRO A 321 -2.31 -2.44 -14.48
C PRO A 321 -1.24 -1.74 -15.31
N PRO A 322 -1.63 -0.82 -16.21
CA PRO A 322 -3.02 -0.43 -16.47
C PRO A 322 -3.71 -1.35 -17.47
N TYR A 323 -5.02 -1.31 -17.48
CA TYR A 323 -5.84 -2.11 -18.37
C TYR A 323 -6.23 -1.31 -19.60
N PRO A 324 -6.43 -1.96 -20.74
CA PRO A 324 -6.80 -1.21 -21.95
C PRO A 324 -8.17 -0.57 -21.82
N LYS A 325 -8.30 0.65 -22.34
CA LYS A 325 -9.54 1.41 -22.34
C LYS A 325 -10.04 1.44 -23.78
N VAL A 326 -11.29 1.02 -23.98
CA VAL A 326 -11.88 0.95 -25.31
C VAL A 326 -13.21 1.70 -25.34
N SER A 327 -13.29 2.74 -26.18
CA SER A 327 -14.53 3.49 -26.32
C SER A 327 -15.51 2.63 -27.12
N ILE A 328 -16.70 2.44 -26.57
CA ILE A 328 -17.71 1.59 -27.19
C ILE A 328 -18.10 2.06 -28.59
N VAL A 329 -18.54 3.31 -28.71
CA VAL A 329 -19.00 3.84 -29.99
C VAL A 329 -17.87 3.85 -31.02
N GLU A 330 -16.71 4.37 -30.64
CA GLU A 330 -15.58 4.46 -31.56
C GLU A 330 -15.07 3.09 -32.00
N GLU A 331 -15.02 2.10 -31.10
CA GLU A 331 -14.57 0.78 -31.54
C GLU A 331 -15.61 0.12 -32.43
N ILE A 332 -16.90 0.27 -32.12
CA ILE A 332 -17.90 -0.31 -33.00
C ILE A 332 -17.78 0.32 -34.37
N GLU A 333 -17.48 1.62 -34.42
CA GLU A 333 -17.29 2.31 -35.68
C GLU A 333 -16.12 1.73 -36.46
N LYS A 334 -14.98 1.55 -35.77
CA LYS A 334 -13.79 1.03 -36.45
C LYS A 334 -13.99 -0.40 -36.95
N VAL A 335 -14.50 -1.28 -36.09
CA VAL A 335 -14.69 -2.68 -36.48
C VAL A 335 -15.72 -2.81 -37.59
N THR A 336 -16.76 -1.98 -37.58
CA THR A 336 -17.78 -2.05 -38.61
C THR A 336 -17.57 -1.07 -39.76
N ASN A 337 -16.58 -0.18 -39.67
CA ASN A 337 -16.30 0.80 -40.70
C ASN A 337 -17.55 1.62 -41.03
N THR A 338 -18.14 2.19 -39.99
CA THR A 338 -19.35 2.99 -40.15
C THR A 338 -19.29 4.13 -39.14
N ILE A 339 -20.22 5.07 -39.28
CA ILE A 339 -20.34 6.22 -38.39
C ILE A 339 -21.74 6.19 -37.81
N LEU A 340 -21.83 6.11 -36.47
CA LEU A 340 -23.13 6.09 -35.81
C LEU A 340 -23.48 7.54 -35.50
N GLU A 341 -24.13 8.20 -36.46
CA GLU A 341 -24.52 9.58 -36.29
C GLU A 341 -25.50 9.75 -35.14
N GLN A 342 -25.38 10.87 -34.47
CA GLN A 342 -26.28 11.14 -33.36
C GLN A 342 -27.46 11.96 -33.83
N PRO A 343 -28.63 11.86 -33.17
CA PRO A 343 -28.94 11.04 -32.00
C PRO A 343 -28.90 9.54 -32.26
N PHE A 344 -28.30 8.78 -31.33
CA PHE A 344 -28.20 7.33 -31.51
C PHE A 344 -29.56 6.65 -31.52
N ASP A 345 -30.57 7.27 -30.90
CA ASP A 345 -31.91 6.70 -30.86
C ASP A 345 -32.79 7.15 -32.02
N SER A 346 -32.21 7.81 -33.02
CA SER A 346 -33.00 8.25 -34.16
C SER A 346 -33.31 7.08 -35.09
N ASN A 347 -34.30 7.29 -35.94
CA ASN A 347 -34.70 6.25 -36.90
C ASN A 347 -33.55 5.88 -37.81
N GLU A 348 -32.73 6.87 -38.19
CA GLU A 348 -31.59 6.61 -39.07
C GLU A 348 -30.55 5.73 -38.39
N THR A 349 -30.10 6.14 -37.20
CA THR A 349 -29.08 5.37 -36.50
C THR A 349 -29.59 3.99 -36.08
N ILE A 350 -30.87 3.91 -35.67
CA ILE A 350 -31.44 2.62 -35.28
C ILE A 350 -31.51 1.69 -36.49
N GLU A 351 -32.02 2.20 -37.61
CA GLU A 351 -32.13 1.40 -38.81
C GLU A 351 -30.75 0.97 -39.30
N LYS A 352 -29.75 1.86 -39.15
CA LYS A 352 -28.40 1.53 -39.54
C LYS A 352 -27.86 0.38 -38.70
N MET A 353 -27.97 0.50 -37.37
CA MET A 353 -27.49 -0.55 -36.49
C MET A 353 -28.24 -1.86 -36.76
N ILE A 354 -29.53 -1.78 -37.10
CA ILE A 354 -30.27 -2.99 -37.42
C ILE A 354 -29.68 -3.65 -38.67
N ASN A 355 -29.30 -2.83 -39.66
CA ASN A 355 -28.71 -3.39 -40.87
C ASN A 355 -27.35 -4.02 -40.60
N ILE A 356 -26.55 -3.43 -39.71
CA ILE A 356 -25.26 -4.05 -39.42
C ILE A 356 -25.46 -5.32 -38.60
N ILE A 357 -26.51 -5.37 -37.77
CA ILE A 357 -26.78 -6.58 -37.00
C ILE A 357 -27.29 -7.68 -37.93
N LYS A 358 -28.01 -7.30 -38.99
CA LYS A 358 -28.54 -8.27 -39.95
C LYS A 358 -27.49 -8.73 -40.94
N GLU A 359 -26.54 -7.85 -41.30
CA GLU A 359 -25.50 -8.22 -42.25
C GLU A 359 -24.59 -9.30 -41.65
N HIS A 360 -24.28 -9.19 -40.37
CA HIS A 360 -23.45 -10.17 -39.67
C HIS A 360 -24.26 -11.32 -39.10
N LYS A 361 -25.54 -11.41 -39.46
CA LYS A 361 -26.44 -12.46 -38.98
C LYS A 361 -26.49 -12.54 -37.46
N ILE A 362 -26.25 -11.41 -36.79
CA ILE A 362 -26.29 -11.37 -35.33
C ILE A 362 -27.74 -11.39 -34.88
N GLU A 363 -27.95 -11.86 -33.66
CA GLU A 363 -29.28 -11.97 -33.10
C GLU A 363 -29.91 -10.59 -32.94
N LEU A 364 -31.16 -10.44 -33.39
CA LEU A 364 -31.85 -9.17 -33.31
C LEU A 364 -32.56 -9.05 -31.95
N PRO A 365 -32.24 -8.04 -31.15
CA PRO A 365 -32.90 -7.91 -29.84
C PRO A 365 -34.34 -7.43 -29.97
N ASN A 366 -35.18 -7.92 -29.05
CA ASN A 366 -36.59 -7.56 -29.01
C ASN A 366 -36.92 -6.98 -27.64
N PRO A 367 -37.39 -5.73 -27.55
CA PRO A 367 -37.61 -4.83 -28.68
C PRO A 367 -36.32 -4.26 -29.23
N PRO A 368 -36.31 -3.88 -30.51
CA PRO A 368 -35.09 -3.32 -31.09
C PRO A 368 -34.81 -1.89 -30.63
N THR A 369 -34.78 -1.68 -29.32
CA THR A 369 -34.50 -0.34 -28.82
C THR A 369 -33.06 0.03 -29.17
N ALA A 370 -32.78 1.33 -29.20
CA ALA A 370 -31.43 1.77 -29.55
C ALA A 370 -30.40 1.24 -28.57
N ALA A 371 -30.73 1.21 -27.29
CA ALA A 371 -29.79 0.71 -26.28
C ALA A 371 -29.50 -0.76 -26.49
N LYS A 372 -30.53 -1.57 -26.77
CA LYS A 372 -30.31 -3.00 -26.98
C LYS A 372 -29.50 -3.23 -28.25
N LEU A 373 -29.71 -2.41 -29.28
CA LEU A 373 -28.94 -2.56 -30.51
C LEU A 373 -27.47 -2.27 -30.23
N LEU A 374 -27.18 -1.16 -29.54
CA LEU A 374 -25.81 -0.84 -29.20
C LEU A 374 -25.21 -1.89 -28.28
N ASP A 375 -26.02 -2.43 -27.36
CA ASP A 375 -25.55 -3.44 -26.43
C ASP A 375 -25.17 -4.72 -27.15
N GLN A 376 -26.02 -5.18 -28.08
CA GLN A 376 -25.71 -6.38 -28.84
C GLN A 376 -24.49 -6.13 -29.73
N LEU A 377 -24.38 -4.93 -30.29
CA LEU A 377 -23.23 -4.61 -31.14
C LEU A 377 -21.94 -4.68 -30.33
N ALA A 378 -21.95 -4.10 -29.13
CA ALA A 378 -20.77 -4.14 -28.28
C ALA A 378 -20.49 -5.57 -27.81
N SER A 379 -21.54 -6.36 -27.59
CA SER A 379 -21.37 -7.74 -27.14
C SER A 379 -20.74 -8.60 -28.23
N HIS A 380 -21.19 -8.43 -29.48
CA HIS A 380 -20.68 -9.20 -30.61
C HIS A 380 -19.43 -8.63 -31.26
N PHE A 381 -18.99 -7.42 -30.88
CA PHE A 381 -17.80 -6.86 -31.53
C PHE A 381 -16.71 -6.33 -30.62
N ILE A 382 -16.98 -5.96 -29.37
CA ILE A 382 -15.90 -5.41 -28.55
C ILE A 382 -15.79 -6.04 -27.17
N GLU A 383 -16.77 -6.83 -26.76
CA GLU A 383 -16.70 -7.42 -25.42
C GLU A 383 -15.62 -8.49 -25.31
N ASN A 384 -15.41 -9.29 -26.36
CA ASN A 384 -14.37 -10.31 -26.35
C ASN A 384 -13.11 -9.85 -27.09
N LYS A 385 -12.87 -8.54 -27.08
CA LYS A 385 -11.70 -8.01 -27.76
C LYS A 385 -10.40 -8.42 -27.05
N TYR A 386 -10.45 -8.57 -25.73
CA TYR A 386 -9.26 -8.92 -24.96
C TYR A 386 -9.57 -10.01 -23.94
N ASN A 387 -8.82 -11.12 -24.01
CA ASN A 387 -8.90 -12.18 -23.03
C ASN A 387 -7.57 -12.34 -22.31
N ASP A 388 -6.50 -11.75 -22.86
CA ASP A 388 -5.18 -11.78 -22.25
C ASP A 388 -5.18 -11.03 -20.92
N LYS A 389 -5.95 -9.95 -20.83
CA LYS A 389 -6.02 -9.14 -19.64
C LYS A 389 -7.40 -8.52 -19.55
N PRO A 390 -7.82 -8.06 -18.37
CA PRO A 390 -9.12 -7.41 -18.27
C PRO A 390 -9.06 -6.06 -18.96
N PHE A 391 -10.22 -5.58 -19.41
CA PHE A 391 -10.16 -4.29 -20.10
C PHE A 391 -11.46 -3.51 -19.87
N PHE A 392 -11.37 -2.21 -20.09
CA PHE A 392 -12.49 -1.30 -19.87
C PHE A 392 -13.16 -0.84 -21.15
N ILE A 393 -14.49 -0.94 -21.18
CA ILE A 393 -15.33 -0.43 -22.26
C ILE A 393 -15.90 0.84 -21.64
N VAL A 394 -15.53 1.99 -22.18
CA VAL A 394 -15.95 3.25 -21.57
C VAL A 394 -16.78 4.17 -22.46
N GLU A 395 -17.22 5.27 -21.86
CA GLU A 395 -17.97 6.34 -22.51
C GLU A 395 -19.20 5.82 -23.27
N HIS A 396 -20.11 5.21 -22.51
CA HIS A 396 -21.32 4.70 -23.13
C HIS A 396 -22.25 5.87 -23.45
N PRO A 397 -23.05 5.75 -24.50
CA PRO A 397 -23.97 6.84 -24.85
C PRO A 397 -24.99 7.06 -23.73
N GLN A 398 -25.58 8.25 -23.73
CA GLN A 398 -26.55 8.62 -22.72
C GLN A 398 -27.83 7.79 -22.78
N ILE A 399 -28.16 7.26 -23.97
CA ILE A 399 -29.36 6.44 -24.07
C ILE A 399 -29.19 5.11 -23.35
N MET A 400 -27.95 4.71 -23.08
CA MET A 400 -27.66 3.48 -22.38
C MET A 400 -27.40 3.70 -20.89
N SER A 401 -27.11 4.94 -20.50
CA SER A 401 -26.78 5.27 -19.11
C SER A 401 -27.68 6.38 -18.61
N PRO A 402 -28.92 6.05 -18.21
CA PRO A 402 -29.83 7.10 -17.70
C PRO A 402 -29.39 7.70 -16.37
N LEU A 403 -28.57 7.01 -15.59
CA LEU A 403 -28.10 7.51 -14.30
C LEU A 403 -26.69 8.07 -14.38
N ALA A 404 -26.08 8.07 -15.56
CA ALA A 404 -24.72 8.56 -15.74
C ALA A 404 -24.65 10.06 -16.00
N LYS A 405 -23.61 10.68 -15.47
CA LYS A 405 -23.42 12.09 -15.71
C LYS A 405 -22.87 12.21 -17.13
N TYR A 406 -23.38 13.20 -17.86
CA TYR A 406 -22.97 13.41 -19.24
C TYR A 406 -21.47 13.64 -19.34
N HIS A 407 -20.90 13.31 -20.50
CA HIS A 407 -19.48 13.49 -20.72
C HIS A 407 -19.17 14.99 -20.79
N ARG A 408 -18.08 15.39 -20.16
CA ARG A 408 -17.71 16.80 -20.10
C ARG A 408 -17.19 17.35 -21.43
N THR A 409 -16.64 16.51 -22.30
CA THR A 409 -16.14 17.00 -23.59
C THR A 409 -16.69 16.24 -24.79
N LYS A 410 -17.45 15.19 -24.59
CA LYS A 410 -18.00 14.40 -25.69
C LYS A 410 -19.52 14.44 -25.65
N PRO A 411 -20.17 15.11 -26.60
CA PRO A 411 -21.64 15.18 -26.57
C PRO A 411 -22.29 13.82 -26.79
N GLY A 412 -23.43 13.62 -26.13
CA GLY A 412 -24.19 12.38 -26.23
C GLY A 412 -23.62 11.21 -25.47
N LEU A 413 -22.39 11.29 -24.99
CA LEU A 413 -21.76 10.19 -24.26
C LEU A 413 -21.77 10.49 -22.76
N THR A 414 -21.37 9.49 -21.99
CA THR A 414 -21.30 9.57 -20.53
C THR A 414 -19.89 9.24 -20.06
N GLU A 415 -19.65 9.49 -18.78
CA GLU A 415 -18.36 9.17 -18.17
C GLU A 415 -18.48 7.83 -17.44
N ARG A 416 -18.87 6.83 -18.21
CA ARG A 416 -19.10 5.47 -17.73
C ARG A 416 -17.98 4.53 -18.15
N LEU A 417 -17.74 3.53 -17.31
CA LEU A 417 -16.74 2.50 -17.54
C LEU A 417 -17.30 1.14 -17.14
N GLU A 418 -16.83 0.11 -17.82
CA GLU A 418 -17.25 -1.27 -17.54
C GLU A 418 -16.05 -2.17 -17.76
N MET A 419 -15.62 -2.85 -16.70
CA MET A 419 -14.49 -3.76 -16.79
C MET A 419 -14.96 -5.16 -17.11
N PHE A 420 -14.30 -5.79 -18.08
CA PHE A 420 -14.64 -7.14 -18.49
C PHE A 420 -13.44 -8.06 -18.35
N ILE A 421 -13.77 -9.32 -18.07
CA ILE A 421 -12.81 -10.41 -17.96
C ILE A 421 -13.35 -11.53 -18.82
N CYS A 422 -12.58 -11.92 -19.85
CA CYS A 422 -12.97 -12.98 -20.77
C CYS A 422 -14.34 -12.70 -21.41
N GLY A 423 -14.57 -11.44 -21.75
CA GLY A 423 -15.83 -11.05 -22.36
C GLY A 423 -17.01 -11.07 -21.42
N LYS A 424 -16.78 -11.04 -20.11
CA LYS A 424 -17.85 -11.05 -19.12
C LYS A 424 -17.81 -9.76 -18.32
N GLU A 425 -18.96 -9.08 -18.26
CA GLU A 425 -19.08 -7.84 -17.50
C GLU A 425 -18.91 -8.14 -16.01
N VAL A 426 -17.99 -7.45 -15.35
CA VAL A 426 -17.77 -7.69 -13.93
C VAL A 426 -17.81 -6.42 -13.11
N LEU A 427 -17.70 -5.25 -13.72
CA LEU A 427 -17.70 -3.98 -13.03
C LEU A 427 -18.46 -2.93 -13.84
N ASN A 428 -19.20 -2.08 -13.13
CA ASN A 428 -19.97 -1.01 -13.76
C ASN A 428 -19.74 0.24 -12.91
N ALA A 429 -19.02 1.21 -13.43
CA ALA A 429 -18.74 2.42 -12.67
C ALA A 429 -18.95 3.64 -13.55
N TYR A 430 -19.22 4.78 -12.89
CA TYR A 430 -19.47 5.99 -13.66
C TYR A 430 -19.71 7.18 -12.74
N THR A 431 -19.50 8.37 -13.30
CA THR A 431 -19.72 9.62 -12.61
C THR A 431 -21.23 9.78 -12.47
N GLU A 432 -21.71 9.90 -11.25
CA GLU A 432 -23.14 9.97 -11.01
C GLU A 432 -23.78 11.24 -11.57
N LEU A 433 -24.96 11.07 -12.15
CA LEU A 433 -25.73 12.19 -12.68
C LEU A 433 -26.42 12.82 -11.47
N ASN A 434 -25.94 14.00 -11.07
CA ASN A 434 -26.44 14.70 -9.91
C ASN A 434 -27.43 15.83 -10.21
N ASP A 435 -27.75 16.07 -11.48
CA ASP A 435 -28.67 17.14 -11.84
C ASP A 435 -30.09 16.58 -11.88
N PRO A 436 -30.99 17.00 -10.99
CA PRO A 436 -32.36 16.47 -11.07
C PRO A 436 -33.08 16.87 -12.35
N PHE A 437 -32.80 18.08 -12.86
CA PHE A 437 -33.42 18.55 -14.09
C PHE A 437 -33.14 17.60 -15.25
N LYS A 438 -31.90 17.14 -15.37
CA LYS A 438 -31.54 16.22 -16.44
C LYS A 438 -31.83 14.77 -16.08
N GLN A 439 -32.02 14.47 -14.80
CA GLN A 439 -32.35 13.10 -14.40
C GLN A 439 -33.77 12.75 -14.78
N LYS A 440 -34.70 13.68 -14.52
CA LYS A 440 -36.10 13.41 -14.85
C LYS A 440 -36.29 13.20 -16.35
N GLU A 441 -35.47 13.86 -17.17
CA GLU A 441 -35.58 13.67 -18.62
C GLU A 441 -35.19 12.25 -19.00
N CYS A 442 -34.15 11.70 -18.37
CA CYS A 442 -33.75 10.34 -18.66
C CYS A 442 -34.79 9.36 -18.12
N PHE A 443 -35.43 9.70 -17.00
CA PHE A 443 -36.47 8.82 -16.46
C PHE A 443 -37.71 8.82 -17.35
N LYS A 444 -38.05 9.97 -17.92
CA LYS A 444 -39.20 10.05 -18.81
C LYS A 444 -38.90 9.35 -20.13
N LEU A 445 -37.68 9.51 -20.64
CA LEU A 445 -37.30 8.81 -21.86
C LEU A 445 -37.31 7.31 -21.61
N GLN A 446 -36.92 6.90 -20.40
CA GLN A 446 -36.95 5.49 -20.05
C GLN A 446 -38.39 5.00 -19.95
N GLN A 447 -39.30 5.87 -19.52
CA GLN A 447 -40.71 5.47 -19.46
C GLN A 447 -41.24 5.24 -20.87
N LYS A 448 -40.81 6.06 -21.82
CA LYS A 448 -41.26 5.84 -23.20
C LYS A 448 -40.67 4.53 -23.73
N ASP A 449 -39.39 4.29 -23.44
CA ASP A 449 -38.76 3.03 -23.83
C ASP A 449 -39.52 1.86 -23.21
N ARG A 450 -40.01 2.06 -21.98
CA ARG A 450 -40.81 1.04 -21.30
C ARG A 450 -42.12 0.84 -22.03
N GLU A 451 -42.66 1.92 -22.60
CA GLU A 451 -43.90 1.83 -23.37
C GLU A 451 -43.70 1.09 -24.68
N LYS A 452 -42.46 0.96 -25.14
CA LYS A 452 -42.17 0.24 -26.38
C LYS A 452 -41.96 -1.27 -26.17
N GLY A 453 -42.19 -1.78 -24.96
CA GLY A 453 -42.00 -3.19 -24.67
C GLY A 453 -40.76 -3.49 -23.85
N ASP A 454 -39.88 -2.50 -23.68
CA ASP A 454 -38.65 -2.64 -22.90
C ASP A 454 -39.03 -2.62 -21.43
N THR A 455 -39.41 -3.81 -20.93
CA THR A 455 -39.79 -3.91 -19.52
C THR A 455 -38.60 -3.74 -18.59
N GLU A 456 -37.39 -3.59 -19.13
CA GLU A 456 -36.20 -3.36 -18.34
C GLU A 456 -35.89 -1.87 -18.23
N ALA A 457 -36.63 -1.03 -18.95
CA ALA A 457 -36.42 0.41 -18.89
C ALA A 457 -36.75 0.91 -17.49
N ALA A 458 -35.82 1.66 -16.91
CA ALA A 458 -35.97 2.17 -15.55
C ALA A 458 -37.24 2.99 -15.38
N GLN A 459 -37.97 2.72 -14.30
CA GLN A 459 -39.19 3.44 -13.98
C GLN A 459 -38.83 4.78 -13.33
N LEU A 460 -39.85 5.51 -12.89
CA LEU A 460 -39.65 6.81 -12.27
C LEU A 460 -39.73 6.68 -10.74
N ASP A 461 -38.60 6.89 -10.07
CA ASP A 461 -38.53 6.85 -8.61
C ASP A 461 -38.70 8.29 -8.16
N SER A 462 -39.82 8.59 -7.49
CA SER A 462 -40.05 9.95 -7.05
C SER A 462 -39.22 10.31 -5.82
N ALA A 463 -39.10 9.39 -4.85
CA ALA A 463 -38.32 9.68 -3.65
C ALA A 463 -36.86 9.97 -4.00
N PHE A 464 -36.29 9.21 -4.94
CA PHE A 464 -34.90 9.45 -5.34
C PHE A 464 -34.75 10.80 -6.04
N CYS A 465 -35.71 11.17 -6.88
CA CYS A 465 -35.64 12.46 -7.55
C CYS A 465 -35.71 13.59 -6.54
N THR A 466 -36.59 13.47 -5.55
CA THR A 466 -36.68 14.51 -4.53
C THR A 466 -35.38 14.59 -3.76
N SER A 467 -34.73 13.44 -3.50
CA SER A 467 -33.46 13.45 -2.80
C SER A 467 -32.42 14.23 -3.61
N LEU A 468 -32.39 13.99 -4.92
CA LEU A 468 -31.48 14.72 -5.80
C LEU A 468 -31.78 16.22 -5.77
N GLU A 469 -33.03 16.58 -5.49
CA GLU A 469 -33.38 18.00 -5.44
C GLU A 469 -32.74 18.73 -4.26
N TYR A 470 -32.26 18.02 -3.23
CA TYR A 470 -31.63 18.74 -2.13
C TYR A 470 -30.12 18.87 -2.32
N GLY A 471 -29.60 18.41 -3.45
CA GLY A 471 -28.19 18.52 -3.73
C GLY A 471 -27.35 17.27 -3.53
N LEU A 472 -27.06 16.59 -4.64
CA LEU A 472 -26.21 15.42 -4.62
C LEU A 472 -24.83 15.89 -5.03
N PRO A 473 -23.85 15.91 -4.13
CA PRO A 473 -22.52 16.37 -4.50
C PRO A 473 -21.95 15.53 -5.64
N PRO A 474 -21.00 16.06 -6.40
CA PRO A 474 -20.41 15.27 -7.49
C PRO A 474 -19.76 14.03 -6.91
N THR A 475 -20.30 12.86 -7.26
CA THR A 475 -19.81 11.59 -6.75
C THR A 475 -19.51 10.63 -7.88
N GLY A 476 -18.83 9.53 -7.51
CA GLY A 476 -18.48 8.47 -8.42
C GLY A 476 -18.93 7.16 -7.82
N GLY A 477 -19.68 6.36 -8.57
CA GLY A 477 -20.17 5.09 -8.06
C GLY A 477 -19.67 3.91 -8.89
N LEU A 478 -19.56 2.76 -8.23
CA LEU A 478 -19.10 1.55 -8.90
C LEU A 478 -19.74 0.31 -8.30
N GLY A 479 -20.04 -0.65 -9.16
CA GLY A 479 -20.64 -1.91 -8.77
C GLY A 479 -19.75 -3.04 -9.24
N LEU A 480 -19.67 -4.08 -8.41
CA LEU A 480 -18.86 -5.27 -8.65
C LEU A 480 -19.73 -6.51 -8.57
N GLY A 481 -19.55 -7.41 -9.55
CA GLY A 481 -20.26 -8.68 -9.57
C GLY A 481 -19.35 -9.64 -8.85
N ILE A 482 -19.61 -9.85 -7.56
CA ILE A 482 -18.74 -10.69 -6.74
C ILE A 482 -18.72 -12.15 -7.20
N ASP A 483 -19.88 -12.70 -7.55
CA ASP A 483 -19.88 -14.11 -7.97
C ASP A 483 -19.02 -14.32 -9.21
N ARG A 484 -19.03 -13.37 -10.13
CA ARG A 484 -18.22 -13.50 -11.34
C ARG A 484 -16.73 -13.35 -11.01
N ILE A 485 -16.40 -12.42 -10.11
CA ILE A 485 -15.01 -12.26 -9.69
C ILE A 485 -14.52 -13.56 -9.10
N THR A 486 -15.38 -14.22 -8.31
CA THR A 486 -15.03 -15.49 -7.71
C THR A 486 -14.86 -16.56 -8.78
N MET A 487 -15.74 -16.57 -9.79
CA MET A 487 -15.62 -17.55 -10.87
C MET A 487 -14.25 -17.47 -11.53
N PHE A 488 -13.81 -16.26 -11.87
CA PHE A 488 -12.51 -16.13 -12.53
C PHE A 488 -11.35 -16.39 -11.57
N LEU A 489 -11.46 -15.94 -10.32
CA LEU A 489 -10.38 -16.13 -9.37
C LEU A 489 -10.33 -17.54 -8.79
N THR A 490 -11.31 -18.40 -9.09
CA THR A 490 -11.33 -19.77 -8.60
C THR A 490 -11.31 -20.77 -9.75
N ASN A 491 -11.17 -20.28 -10.99
CA ASN A 491 -11.12 -21.11 -12.19
C ASN A 491 -12.35 -22.02 -12.30
N LYS A 492 -13.52 -21.39 -12.40
CA LYS A 492 -14.79 -22.09 -12.55
C LYS A 492 -15.53 -21.48 -13.73
N ASN A 493 -16.08 -22.36 -14.57
CA ASN A 493 -16.77 -21.95 -15.79
C ASN A 493 -18.25 -21.63 -15.58
N SER A 494 -18.85 -22.02 -14.47
CA SER A 494 -20.26 -21.76 -14.21
C SER A 494 -20.44 -20.96 -12.93
N ILE A 495 -21.52 -20.19 -12.90
CA ILE A 495 -21.82 -19.41 -11.71
C ILE A 495 -22.37 -20.30 -10.60
N LYS A 496 -22.86 -21.50 -10.96
CA LYS A 496 -23.36 -22.42 -9.95
C LYS A 496 -22.24 -23.04 -9.13
N ASP A 497 -20.99 -22.92 -9.59
CA ASP A 497 -19.83 -23.49 -8.91
C ASP A 497 -19.26 -22.56 -7.85
N VAL A 498 -19.68 -21.30 -7.80
CA VAL A 498 -19.21 -20.35 -6.81
C VAL A 498 -20.32 -19.92 -5.86
N ILE A 499 -21.50 -20.53 -5.97
CA ILE A 499 -22.64 -20.26 -5.11
C ILE A 499 -22.95 -21.55 -4.38
N LEU A 500 -23.11 -21.48 -3.05
CA LEU A 500 -23.37 -22.68 -2.27
C LEU A 500 -24.59 -23.44 -2.80
N PHE A 501 -25.77 -22.83 -2.75
CA PHE A 501 -26.98 -23.48 -3.24
C PHE A 501 -27.53 -22.64 -4.38
N PRO A 502 -27.11 -22.89 -5.62
CA PRO A 502 -27.61 -22.12 -6.75
C PRO A 502 -29.07 -22.43 -7.03
N THR A 503 -29.71 -21.54 -7.79
CA THR A 503 -31.11 -21.71 -8.15
C THR A 503 -31.19 -22.75 -9.26
N MET A 504 -31.85 -23.87 -8.99
CA MET A 504 -31.97 -24.97 -9.92
C MET A 504 -33.41 -25.24 -10.30
N ARG A 505 -33.59 -25.95 -11.41
CA ARG A 505 -34.92 -26.37 -11.80
C ARG A 505 -35.36 -27.41 -10.79
N PRO A 506 -36.51 -27.25 -10.15
CA PRO A 506 -36.93 -28.20 -9.12
C PRO A 506 -37.04 -29.64 -9.63
N ALA A 507 -36.70 -30.58 -8.75
CA ALA A 507 -36.80 -31.99 -9.06
C ALA A 507 -38.22 -32.51 -8.93
N ASN A 508 -39.11 -31.68 -8.39
CA ASN A 508 -40.53 -31.99 -8.19
C ASN A 508 -40.72 -33.21 -7.29
N ASP B 4 -42.68 30.38 2.48
CA ASP B 4 -43.31 29.32 1.70
C ASP B 4 -42.26 28.54 0.91
N PRO B 5 -42.19 27.22 1.15
CA PRO B 5 -41.20 26.40 0.45
C PRO B 5 -41.42 26.27 -1.05
N ARG B 6 -42.66 26.20 -1.52
CA ARG B 6 -42.93 26.04 -2.95
C ARG B 6 -42.29 27.16 -3.76
N LEU B 7 -42.48 28.40 -3.33
CA LEU B 7 -41.91 29.54 -4.05
C LEU B 7 -40.39 29.50 -4.05
N TYR B 8 -39.78 29.08 -2.93
CA TYR B 8 -38.32 29.04 -2.87
C TYR B 8 -37.77 27.92 -3.77
N PHE B 9 -38.43 26.77 -3.82
CA PHE B 9 -37.95 25.73 -4.72
C PHE B 9 -38.07 26.19 -6.17
N GLU B 10 -39.16 26.88 -6.52
CA GLU B 10 -39.30 27.33 -7.90
C GLU B 10 -38.28 28.41 -8.23
N ASN B 11 -37.96 29.29 -7.27
CA ASN B 11 -36.96 30.31 -7.52
C ASN B 11 -35.60 29.68 -7.75
N ARG B 12 -35.23 28.69 -6.92
CA ARG B 12 -33.94 28.03 -7.10
C ARG B 12 -33.90 27.23 -8.41
N SER B 13 -35.04 26.67 -8.81
CA SER B 13 -35.09 25.92 -10.06
C SER B 13 -34.84 26.87 -11.24
N LYS B 14 -35.56 28.00 -11.26
CA LYS B 14 -35.35 28.99 -12.30
C LYS B 14 -33.92 29.52 -12.24
N PHE B 15 -33.36 29.58 -11.03
CA PHE B 15 -31.98 30.03 -10.84
C PHE B 15 -31.01 29.11 -11.57
N ILE B 16 -31.19 27.80 -11.39
CA ILE B 16 -30.33 26.83 -12.05
C ILE B 16 -30.47 26.94 -13.57
N GLN B 17 -31.71 27.11 -14.05
CA GLN B 17 -31.89 27.26 -15.50
C GLN B 17 -31.21 28.52 -16.01
N ASP B 18 -31.27 29.61 -15.23
CA ASP B 18 -30.59 30.83 -15.65
C ASP B 18 -29.10 30.60 -15.73
N GLN B 19 -28.55 29.80 -14.81
CA GLN B 19 -27.11 29.53 -14.86
C GLN B 19 -26.77 28.72 -16.11
N LYS B 20 -27.62 27.76 -16.48
CA LYS B 20 -27.35 26.97 -17.67
C LYS B 20 -27.43 27.82 -18.94
N ASP B 21 -28.38 28.75 -19.00
CA ASP B 21 -28.48 29.60 -20.18
C ASP B 21 -27.41 30.69 -20.19
N LYS B 22 -26.93 31.08 -19.01
CA LYS B 22 -25.92 32.12 -18.90
C LYS B 22 -24.54 31.64 -19.34
N GLY B 23 -24.29 30.32 -19.30
CA GLY B 23 -23.03 29.75 -19.74
C GLY B 23 -22.31 28.93 -18.68
N ILE B 24 -22.47 29.28 -17.41
CA ILE B 24 -21.78 28.56 -16.33
C ILE B 24 -22.48 27.25 -16.04
N ASN B 25 -21.69 26.18 -15.86
CA ASN B 25 -22.23 24.87 -15.55
C ASN B 25 -22.64 24.83 -14.09
N PRO B 26 -23.92 24.65 -13.77
CA PRO B 26 -24.32 24.66 -12.36
C PRO B 26 -23.84 23.46 -11.57
N TYR B 27 -23.61 22.31 -12.20
CA TYR B 27 -23.15 21.10 -11.52
C TYR B 27 -21.83 20.68 -12.16
N PRO B 28 -20.72 21.24 -11.70
CA PRO B 28 -19.41 20.89 -12.27
C PRO B 28 -19.14 19.40 -12.14
N HIS B 29 -18.31 18.90 -13.06
CA HIS B 29 -17.97 17.48 -13.09
C HIS B 29 -16.95 17.08 -12.03
N LYS B 30 -15.91 17.88 -11.84
CA LYS B 30 -14.87 17.50 -10.88
C LYS B 30 -14.25 18.69 -10.17
N PHE B 31 -14.02 18.50 -8.87
CA PHE B 31 -13.38 19.48 -8.00
C PHE B 31 -12.41 18.69 -7.15
N GLU B 32 -11.10 18.83 -7.41
CA GLU B 32 -10.12 18.09 -6.63
C GLU B 32 -10.03 18.63 -5.21
N ARG B 33 -10.33 17.77 -4.24
CA ARG B 33 -10.24 18.12 -2.83
C ARG B 33 -8.86 17.71 -2.35
N THR B 34 -8.17 18.62 -1.70
CA THR B 34 -6.84 18.34 -1.19
C THR B 34 -6.83 17.90 0.27
N ILE B 35 -7.90 18.19 1.01
CA ILE B 35 -7.98 17.86 2.43
C ILE B 35 -9.46 17.85 2.82
N SER B 36 -9.83 16.95 3.72
CA SER B 36 -11.22 16.87 4.15
C SER B 36 -11.44 17.71 5.41
N ILE B 37 -12.71 17.91 5.75
CA ILE B 37 -13.05 18.67 6.95
C ILE B 37 -12.48 18.03 8.20
N PRO B 38 -12.59 16.71 8.41
CA PRO B 38 -11.97 16.12 9.62
C PRO B 38 -10.48 16.33 9.64
N GLU B 39 -9.81 16.09 8.51
CA GLU B 39 -8.36 16.28 8.44
C GLU B 39 -8.01 17.74 8.67
N PHE B 40 -8.86 18.66 8.20
CA PHE B 40 -8.59 20.08 8.38
C PHE B 40 -8.72 20.48 9.85
N ILE B 41 -9.74 19.99 10.55
CA ILE B 41 -9.85 20.32 11.98
C ILE B 41 -8.65 19.74 12.71
N GLU B 42 -8.27 18.51 12.37
CA GLU B 42 -7.13 17.86 13.02
C GLU B 42 -5.82 18.59 12.73
N LYS B 43 -5.63 19.05 11.51
CA LYS B 43 -4.39 19.69 11.10
C LYS B 43 -4.24 21.11 11.65
N TYR B 44 -5.31 21.90 11.69
CA TYR B 44 -5.14 23.27 12.18
C TYR B 44 -6.03 23.62 13.36
N LYS B 45 -6.17 22.71 14.33
CA LYS B 45 -6.98 23.04 15.50
C LYS B 45 -6.17 23.82 16.53
N ASP B 46 -4.86 23.56 16.61
CA ASP B 46 -3.97 24.20 17.58
C ASP B 46 -3.61 25.64 17.26
N LEU B 47 -4.06 26.20 16.14
CA LEU B 47 -3.73 27.57 15.80
C LEU B 47 -4.43 28.57 16.73
N GLY B 48 -3.67 29.56 17.19
CA GLY B 48 -4.23 30.57 18.07
C GLY B 48 -5.26 31.44 17.38
N ASN B 49 -6.06 32.12 18.19
CA ASN B 49 -7.11 32.99 17.68
C ASN B 49 -6.51 34.18 16.95
N GLY B 50 -6.60 34.19 15.62
CA GLY B 50 -6.10 35.26 14.79
C GLY B 50 -4.99 34.89 13.83
N GLU B 51 -4.43 33.69 13.91
CA GLU B 51 -3.35 33.29 13.01
C GLU B 51 -3.88 32.99 11.61
N HIS B 52 -3.12 33.41 10.61
CA HIS B 52 -3.46 33.24 9.20
C HIS B 52 -2.28 32.64 8.45
N LEU B 53 -2.46 31.43 7.92
CA LEU B 53 -1.43 30.78 7.10
C LEU B 53 -1.83 31.05 5.66
N GLU B 54 -1.67 32.31 5.26
CA GLU B 54 -2.07 32.76 3.94
C GLU B 54 -1.30 32.09 2.81
N ASP B 55 -0.26 31.31 3.09
CA ASP B 55 0.47 30.65 2.03
C ASP B 55 -0.08 29.27 1.70
N THR B 56 -0.85 28.67 2.60
CA THR B 56 -1.41 27.33 2.38
C THR B 56 -2.72 27.46 1.63
N ILE B 57 -2.67 27.29 0.31
CA ILE B 57 -3.86 27.36 -0.54
C ILE B 57 -4.44 25.95 -0.62
N LEU B 58 -5.53 25.73 0.11
CA LEU B 58 -6.23 24.46 0.21
C LEU B 58 -7.53 24.48 -0.57
N ASN B 59 -8.02 23.27 -0.85
CA ASN B 59 -9.29 23.04 -1.54
C ASN B 59 -10.16 22.26 -0.56
N ILE B 60 -11.21 22.91 -0.06
CA ILE B 60 -12.13 22.35 0.91
C ILE B 60 -13.46 22.06 0.22
N THR B 61 -14.22 21.15 0.81
CA THR B 61 -15.52 20.77 0.28
C THR B 61 -16.48 20.60 1.44
N GLY B 62 -17.76 20.79 1.18
CA GLY B 62 -18.76 20.63 2.22
C GLY B 62 -20.11 21.16 1.78
N ARG B 63 -21.03 21.17 2.74
CA ARG B 63 -22.40 21.62 2.55
C ARG B 63 -22.63 22.85 3.44
N ILE B 64 -22.96 23.97 2.81
CA ILE B 64 -23.23 25.20 3.56
C ILE B 64 -24.52 25.02 4.35
N MET B 65 -24.45 25.20 5.67
CA MET B 65 -25.59 25.03 6.54
C MET B 65 -26.01 26.29 7.29
N ARG B 66 -25.36 27.42 7.04
CA ARG B 66 -25.70 28.68 7.68
C ARG B 66 -25.19 29.81 6.81
N VAL B 67 -26.01 30.85 6.66
CA VAL B 67 -25.65 32.00 5.83
C VAL B 67 -25.81 33.26 6.68
N SER B 68 -24.76 34.07 6.73
CA SER B 68 -24.81 35.32 7.49
C SER B 68 -23.86 36.31 6.83
N ALA B 69 -24.06 37.59 7.14
CA ALA B 69 -23.22 38.61 6.56
C ALA B 69 -23.05 39.78 7.53
N SER B 70 -21.97 40.54 7.30
CA SER B 70 -21.64 41.74 8.06
C SER B 70 -21.36 42.77 6.97
N GLY B 71 -22.43 43.39 6.49
CA GLY B 71 -22.28 44.34 5.40
C GLY B 71 -22.17 43.57 4.09
N GLN B 72 -21.45 44.15 3.13
CA GLN B 72 -21.27 43.51 1.83
C GLN B 72 -19.90 42.88 1.66
N LYS B 73 -18.89 43.34 2.41
CA LYS B 73 -17.54 42.81 2.30
C LYS B 73 -17.26 41.60 3.18
N LEU B 74 -18.16 41.23 4.08
CA LEU B 74 -17.96 40.09 4.97
C LEU B 74 -19.12 39.12 4.90
N ARG B 75 -18.82 37.86 4.58
CA ARG B 75 -19.81 36.79 4.49
C ARG B 75 -19.34 35.63 5.35
N PHE B 76 -20.25 35.02 6.10
CA PHE B 76 -19.90 33.92 6.98
C PHE B 76 -20.82 32.73 6.74
N PHE B 77 -20.24 31.53 6.71
CA PHE B 77 -21.06 30.33 6.55
C PHE B 77 -20.46 29.20 7.38
N ASP B 78 -21.30 28.20 7.63
CA ASP B 78 -20.91 27.00 8.36
C ASP B 78 -20.78 25.87 7.36
N LEU B 79 -19.57 25.34 7.22
CA LEU B 79 -19.30 24.25 6.29
C LEU B 79 -19.31 22.95 7.09
N VAL B 80 -20.28 22.09 6.82
CA VAL B 80 -20.44 20.81 7.50
C VAL B 80 -20.05 19.69 6.55
N GLY B 81 -19.37 18.69 7.09
CA GLY B 81 -18.92 17.53 6.33
C GLY B 81 -18.40 16.43 7.23
N ASP B 82 -18.77 15.19 6.90
CA ASP B 82 -18.35 14.01 7.66
C ASP B 82 -18.66 14.14 9.15
N GLY B 83 -19.78 14.79 9.47
CA GLY B 83 -20.20 14.97 10.85
C GLY B 83 -19.50 16.07 11.61
N GLU B 84 -18.61 16.82 10.98
CA GLU B 84 -17.88 17.91 11.62
C GLU B 84 -18.18 19.23 10.93
N LYS B 85 -18.02 20.33 11.67
CA LYS B 85 -18.33 21.65 11.14
C LYS B 85 -17.21 22.64 11.37
N ILE B 86 -16.95 23.47 10.35
CA ILE B 86 -15.94 24.52 10.41
C ILE B 86 -16.57 25.81 9.92
N GLN B 87 -15.84 26.91 10.11
CA GLN B 87 -16.27 28.23 9.70
C GLN B 87 -15.64 28.59 8.36
N VAL B 88 -16.35 29.39 7.57
CA VAL B 88 -15.84 29.91 6.31
C VAL B 88 -16.10 31.40 6.33
N LEU B 89 -15.02 32.17 6.30
CA LEU B 89 -15.04 33.64 6.38
C LEU B 89 -14.59 34.22 5.04
N ALA B 90 -15.55 34.66 4.23
CA ALA B 90 -15.26 35.25 2.93
C ALA B 90 -15.13 36.76 3.12
N ASN B 91 -13.95 37.29 2.78
CA ASN B 91 -13.63 38.70 2.89
C ASN B 91 -13.37 39.24 1.49
N TYR B 92 -13.75 40.50 1.25
CA TYR B 92 -13.55 41.09 -0.07
C TYR B 92 -12.08 41.41 -0.33
N SER B 93 -11.22 41.36 0.68
CA SER B 93 -9.80 41.59 0.44
C SER B 93 -9.13 40.38 -0.19
N PHE B 94 -9.48 39.17 0.29
CA PHE B 94 -8.88 37.94 -0.21
C PHE B 94 -9.54 37.39 -1.47
N HIS B 95 -10.75 37.85 -1.80
CA HIS B 95 -11.46 37.36 -2.97
C HIS B 95 -10.71 37.63 -4.28
N ASN B 96 -10.70 36.62 -5.15
CA ASN B 96 -10.07 36.73 -6.47
C ASN B 96 -11.15 37.27 -7.40
N HIS B 97 -11.06 38.55 -7.73
CA HIS B 97 -12.03 39.23 -8.56
C HIS B 97 -11.96 38.86 -10.03
N GLU B 98 -10.91 38.15 -10.46
CA GLU B 98 -10.81 37.78 -11.87
C GLU B 98 -11.84 36.74 -12.26
N LYS B 99 -12.40 36.01 -11.30
CA LYS B 99 -13.36 34.95 -11.57
C LYS B 99 -14.81 35.37 -11.35
N GLY B 100 -15.07 36.52 -10.77
CA GLY B 100 -16.45 36.94 -10.57
C GLY B 100 -16.57 37.98 -9.49
N ASN B 101 -17.69 38.69 -9.53
CA ASN B 101 -17.97 39.72 -8.53
C ASN B 101 -18.23 39.06 -7.18
N PHE B 102 -17.65 39.66 -6.13
CA PHE B 102 -17.78 39.13 -4.79
C PHE B 102 -19.25 38.99 -4.37
N ALA B 103 -19.98 40.10 -4.38
CA ALA B 103 -21.39 40.07 -3.99
C ALA B 103 -22.19 39.12 -4.86
N GLU B 104 -21.98 39.15 -6.18
CA GLU B 104 -22.73 38.26 -7.05
C GLU B 104 -22.34 36.81 -6.84
N CYS B 105 -21.11 36.56 -6.37
CA CYS B 105 -20.70 35.18 -6.16
C CYS B 105 -21.27 34.59 -4.88
N TYR B 106 -21.28 35.38 -3.79
CA TYR B 106 -21.76 34.84 -2.53
C TYR B 106 -23.25 35.06 -2.25
N ASP B 107 -23.92 35.99 -2.93
CA ASP B 107 -25.34 36.18 -2.66
C ASP B 107 -26.18 34.99 -3.11
N LYS B 108 -25.64 34.14 -3.99
CA LYS B 108 -26.36 32.99 -4.51
C LYS B 108 -26.23 31.74 -3.67
N ILE B 109 -25.33 31.73 -2.69
CA ILE B 109 -25.16 30.55 -1.84
C ILE B 109 -26.22 30.58 -0.74
N ARG B 110 -26.93 29.47 -0.58
CA ARG B 110 -27.96 29.33 0.46
C ARG B 110 -27.64 28.11 1.30
N ARG B 111 -28.44 27.94 2.35
CA ARG B 111 -28.27 26.81 3.26
C ARG B 111 -28.54 25.49 2.55
N GLY B 112 -27.58 24.57 2.64
CA GLY B 112 -27.67 23.27 2.02
C GLY B 112 -26.87 23.09 0.76
N ASP B 113 -26.24 24.15 0.25
CA ASP B 113 -25.48 24.06 -0.98
C ASP B 113 -24.12 23.39 -0.76
N ILE B 114 -23.76 22.53 -1.71
CA ILE B 114 -22.48 21.83 -1.74
C ILE B 114 -21.54 22.74 -2.51
N VAL B 115 -20.51 23.25 -1.83
CA VAL B 115 -19.59 24.18 -2.46
C VAL B 115 -18.16 23.64 -2.48
N GLY B 116 -17.36 24.23 -3.36
CA GLY B 116 -15.96 23.93 -3.51
C GLY B 116 -15.20 25.20 -3.16
N ILE B 117 -14.51 25.21 -2.03
CA ILE B 117 -13.79 26.38 -1.55
C ILE B 117 -12.30 26.25 -1.78
N VAL B 118 -11.67 27.34 -2.19
CA VAL B 118 -10.22 27.41 -2.40
C VAL B 118 -9.76 28.58 -1.56
N GLY B 119 -9.08 28.30 -0.46
CA GLY B 119 -8.63 29.34 0.44
C GLY B 119 -7.42 28.98 1.26
N PHE B 120 -7.36 29.52 2.48
CA PHE B 120 -6.24 29.26 3.38
C PHE B 120 -6.77 29.10 4.79
N PRO B 121 -6.13 28.28 5.62
CA PRO B 121 -6.61 28.07 6.99
C PRO B 121 -6.29 29.25 7.91
N GLY B 122 -7.12 29.40 8.92
CA GLY B 122 -6.90 30.48 9.88
C GLY B 122 -7.92 30.40 10.98
N LYS B 123 -7.77 31.27 11.96
CA LYS B 123 -8.70 31.34 13.09
C LYS B 123 -9.26 32.75 13.15
N SER B 124 -10.55 32.85 13.41
CA SER B 124 -11.20 34.16 13.48
C SER B 124 -10.74 34.92 14.70
N LYS B 125 -11.15 36.20 14.77
CA LYS B 125 -10.80 37.02 15.92
C LYS B 125 -11.39 36.42 17.18
N LYS B 126 -12.59 35.85 17.08
CA LYS B 126 -13.23 35.20 18.22
C LYS B 126 -12.60 33.86 18.52
N GLY B 127 -11.84 33.30 17.60
CA GLY B 127 -11.18 32.03 17.80
C GLY B 127 -11.84 30.80 17.22
N GLU B 128 -12.70 30.96 16.20
CA GLU B 128 -13.37 29.83 15.58
C GLU B 128 -12.59 29.42 14.33
N LEU B 129 -12.12 28.18 14.31
CA LEU B 129 -11.37 27.66 13.17
C LEU B 129 -12.13 27.92 11.88
N SER B 130 -11.47 28.59 10.93
CA SER B 130 -12.10 28.98 9.70
C SER B 130 -11.21 28.75 8.50
N ILE B 131 -11.87 28.72 7.34
CA ILE B 131 -11.24 28.60 6.03
C ILE B 131 -11.54 29.90 5.31
N PHE B 132 -10.50 30.64 4.91
CA PHE B 132 -10.75 31.90 4.25
C PHE B 132 -10.64 31.67 2.75
N PRO B 133 -11.73 31.70 2.02
CA PRO B 133 -11.67 31.44 0.59
C PRO B 133 -11.31 32.64 -0.27
N LYS B 134 -10.59 32.33 -1.35
CA LYS B 134 -10.24 33.30 -2.37
C LYS B 134 -11.18 33.16 -3.55
N GLU B 135 -11.86 32.01 -3.60
CA GLU B 135 -12.82 31.64 -4.63
C GLU B 135 -13.72 30.55 -4.08
N THR B 136 -15.03 30.65 -4.36
CA THR B 136 -16.01 29.68 -3.92
C THR B 136 -16.82 29.27 -5.13
N ILE B 137 -16.97 27.96 -5.33
CA ILE B 137 -17.68 27.42 -6.49
C ILE B 137 -18.84 26.55 -6.03
N LEU B 138 -20.02 26.78 -6.59
CA LEU B 138 -21.22 26.00 -6.30
C LEU B 138 -21.09 24.67 -7.02
N LEU B 139 -20.97 23.57 -6.26
CA LEU B 139 -20.83 22.26 -6.88
C LEU B 139 -22.19 21.59 -7.07
N SER B 140 -23.05 21.62 -6.05
CA SER B 140 -24.38 21.02 -6.17
C SER B 140 -25.32 21.83 -5.28
N ALA B 141 -26.36 22.40 -5.87
CA ALA B 141 -27.28 23.25 -5.12
C ALA B 141 -28.41 22.51 -4.42
N CYS B 142 -28.85 23.10 -3.30
CA CYS B 142 -29.97 22.61 -2.51
C CYS B 142 -31.16 23.47 -2.93
N LEU B 143 -32.12 22.85 -3.62
CA LEU B 143 -33.26 23.59 -4.13
C LEU B 143 -34.37 23.80 -3.10
N HIS B 144 -34.49 22.93 -2.12
CA HIS B 144 -35.53 23.03 -1.10
C HIS B 144 -35.03 23.74 0.15
N MET B 145 -35.91 23.89 1.14
CA MET B 145 -35.59 24.50 2.42
C MET B 145 -35.25 23.39 3.41
N LEU B 146 -34.02 23.35 3.86
CA LEU B 146 -33.67 22.36 4.86
C LEU B 146 -34.31 22.80 6.17
N PRO B 147 -35.06 21.94 6.83
CA PRO B 147 -35.69 22.33 8.10
C PRO B 147 -34.66 22.39 9.21
N MET B 148 -35.12 22.82 10.38
CA MET B 148 -34.26 22.88 11.55
C MET B 148 -34.48 21.57 12.31
N LYS B 149 -33.82 21.40 13.46
CA LYS B 149 -34.00 20.15 14.21
C LYS B 149 -35.46 19.95 14.63
N TYR B 150 -36.11 21.03 15.09
CA TYR B 150 -37.51 20.92 15.51
C TYR B 150 -38.42 20.41 14.40
N GLY B 151 -38.04 20.63 13.14
CA GLY B 151 -38.85 20.16 12.04
C GLY B 151 -38.84 18.66 11.83
N LEU B 152 -38.09 17.92 12.65
CA LEU B 152 -38.01 16.47 12.53
C LEU B 152 -38.46 15.75 13.79
N LYS B 153 -39.11 16.45 14.72
CA LYS B 153 -39.52 15.82 15.97
C LYS B 153 -40.84 15.06 15.85
N ASP B 154 -41.94 15.76 15.59
CA ASP B 154 -43.25 15.13 15.48
C ASP B 154 -43.62 14.86 14.02
N THR B 155 -42.84 13.99 13.40
CA THR B 155 -43.08 13.67 12.01
C THR B 155 -42.44 12.32 11.66
N GLU B 156 -42.83 11.80 10.52
CA GLU B 156 -42.35 10.55 9.95
C GLU B 156 -41.26 10.80 8.91
N ILE B 157 -40.86 12.06 8.73
CA ILE B 157 -39.85 12.47 7.77
C ILE B 157 -38.50 11.78 8.01
N ARG B 158 -38.14 11.52 9.27
CA ARG B 158 -36.86 10.88 9.57
C ARG B 158 -36.71 9.54 8.87
N TYR B 159 -37.82 8.84 8.65
CA TYR B 159 -37.80 7.51 8.04
C TYR B 159 -37.87 7.54 6.52
N ARG B 160 -38.64 8.47 5.95
CA ARG B 160 -38.73 8.55 4.50
C ARG B 160 -37.51 9.25 3.90
N GLN B 161 -37.21 10.47 4.38
CA GLN B 161 -36.06 11.21 3.89
C GLN B 161 -34.98 11.08 4.95
N ARG B 162 -34.34 9.91 4.98
CA ARG B 162 -33.29 9.68 5.96
C ARG B 162 -32.10 10.62 5.77
N TYR B 163 -31.89 11.10 4.53
CA TYR B 163 -30.79 12.02 4.28
C TYR B 163 -30.96 13.31 5.08
N LEU B 164 -32.20 13.80 5.21
CA LEU B 164 -32.42 15.03 5.97
C LEU B 164 -32.10 14.81 7.44
N ASP B 165 -32.56 13.68 8.00
CA ASP B 165 -32.29 13.38 9.40
C ASP B 165 -30.80 13.21 9.64
N LEU B 166 -30.08 12.63 8.68
CA LEU B 166 -28.64 12.47 8.82
C LEU B 166 -27.91 13.80 8.73
N LEU B 167 -28.41 14.73 7.90
CA LEU B 167 -27.78 16.03 7.74
C LEU B 167 -28.10 17.01 8.87
N ILE B 168 -29.21 16.83 9.58
CA ILE B 168 -29.61 17.74 10.64
C ILE B 168 -29.40 17.14 12.02
N ASN B 169 -30.08 16.03 12.32
CA ASN B 169 -29.93 15.40 13.63
C ASN B 169 -28.59 14.68 13.69
N GLU B 170 -27.66 15.26 14.44
CA GLU B 170 -26.32 14.71 14.61
C GLU B 170 -26.31 13.41 15.41
N SER B 171 -27.44 13.02 16.01
CA SER B 171 -27.50 11.78 16.79
C SER B 171 -27.78 10.56 15.91
N SER B 172 -28.54 10.74 14.83
CA SER B 172 -28.84 9.61 13.94
C SER B 172 -27.56 9.07 13.30
N ARG B 173 -26.63 9.96 12.95
CA ARG B 173 -25.38 9.52 12.37
C ARG B 173 -24.63 8.64 13.36
N HIS B 174 -24.65 9.06 14.64
CA HIS B 174 -23.99 8.28 15.68
C HIS B 174 -24.65 6.92 15.84
N THR B 175 -25.98 6.88 15.73
CA THR B 175 -26.71 5.62 15.88
C THR B 175 -26.33 4.64 14.78
N PHE B 176 -26.32 5.08 13.52
CA PHE B 176 -25.97 4.16 12.46
C PHE B 176 -24.48 3.79 12.48
N VAL B 177 -23.63 4.71 12.94
CA VAL B 177 -22.21 4.35 13.08
C VAL B 177 -22.08 3.26 14.13
N THR B 178 -22.88 3.36 15.20
CA THR B 178 -22.87 2.34 16.24
C THR B 178 -23.39 1.02 15.70
N ARG B 179 -24.42 1.06 14.85
CA ARG B 179 -24.95 -0.17 14.26
C ARG B 179 -23.89 -0.88 13.44
N THR B 180 -23.20 -0.11 12.57
CA THR B 180 -22.15 -0.68 11.74
C THR B 180 -21.01 -1.21 12.62
N LYS B 181 -20.69 -0.51 13.70
CA LYS B 181 -19.64 -1.00 14.57
C LYS B 181 -20.05 -2.27 15.29
N ILE B 182 -21.35 -2.41 15.61
CA ILE B 182 -21.84 -3.63 16.25
C ILE B 182 -21.64 -4.81 15.31
N ILE B 183 -22.01 -4.63 14.04
CA ILE B 183 -21.84 -5.72 13.08
C ILE B 183 -20.35 -6.01 12.86
N ASN B 184 -19.51 -4.96 12.83
CA ASN B 184 -18.08 -5.18 12.65
C ASN B 184 -17.52 -6.01 13.79
N PHE B 185 -17.89 -5.65 15.03
CA PHE B 185 -17.43 -6.39 16.20
C PHE B 185 -17.90 -7.82 16.15
N LEU B 186 -19.16 -8.06 15.75
CA LEU B 186 -19.68 -9.42 15.67
C LEU B 186 -18.91 -10.25 14.66
N ARG B 187 -18.68 -9.70 13.47
CA ARG B 187 -17.95 -10.44 12.44
C ARG B 187 -16.55 -10.78 12.91
N ASN B 188 -15.84 -9.81 13.50
CA ASN B 188 -14.48 -10.12 13.96
C ASN B 188 -14.51 -11.10 15.12
N PHE B 189 -15.51 -10.97 16.01
CA PHE B 189 -15.63 -11.86 17.16
C PHE B 189 -15.76 -13.30 16.70
N LEU B 190 -16.57 -13.53 15.65
CA LEU B 190 -16.73 -14.88 15.14
C LEU B 190 -15.51 -15.34 14.37
N ASN B 191 -14.90 -14.45 13.57
CA ASN B 191 -13.73 -14.87 12.79
C ASN B 191 -12.54 -15.21 13.69
N GLU B 192 -12.41 -14.58 14.85
CA GLU B 192 -11.27 -14.94 15.71
C GLU B 192 -11.43 -16.35 16.24
N ARG B 193 -12.67 -16.83 16.37
CA ARG B 193 -12.95 -18.17 16.86
C ARG B 193 -12.95 -19.20 15.74
N GLY B 194 -12.45 -18.84 14.56
CA GLY B 194 -12.40 -19.75 13.44
C GLY B 194 -13.70 -19.95 12.70
N PHE B 195 -14.65 -19.02 12.80
CA PHE B 195 -15.87 -19.27 12.04
C PHE B 195 -15.70 -18.85 10.59
N PHE B 196 -16.55 -19.42 9.74
CA PHE B 196 -16.52 -19.20 8.30
C PHE B 196 -17.82 -18.57 7.85
N GLU B 197 -17.72 -17.42 7.17
CA GLU B 197 -18.88 -16.68 6.69
C GLU B 197 -19.30 -17.21 5.33
N VAL B 198 -20.61 -17.42 5.14
CA VAL B 198 -21.15 -17.92 3.89
C VAL B 198 -22.39 -17.12 3.51
N GLU B 199 -23.01 -17.54 2.40
CA GLU B 199 -24.20 -16.89 1.84
C GLU B 199 -25.17 -17.97 1.39
N THR B 200 -26.29 -18.11 2.09
CA THR B 200 -27.31 -19.09 1.73
C THR B 200 -28.38 -18.45 0.89
N PRO B 201 -29.21 -19.22 0.18
CA PRO B 201 -30.24 -18.62 -0.65
C PRO B 201 -31.33 -17.91 0.14
N MET B 202 -31.80 -16.79 -0.42
CA MET B 202 -32.88 -16.02 0.16
C MET B 202 -34.22 -16.47 -0.39
N MET B 203 -34.21 -17.03 -1.60
CA MET B 203 -35.38 -17.57 -2.26
C MET B 203 -35.27 -19.09 -2.20
N ASN B 204 -36.30 -19.74 -1.70
CA ASN B 204 -36.28 -21.19 -1.55
C ASN B 204 -37.63 -21.77 -1.87
N LEU B 205 -37.64 -23.09 -2.13
CA LEU B 205 -38.88 -23.78 -2.40
C LEU B 205 -39.70 -23.92 -1.12
N ILE B 206 -39.04 -23.82 0.03
CA ILE B 206 -39.67 -23.92 1.35
C ILE B 206 -39.02 -22.90 2.27
N ALA B 207 -39.85 -22.21 3.06
CA ALA B 207 -39.37 -21.21 4.02
C ALA B 207 -39.38 -21.86 5.39
N GLY B 208 -38.21 -22.35 5.83
CA GLY B 208 -38.07 -23.00 7.11
C GLY B 208 -37.02 -22.34 7.98
N GLY B 209 -36.88 -22.89 9.18
CA GLY B 209 -35.94 -22.39 10.16
C GLY B 209 -36.55 -21.58 11.28
N ALA B 210 -37.84 -21.25 11.18
CA ALA B 210 -38.51 -20.47 12.22
C ALA B 210 -40.02 -20.65 12.05
N ASN B 211 -40.76 -20.14 13.02
CA ASN B 211 -42.21 -20.22 13.00
C ASN B 211 -42.73 -18.84 12.58
N ALA B 212 -42.77 -18.62 11.26
CA ALA B 212 -43.21 -17.34 10.74
C ALA B 212 -43.78 -17.48 9.33
N ARG B 213 -44.71 -16.59 9.00
CA ARG B 213 -45.32 -16.55 7.68
C ARG B 213 -44.36 -15.83 6.72
N PRO B 214 -43.96 -16.45 5.62
CA PRO B 214 -43.00 -15.82 4.72
C PRO B 214 -43.65 -15.05 3.58
N PHE B 215 -42.80 -14.35 2.81
CA PHE B 215 -43.31 -13.64 1.65
C PHE B 215 -43.31 -14.60 0.47
N ILE B 216 -44.02 -14.23 -0.58
CA ILE B 216 -44.08 -15.05 -1.78
C ILE B 216 -43.63 -14.21 -2.96
N THR B 217 -42.96 -14.86 -3.91
CA THR B 217 -42.49 -14.20 -5.12
C THR B 217 -42.53 -15.22 -6.24
N HIS B 218 -42.30 -14.77 -7.47
CA HIS B 218 -42.38 -15.66 -8.61
C HIS B 218 -41.29 -15.40 -9.63
N HIS B 219 -40.61 -16.47 -10.06
CA HIS B 219 -39.59 -16.39 -11.10
C HIS B 219 -40.32 -16.73 -12.39
N ASN B 220 -40.28 -15.79 -13.34
CA ASN B 220 -41.03 -15.91 -14.60
C ASN B 220 -40.48 -16.99 -15.53
N ASP B 221 -39.19 -16.94 -15.85
CA ASP B 221 -38.65 -17.94 -16.80
C ASP B 221 -38.87 -19.36 -16.33
N LEU B 222 -38.77 -19.60 -15.03
CA LEU B 222 -38.98 -20.96 -14.53
C LEU B 222 -40.43 -21.21 -14.14
N ASP B 223 -41.27 -20.18 -14.15
CA ASP B 223 -42.68 -20.31 -13.76
C ASP B 223 -42.73 -21.00 -12.41
N LEU B 224 -41.92 -20.50 -11.48
CA LEU B 224 -41.80 -21.11 -10.17
C LEU B 224 -42.03 -20.11 -9.04
N ASP B 225 -42.84 -20.51 -8.07
CA ASP B 225 -43.12 -19.68 -6.90
C ASP B 225 -42.07 -19.96 -5.85
N LEU B 226 -41.50 -18.92 -5.26
CA LEU B 226 -40.47 -19.07 -4.26
C LEU B 226 -40.80 -18.23 -3.04
N TYR B 227 -40.40 -18.71 -1.86
CA TYR B 227 -40.65 -18.00 -0.63
C TYR B 227 -39.35 -17.40 -0.11
N LEU B 228 -39.42 -16.16 0.37
CA LEU B 228 -38.24 -15.53 0.93
C LEU B 228 -37.92 -16.21 2.25
N ARG B 229 -36.64 -16.32 2.55
CA ARG B 229 -36.20 -16.99 3.76
C ARG B 229 -36.62 -16.25 5.02
N ILE B 230 -37.14 -17.01 5.99
CA ILE B 230 -37.50 -16.46 7.29
C ILE B 230 -36.38 -16.67 8.29
N ALA B 231 -35.39 -17.48 7.92
CA ALA B 231 -34.23 -17.80 8.73
C ALA B 231 -33.20 -18.49 7.84
N THR B 232 -31.95 -18.51 8.32
CA THR B 232 -30.83 -19.13 7.63
C THR B 232 -30.40 -20.42 8.34
N GLU B 233 -31.30 -21.01 9.12
CA GLU B 233 -31.00 -22.19 9.92
C GLU B 233 -30.75 -23.46 9.11
N LEU B 234 -31.76 -23.92 8.38
CA LEU B 234 -31.63 -25.18 7.63
C LEU B 234 -30.44 -25.23 6.67
N PRO B 235 -30.24 -24.25 5.78
CA PRO B 235 -29.08 -24.36 4.87
C PRO B 235 -27.75 -24.36 5.61
N LEU B 236 -27.65 -23.61 6.71
CA LEU B 236 -26.40 -23.61 7.48
C LEU B 236 -26.15 -24.97 8.11
N LYS B 237 -27.20 -25.63 8.61
CA LYS B 237 -26.97 -26.96 9.17
C LYS B 237 -26.52 -27.92 8.08
N MET B 238 -27.12 -27.80 6.89
CA MET B 238 -26.70 -28.66 5.80
C MET B 238 -25.23 -28.42 5.49
N LEU B 239 -24.76 -27.19 5.71
CA LEU B 239 -23.35 -26.91 5.51
C LEU B 239 -22.51 -27.56 6.61
N ILE B 240 -23.06 -27.62 7.83
CA ILE B 240 -22.36 -28.31 8.92
C ILE B 240 -22.15 -29.76 8.51
N VAL B 241 -23.18 -30.35 7.88
CA VAL B 241 -23.07 -31.73 7.40
C VAL B 241 -21.99 -31.81 6.33
N GLY B 242 -21.83 -30.75 5.54
CA GLY B 242 -20.84 -30.69 4.49
C GLY B 242 -19.40 -30.62 4.96
N GLY B 243 -19.17 -30.41 6.25
CA GLY B 243 -17.83 -30.36 6.78
C GLY B 243 -17.35 -29.00 7.28
N ILE B 244 -18.20 -27.97 7.24
CA ILE B 244 -17.82 -26.65 7.73
C ILE B 244 -18.40 -26.59 9.14
N ASP B 245 -17.60 -27.03 10.12
CA ASP B 245 -18.04 -27.12 11.50
C ASP B 245 -18.28 -25.77 12.18
N LYS B 246 -17.71 -24.68 11.68
CA LYS B 246 -17.91 -23.36 12.28
C LYS B 246 -18.35 -22.45 11.14
N VAL B 247 -19.66 -22.38 10.92
CA VAL B 247 -20.20 -21.57 9.84
C VAL B 247 -21.17 -20.55 10.39
N TYR B 248 -21.38 -19.46 9.65
CA TYR B 248 -22.31 -18.44 10.09
C TYR B 248 -22.68 -17.56 8.90
N GLU B 249 -23.70 -16.74 9.11
CA GLU B 249 -24.19 -15.83 8.10
C GLU B 249 -24.86 -14.64 8.77
N ILE B 250 -24.47 -13.44 8.36
CA ILE B 250 -25.02 -12.18 8.85
C ILE B 250 -25.77 -11.60 7.67
N GLY B 251 -27.10 -11.71 7.68
CA GLY B 251 -27.82 -11.18 6.54
C GLY B 251 -29.28 -10.89 6.84
N LYS B 252 -29.98 -10.49 5.79
CA LYS B 252 -31.39 -10.15 5.88
C LYS B 252 -32.30 -11.37 5.77
N VAL B 253 -33.36 -11.36 6.56
CA VAL B 253 -34.39 -12.39 6.54
C VAL B 253 -35.72 -11.64 6.48
N PHE B 254 -36.69 -12.28 5.81
CA PHE B 254 -38.00 -11.70 5.56
C PHE B 254 -39.11 -12.52 6.22
N ARG B 255 -39.98 -11.83 6.96
CA ARG B 255 -41.10 -12.46 7.65
C ARG B 255 -42.34 -11.60 7.40
N ASN B 256 -43.39 -12.22 6.84
CA ASN B 256 -44.63 -11.52 6.49
C ASN B 256 -45.54 -11.51 7.71
N GLU B 257 -45.32 -10.52 8.58
CA GLU B 257 -46.09 -10.38 9.81
C GLU B 257 -46.47 -8.91 9.99
N GLY B 258 -46.96 -8.59 11.18
CA GLY B 258 -47.34 -7.23 11.49
C GLY B 258 -46.14 -6.37 11.83
N ILE B 259 -46.30 -5.07 11.66
CA ILE B 259 -45.23 -4.10 11.92
C ILE B 259 -45.52 -3.36 13.22
N ASP B 260 -44.47 -3.20 14.03
CA ASP B 260 -44.55 -2.46 15.29
C ASP B 260 -43.17 -1.91 15.60
N ASN B 261 -42.99 -1.44 16.83
CA ASN B 261 -41.72 -0.83 17.24
C ASN B 261 -40.53 -1.80 17.24
N THR B 262 -40.77 -3.12 17.22
CA THR B 262 -39.67 -4.07 17.20
C THR B 262 -39.81 -5.08 16.07
N HIS B 263 -40.59 -4.77 15.04
CA HIS B 263 -40.77 -5.68 13.92
C HIS B 263 -40.78 -4.93 12.60
N ASN B 264 -39.84 -5.27 11.72
CA ASN B 264 -39.73 -4.73 10.38
C ASN B 264 -39.83 -5.93 9.47
N PRO B 265 -40.64 -5.89 8.41
CA PRO B 265 -40.77 -7.06 7.52
C PRO B 265 -39.44 -7.70 7.11
N GLU B 266 -38.38 -6.90 6.97
CA GLU B 266 -37.05 -7.40 6.66
C GLU B 266 -36.10 -6.93 7.75
N PHE B 267 -35.34 -7.86 8.32
CA PHE B 267 -34.42 -7.48 9.38
C PHE B 267 -33.14 -8.28 9.27
N THR B 268 -32.08 -7.73 9.87
CA THR B 268 -30.76 -8.35 9.84
C THR B 268 -30.58 -9.27 11.04
N SER B 269 -30.20 -10.51 10.77
CA SER B 269 -29.95 -11.50 11.80
C SER B 269 -28.58 -12.12 11.56
N CYS B 270 -28.09 -12.80 12.59
CA CYS B 270 -26.79 -13.48 12.51
C CYS B 270 -26.97 -14.88 13.08
N GLU B 271 -26.90 -15.89 12.23
CA GLU B 271 -27.03 -17.27 12.69
C GLU B 271 -25.67 -17.93 12.54
N PHE B 272 -25.26 -18.67 13.57
CA PHE B 272 -23.96 -19.30 13.56
C PHE B 272 -24.12 -20.71 14.14
N TYR B 273 -23.49 -21.68 13.48
CA TYR B 273 -23.55 -23.07 13.89
C TYR B 273 -22.14 -23.54 14.18
N TRP B 274 -21.96 -24.06 15.40
CA TRP B 274 -20.68 -24.51 15.94
C TRP B 274 -20.82 -25.97 16.34
N ALA B 275 -20.19 -26.84 15.57
CA ALA B 275 -20.24 -28.27 15.80
C ALA B 275 -19.55 -28.65 17.11
N TYR B 276 -20.03 -29.74 17.71
CA TYR B 276 -19.54 -30.32 18.95
C TYR B 276 -19.80 -29.41 20.15
N ALA B 277 -20.60 -28.37 19.97
CA ALA B 277 -20.97 -27.45 21.04
C ALA B 277 -22.34 -27.88 21.55
N ASP B 278 -22.83 -27.19 22.59
CA ASP B 278 -24.12 -27.57 23.15
C ASP B 278 -24.81 -26.34 23.74
N TYR B 279 -25.89 -26.62 24.48
CA TYR B 279 -26.67 -25.60 25.16
C TYR B 279 -25.80 -24.74 26.08
N ASN B 280 -24.94 -25.40 26.87
CA ASN B 280 -24.09 -24.68 27.81
C ASN B 280 -23.05 -23.84 27.08
N ASP B 281 -22.45 -24.38 26.01
CA ASP B 281 -21.46 -23.61 25.26
C ASP B 281 -22.10 -22.36 24.68
N LEU B 282 -23.35 -22.46 24.24
CA LEU B 282 -24.05 -21.31 23.69
C LEU B 282 -24.36 -20.29 24.79
N ILE B 283 -24.70 -20.76 25.98
CA ILE B 283 -24.95 -19.85 27.11
C ILE B 283 -23.70 -19.02 27.36
N LYS B 284 -22.55 -19.71 27.46
CA LYS B 284 -21.28 -19.04 27.70
C LYS B 284 -20.93 -18.09 26.56
N TRP B 285 -21.19 -18.51 25.32
CA TRP B 285 -20.89 -17.66 24.17
C TRP B 285 -21.70 -16.37 24.22
N SER B 286 -22.99 -16.49 24.53
CA SER B 286 -23.85 -15.31 24.61
C SER B 286 -23.36 -14.35 25.68
N GLU B 287 -23.05 -14.87 26.87
CA GLU B 287 -22.58 -14.00 27.93
C GLU B 287 -21.27 -13.30 27.55
N ASP B 288 -20.30 -14.08 27.04
CA ASP B 288 -19.02 -13.49 26.63
C ASP B 288 -19.20 -12.42 25.57
N PHE B 289 -19.98 -12.74 24.52
CA PHE B 289 -20.18 -11.80 23.41
C PHE B 289 -20.87 -10.52 23.86
N PHE B 290 -21.99 -10.62 24.58
CA PHE B 290 -22.67 -9.40 24.98
C PHE B 290 -21.82 -8.56 25.94
N SER B 291 -21.11 -9.20 26.87
CA SER B 291 -20.27 -8.44 27.79
C SER B 291 -19.14 -7.73 27.03
N GLN B 292 -18.45 -8.45 26.14
CA GLN B 292 -17.35 -7.84 25.41
C GLN B 292 -17.84 -6.79 24.42
N LEU B 293 -19.01 -6.97 23.81
CA LEU B 293 -19.53 -5.98 22.88
C LEU B 293 -19.87 -4.69 23.62
N VAL B 294 -20.58 -4.82 24.73
CA VAL B 294 -20.94 -3.67 25.53
C VAL B 294 -19.70 -2.93 26.00
N TYR B 295 -18.68 -3.66 26.46
CA TYR B 295 -17.48 -2.98 26.92
C TYR B 295 -16.65 -2.44 25.76
N HIS B 296 -16.79 -3.03 24.57
CA HIS B 296 -16.08 -2.50 23.41
C HIS B 296 -16.67 -1.16 22.99
N LEU B 297 -17.97 -0.98 23.19
CA LEU B 297 -18.63 0.27 22.82
C LEU B 297 -18.64 1.34 23.90
N PHE B 298 -18.87 0.97 25.16
CA PHE B 298 -19.01 1.95 26.24
C PHE B 298 -17.88 1.98 27.26
N GLY B 299 -16.90 1.09 27.18
CA GLY B 299 -15.87 1.13 28.21
C GLY B 299 -16.36 0.73 29.58
N THR B 300 -17.52 0.09 29.65
CA THR B 300 -18.15 -0.35 30.87
C THR B 300 -19.19 -1.41 30.52
N TYR B 301 -19.71 -2.08 31.54
CA TYR B 301 -20.73 -3.11 31.34
C TYR B 301 -22.14 -2.62 31.65
N LYS B 302 -22.29 -1.34 32.00
CA LYS B 302 -23.59 -0.79 32.35
C LYS B 302 -24.02 0.26 31.33
N ILE B 303 -25.29 0.18 30.92
CA ILE B 303 -25.89 1.05 29.92
C ILE B 303 -27.11 1.74 30.49
N SER B 304 -27.39 2.94 29.98
CA SER B 304 -28.56 3.71 30.35
C SER B 304 -29.55 3.57 29.22
N TYR B 305 -30.72 2.97 29.49
CA TYR B 305 -31.72 2.78 28.45
C TYR B 305 -33.07 3.31 28.91
N ASN B 306 -33.67 4.17 28.09
CA ASN B 306 -34.98 4.75 28.36
C ASN B 306 -36.02 3.72 27.93
N LYS B 307 -36.27 2.77 28.83
CA LYS B 307 -37.20 1.69 28.53
C LYS B 307 -38.62 2.21 28.27
N ASP B 308 -39.06 3.21 29.03
CA ASP B 308 -40.40 3.76 28.83
C ASP B 308 -40.38 5.09 28.11
N GLY B 309 -39.42 5.29 27.20
CA GLY B 309 -39.33 6.51 26.44
C GLY B 309 -38.52 7.59 27.14
N PRO B 310 -38.12 8.61 26.38
CA PRO B 310 -37.34 9.70 26.97
C PRO B 310 -38.13 10.60 27.91
N GLU B 311 -39.45 10.41 28.03
CA GLU B 311 -40.25 11.22 28.94
C GLU B 311 -40.27 10.65 30.35
N ASN B 312 -39.53 9.57 30.60
CA ASN B 312 -39.47 8.94 31.91
C ASN B 312 -38.02 8.62 32.26
N GLN B 313 -37.79 8.37 33.54
CA GLN B 313 -36.45 8.05 34.01
C GLN B 313 -35.99 6.72 33.39
N PRO B 314 -34.77 6.64 32.88
CA PRO B 314 -34.28 5.40 32.27
C PRO B 314 -33.90 4.39 33.34
N ILE B 315 -33.37 3.25 32.89
CA ILE B 315 -32.93 2.18 33.78
C ILE B 315 -31.50 1.80 33.40
N GLU B 316 -30.85 1.13 34.35
CA GLU B 316 -29.47 0.70 34.19
C GLU B 316 -29.45 -0.78 33.79
N ILE B 317 -28.94 -1.07 32.60
CA ILE B 317 -28.84 -2.43 32.11
C ILE B 317 -27.41 -2.87 32.36
N ASP B 318 -27.23 -3.86 33.23
CA ASP B 318 -25.90 -4.38 33.57
C ASP B 318 -25.64 -5.65 32.76
N PHE B 319 -24.73 -5.57 31.79
CA PHE B 319 -24.42 -6.76 31.02
C PHE B 319 -23.29 -7.57 31.64
N THR B 320 -23.02 -7.37 32.92
CA THR B 320 -21.95 -8.12 33.57
C THR B 320 -22.34 -9.59 33.67
N PRO B 321 -21.54 -10.52 33.16
CA PRO B 321 -21.92 -11.93 33.25
C PRO B 321 -21.69 -12.45 34.66
N PRO B 322 -22.48 -13.42 35.09
CA PRO B 322 -23.37 -14.18 34.24
C PRO B 322 -24.80 -13.80 34.50
N TYR B 323 -25.64 -14.01 33.51
CA TYR B 323 -27.04 -13.63 33.55
C TYR B 323 -27.94 -14.65 34.19
N PRO B 324 -29.18 -14.30 34.37
CA PRO B 324 -30.11 -15.24 35.00
C PRO B 324 -30.72 -16.20 33.99
N LYS B 325 -30.90 -17.44 34.41
CA LYS B 325 -31.51 -18.48 33.58
C LYS B 325 -32.82 -18.88 34.23
N VAL B 326 -33.88 -18.93 33.42
CA VAL B 326 -35.23 -19.23 33.90
C VAL B 326 -35.89 -20.28 33.03
N SER B 327 -36.46 -21.31 33.65
CA SER B 327 -37.18 -22.34 32.93
C SER B 327 -38.58 -21.81 32.65
N ILE B 328 -39.04 -21.96 31.40
CA ILE B 328 -40.33 -21.42 30.98
C ILE B 328 -41.50 -22.12 31.68
N VAL B 329 -41.59 -23.45 31.54
CA VAL B 329 -42.71 -24.18 32.12
C VAL B 329 -42.71 -24.05 33.64
N GLU B 330 -41.53 -24.14 34.26
CA GLU B 330 -41.42 -24.04 35.71
C GLU B 330 -41.92 -22.68 36.22
N GLU B 331 -41.46 -21.59 35.59
CA GLU B 331 -41.92 -20.26 36.04
C GLU B 331 -43.40 -20.06 35.77
N ILE B 332 -43.90 -20.48 34.61
CA ILE B 332 -45.32 -20.30 34.34
C ILE B 332 -46.14 -21.02 35.40
N GLU B 333 -45.70 -22.22 35.79
CA GLU B 333 -46.42 -22.96 36.83
C GLU B 333 -46.32 -22.25 38.18
N LYS B 334 -45.19 -21.59 38.47
CA LYS B 334 -45.05 -20.89 39.74
C LYS B 334 -45.88 -19.61 39.80
N VAL B 335 -45.72 -18.75 38.80
CA VAL B 335 -46.41 -17.46 38.77
C VAL B 335 -47.91 -17.62 38.60
N THR B 336 -48.35 -18.54 37.75
CA THR B 336 -49.78 -18.74 37.53
C THR B 336 -50.40 -19.69 38.56
N ASN B 337 -49.58 -20.34 39.38
CA ASN B 337 -50.05 -21.28 40.41
C ASN B 337 -50.99 -22.32 39.78
N THR B 338 -50.48 -22.96 38.74
CA THR B 338 -51.18 -24.02 38.01
C THR B 338 -50.17 -25.11 37.69
N ILE B 339 -50.67 -26.21 37.15
CA ILE B 339 -49.83 -27.35 36.78
C ILE B 339 -50.08 -27.67 35.31
N LEU B 340 -49.09 -27.38 34.47
CA LEU B 340 -49.17 -27.67 33.04
C LEU B 340 -48.62 -29.07 32.85
N GLU B 341 -49.49 -30.03 32.58
CA GLU B 341 -49.07 -31.42 32.42
C GLU B 341 -48.81 -31.77 30.96
N GLN B 342 -47.93 -32.75 30.77
CA GLN B 342 -47.53 -33.25 29.46
C GLN B 342 -48.41 -34.44 29.07
N PRO B 343 -48.78 -34.60 27.79
CA PRO B 343 -48.43 -33.75 26.63
C PRO B 343 -48.96 -32.33 26.75
N PHE B 344 -48.13 -31.34 26.43
CA PHE B 344 -48.59 -29.96 26.54
C PHE B 344 -49.67 -29.67 25.50
N ASP B 345 -49.66 -30.37 24.37
CA ASP B 345 -50.66 -30.18 23.34
C ASP B 345 -51.91 -31.03 23.59
N SER B 346 -52.07 -31.56 24.80
CA SER B 346 -53.26 -32.34 25.11
C SER B 346 -54.44 -31.40 25.26
N ASN B 347 -55.64 -31.92 25.03
CA ASN B 347 -56.83 -31.06 25.12
C ASN B 347 -57.00 -30.46 26.50
N GLU B 348 -56.65 -31.21 27.55
CA GLU B 348 -56.80 -30.73 28.92
C GLU B 348 -55.90 -29.54 29.22
N THR B 349 -54.59 -29.69 29.00
CA THR B 349 -53.70 -28.57 29.30
C THR B 349 -53.90 -27.42 28.33
N ILE B 350 -54.39 -27.69 27.12
CA ILE B 350 -54.69 -26.60 26.19
C ILE B 350 -55.84 -25.79 26.76
N GLU B 351 -56.88 -26.47 27.23
CA GLU B 351 -58.01 -25.79 27.85
C GLU B 351 -57.58 -25.09 29.13
N LYS B 352 -56.61 -25.65 29.84
CA LYS B 352 -56.11 -25.05 31.07
C LYS B 352 -55.40 -23.74 30.79
N MET B 353 -54.50 -23.74 29.80
CA MET B 353 -53.80 -22.51 29.44
C MET B 353 -54.78 -21.47 28.93
N ILE B 354 -55.80 -21.92 28.18
CA ILE B 354 -56.80 -20.99 27.68
C ILE B 354 -57.56 -20.36 28.84
N ASN B 355 -57.94 -21.16 29.85
CA ASN B 355 -58.64 -20.59 30.99
C ASN B 355 -57.74 -19.67 31.80
N ILE B 356 -56.44 -19.98 31.88
CA ILE B 356 -55.52 -19.10 32.61
C ILE B 356 -55.50 -17.74 31.94
N ILE B 357 -55.41 -17.73 30.60
CA ILE B 357 -55.41 -16.47 29.87
C ILE B 357 -56.74 -15.75 30.04
N LYS B 358 -57.84 -16.51 30.08
CA LYS B 358 -59.17 -15.91 30.23
C LYS B 358 -59.34 -15.23 31.57
N GLU B 359 -59.00 -15.91 32.66
CA GLU B 359 -59.16 -15.32 33.99
C GLU B 359 -58.25 -14.12 34.21
N HIS B 360 -57.13 -14.03 33.51
CA HIS B 360 -56.23 -12.89 33.62
C HIS B 360 -56.54 -11.81 32.59
N LYS B 361 -57.56 -12.05 31.75
CA LYS B 361 -57.99 -11.10 30.72
C LYS B 361 -56.86 -10.75 29.75
N ILE B 362 -56.35 -11.78 29.08
CA ILE B 362 -55.30 -11.62 28.10
C ILE B 362 -55.86 -12.01 26.75
N GLU B 363 -55.24 -11.50 25.69
CA GLU B 363 -55.71 -11.79 24.34
C GLU B 363 -55.37 -13.22 23.95
N LEU B 364 -56.38 -13.97 23.53
CA LEU B 364 -56.17 -15.35 23.11
C LEU B 364 -55.45 -15.37 21.77
N PRO B 365 -54.39 -16.18 21.60
CA PRO B 365 -53.66 -16.21 20.31
C PRO B 365 -54.60 -16.48 19.14
N ASN B 366 -54.18 -16.16 17.89
CA ASN B 366 -55.08 -16.35 16.74
C ASN B 366 -55.56 -17.80 16.76
N PRO B 367 -54.77 -18.83 16.46
CA PRO B 367 -55.27 -20.17 16.69
C PRO B 367 -54.82 -20.58 18.08
N PRO B 368 -55.71 -20.90 19.01
CA PRO B 368 -55.24 -21.25 20.36
C PRO B 368 -54.53 -22.59 20.47
N THR B 369 -53.38 -22.70 19.81
CA THR B 369 -52.59 -23.92 19.88
C THR B 369 -51.75 -23.91 21.14
N ALA B 370 -51.28 -25.09 21.55
CA ALA B 370 -50.49 -25.20 22.77
C ALA B 370 -49.21 -24.37 22.69
N ALA B 371 -48.54 -24.36 21.53
CA ALA B 371 -47.32 -23.58 21.39
C ALA B 371 -47.61 -22.09 21.52
N LYS B 372 -48.64 -21.61 20.82
CA LYS B 372 -49.00 -20.20 20.91
C LYS B 372 -49.46 -19.85 22.32
N LEU B 373 -50.19 -20.77 22.97
CA LEU B 373 -50.64 -20.53 24.33
C LEU B 373 -49.46 -20.36 25.28
N LEU B 374 -48.48 -21.27 25.19
CA LEU B 374 -47.28 -21.18 26.02
C LEU B 374 -46.53 -19.89 25.74
N ASP B 375 -46.45 -19.50 24.47
CA ASP B 375 -45.75 -18.27 24.12
C ASP B 375 -46.42 -17.07 24.79
N GLN B 376 -47.76 -17.03 24.75
CA GLN B 376 -48.48 -15.91 25.37
C GLN B 376 -48.28 -15.92 26.89
N LEU B 377 -48.31 -17.10 27.50
CA LEU B 377 -48.13 -17.18 28.95
C LEU B 377 -46.76 -16.66 29.33
N ALA B 378 -45.73 -17.03 28.57
CA ALA B 378 -44.38 -16.56 28.87
C ALA B 378 -44.27 -15.05 28.65
N SER B 379 -44.91 -14.54 27.60
CA SER B 379 -44.84 -13.11 27.33
C SER B 379 -45.52 -12.28 28.41
N HIS B 380 -46.58 -12.80 29.03
CA HIS B 380 -47.28 -12.03 30.05
C HIS B 380 -46.83 -12.33 31.49
N PHE B 381 -46.10 -13.43 31.73
CA PHE B 381 -45.68 -13.75 33.09
C PHE B 381 -44.19 -13.98 33.30
N ILE B 382 -43.37 -14.03 32.24
CA ILE B 382 -41.95 -14.29 32.43
C ILE B 382 -41.01 -13.27 31.80
N GLU B 383 -41.23 -13.00 30.51
CA GLU B 383 -40.37 -12.15 29.70
C GLU B 383 -40.01 -10.78 30.28
N ASN B 384 -40.72 -10.30 31.30
CA ASN B 384 -40.39 -9.02 31.91
C ASN B 384 -39.93 -9.21 33.36
N LYS B 385 -39.37 -10.38 33.66
CA LYS B 385 -38.90 -10.65 35.02
C LYS B 385 -37.63 -9.87 35.34
N TYR B 386 -36.82 -9.57 34.33
CA TYR B 386 -35.57 -8.85 34.55
C TYR B 386 -35.39 -7.76 33.51
N ASN B 387 -35.28 -6.51 33.96
CA ASN B 387 -35.02 -5.39 33.08
C ASN B 387 -33.67 -4.76 33.35
N ASP B 388 -33.19 -4.83 34.59
CA ASP B 388 -31.90 -4.28 34.96
C ASP B 388 -30.73 -5.06 34.39
N LYS B 389 -30.99 -6.25 33.83
CA LYS B 389 -29.95 -7.09 33.25
C LYS B 389 -30.60 -8.04 32.27
N PRO B 390 -29.91 -8.42 31.19
CA PRO B 390 -30.50 -9.37 30.24
C PRO B 390 -30.57 -10.75 30.88
N PHE B 391 -31.56 -11.55 30.46
CA PHE B 391 -31.67 -12.87 31.08
C PHE B 391 -32.12 -13.90 30.05
N PHE B 392 -31.92 -15.17 30.39
CA PHE B 392 -32.26 -16.28 29.51
C PHE B 392 -33.49 -17.05 29.97
N ILE B 393 -34.35 -17.39 29.01
CA ILE B 393 -35.50 -18.24 29.21
C ILE B 393 -35.04 -19.56 28.61
N VAL B 394 -34.98 -20.61 29.42
CA VAL B 394 -34.41 -21.88 28.96
C VAL B 394 -35.42 -23.03 29.09
N GLU B 395 -34.99 -24.17 28.56
CA GLU B 395 -35.71 -25.45 28.61
C GLU B 395 -37.13 -25.35 28.05
N HIS B 396 -37.21 -24.96 26.79
CA HIS B 396 -38.50 -24.83 26.13
C HIS B 396 -39.05 -26.21 25.78
N PRO B 397 -40.36 -26.37 25.77
CA PRO B 397 -40.94 -27.67 25.41
C PRO B 397 -40.67 -28.00 23.96
N GLN B 398 -40.67 -29.30 23.64
CA GLN B 398 -40.43 -29.71 22.26
C GLN B 398 -41.57 -29.23 21.36
N ILE B 399 -42.78 -29.11 21.92
CA ILE B 399 -43.93 -28.63 21.17
C ILE B 399 -43.63 -27.27 20.54
N MET B 400 -42.84 -26.45 21.22
CA MET B 400 -42.47 -25.14 20.74
C MET B 400 -41.22 -25.15 19.87
N SER B 401 -40.36 -26.15 20.04
CA SER B 401 -39.10 -26.25 19.32
C SER B 401 -39.01 -27.52 18.48
N PRO B 402 -39.50 -27.47 17.23
CA PRO B 402 -39.44 -28.68 16.39
C PRO B 402 -38.04 -28.99 15.85
N LEU B 403 -37.13 -28.04 15.83
CA LEU B 403 -35.77 -28.25 15.35
C LEU B 403 -34.79 -28.39 16.50
N ALA B 404 -35.30 -28.48 17.73
CA ALA B 404 -34.48 -28.58 18.92
C ALA B 404 -34.23 -30.02 19.35
N LYS B 405 -33.03 -30.27 19.85
CA LYS B 405 -32.73 -31.60 20.34
C LYS B 405 -33.38 -31.69 21.71
N TYR B 406 -34.10 -32.79 21.95
CA TYR B 406 -34.79 -33.00 23.21
C TYR B 406 -33.83 -32.86 24.39
N HIS B 407 -34.37 -32.46 25.54
CA HIS B 407 -33.55 -32.30 26.73
C HIS B 407 -33.00 -33.66 27.16
N ARG B 408 -31.71 -33.69 27.48
CA ARG B 408 -31.06 -34.94 27.87
C ARG B 408 -31.60 -35.54 29.17
N THR B 409 -32.19 -34.73 30.05
CA THR B 409 -32.72 -35.23 31.31
C THR B 409 -34.15 -34.80 31.62
N LYS B 410 -34.68 -33.75 30.98
CA LYS B 410 -36.02 -33.29 31.25
C LYS B 410 -36.95 -33.71 30.12
N PRO B 411 -37.80 -34.72 30.32
CA PRO B 411 -38.70 -35.15 29.23
C PRO B 411 -39.68 -34.05 28.83
N GLY B 412 -39.99 -34.02 27.54
CA GLY B 412 -40.89 -33.04 26.98
C GLY B 412 -40.29 -31.70 26.68
N LEU B 413 -39.09 -31.42 27.17
CA LEU B 413 -38.41 -30.15 26.96
C LEU B 413 -37.28 -30.31 25.95
N THR B 414 -36.60 -29.20 25.69
CA THR B 414 -35.47 -29.14 24.77
C THR B 414 -34.36 -28.34 25.44
N GLU B 415 -33.16 -28.42 24.88
CA GLU B 415 -32.03 -27.68 25.42
C GLU B 415 -31.90 -26.37 24.65
N ARG B 416 -32.92 -25.53 24.83
CA ARG B 416 -33.04 -24.25 24.16
C ARG B 416 -32.91 -23.09 25.14
N LEU B 417 -32.51 -21.94 24.60
CA LEU B 417 -32.35 -20.70 25.35
C LEU B 417 -32.71 -19.51 24.49
N GLU B 418 -33.36 -18.53 25.09
CA GLU B 418 -33.73 -17.29 24.42
C GLU B 418 -33.32 -16.17 25.36
N MET B 419 -32.49 -15.25 24.90
CA MET B 419 -32.06 -14.16 25.76
C MET B 419 -32.95 -12.95 25.49
N PHE B 420 -33.34 -12.27 26.56
CA PHE B 420 -34.19 -11.10 26.45
C PHE B 420 -33.57 -9.89 27.13
N ILE B 421 -33.82 -8.74 26.52
CA ILE B 421 -33.40 -7.44 27.03
C ILE B 421 -34.66 -6.58 27.10
N CYS B 422 -35.01 -6.16 28.32
CA CYS B 422 -36.21 -5.33 28.54
C CYS B 422 -37.47 -5.96 27.95
N GLY B 423 -37.59 -7.28 28.09
CA GLY B 423 -38.74 -8.00 27.59
C GLY B 423 -38.75 -8.25 26.10
N LYS B 424 -37.67 -7.96 25.39
CA LYS B 424 -37.60 -8.16 23.95
C LYS B 424 -36.66 -9.31 23.63
N GLU B 425 -37.15 -10.29 22.86
CA GLU B 425 -36.34 -11.43 22.47
C GLU B 425 -35.23 -10.90 21.55
N VAL B 426 -33.99 -11.26 21.85
CA VAL B 426 -32.92 -10.73 21.02
C VAL B 426 -31.97 -11.85 20.59
N LEU B 427 -32.08 -13.01 21.22
CA LEU B 427 -31.22 -14.15 20.94
C LEU B 427 -32.01 -15.44 21.03
N ASN B 428 -31.70 -16.38 20.13
CA ASN B 428 -32.35 -17.68 20.12
C ASN B 428 -31.27 -18.72 19.83
N ALA B 429 -30.99 -19.60 20.79
CA ALA B 429 -29.96 -20.61 20.61
C ALA B 429 -30.42 -21.92 21.21
N TYR B 430 -29.88 -23.02 20.72
CA TYR B 430 -30.25 -24.33 21.23
C TYR B 430 -29.44 -25.44 20.58
N THR B 431 -29.42 -26.58 21.25
CA THR B 431 -28.69 -27.76 20.76
C THR B 431 -29.46 -28.31 19.58
N GLU B 432 -28.82 -28.34 18.41
CA GLU B 432 -29.48 -28.77 17.20
C GLU B 432 -29.85 -30.24 17.21
N LEU B 433 -31.05 -30.53 16.70
CA LEU B 433 -31.56 -31.88 16.59
C LEU B 433 -30.87 -32.52 15.39
N ASN B 434 -30.14 -33.61 15.64
CA ASN B 434 -29.41 -34.30 14.58
C ASN B 434 -29.98 -35.68 14.24
N ASP B 435 -30.96 -36.17 15.00
CA ASP B 435 -31.58 -37.46 14.72
C ASP B 435 -32.65 -37.20 13.68
N PRO B 436 -32.44 -37.60 12.42
CA PRO B 436 -33.44 -37.33 11.37
C PRO B 436 -34.82 -37.90 11.65
N PHE B 437 -34.91 -39.05 12.31
CA PHE B 437 -36.21 -39.65 12.59
C PHE B 437 -37.03 -38.75 13.52
N LYS B 438 -36.41 -38.29 14.61
CA LYS B 438 -37.11 -37.39 15.51
C LYS B 438 -37.50 -36.10 14.80
N GLN B 439 -36.67 -35.68 13.83
CA GLN B 439 -36.95 -34.47 13.08
C GLN B 439 -38.22 -34.61 12.25
N LYS B 440 -38.34 -35.72 11.51
CA LYS B 440 -39.56 -35.91 10.73
C LYS B 440 -40.77 -36.01 11.65
N GLU B 441 -40.59 -36.56 12.86
CA GLU B 441 -41.70 -36.64 13.79
C GLU B 441 -42.18 -35.24 14.17
N CYS B 442 -41.24 -34.36 14.50
CA CYS B 442 -41.60 -32.98 14.87
C CYS B 442 -42.22 -32.22 13.71
N PHE B 443 -41.71 -32.45 12.49
CA PHE B 443 -42.24 -31.78 11.31
C PHE B 443 -43.67 -32.23 11.00
N LYS B 444 -43.95 -33.52 11.17
CA LYS B 444 -45.33 -33.97 10.96
C LYS B 444 -46.25 -33.38 12.03
N LEU B 445 -45.73 -33.22 13.24
CA LEU B 445 -46.53 -32.61 14.31
C LEU B 445 -46.86 -31.16 13.93
N GLN B 446 -45.87 -30.46 13.36
CA GLN B 446 -46.10 -29.08 12.92
C GLN B 446 -47.17 -29.04 11.84
N GLN B 447 -47.23 -30.08 11.00
CA GLN B 447 -48.27 -30.11 9.97
C GLN B 447 -49.64 -30.27 10.63
N LYS B 448 -49.72 -31.13 11.65
CA LYS B 448 -51.00 -31.28 12.35
C LYS B 448 -51.45 -29.95 12.92
N ASP B 449 -50.49 -29.16 13.44
CA ASP B 449 -50.85 -27.85 13.95
C ASP B 449 -51.13 -26.86 12.81
N ARG B 450 -50.64 -27.13 11.59
CA ARG B 450 -50.97 -26.26 10.46
C ARG B 450 -52.42 -26.48 10.05
N GLU B 451 -52.89 -27.73 10.20
CA GLU B 451 -54.27 -28.05 9.83
C GLU B 451 -55.26 -27.22 10.64
N LYS B 452 -54.87 -26.78 11.84
CA LYS B 452 -55.74 -25.98 12.67
C LYS B 452 -55.74 -24.50 12.27
N GLY B 453 -54.94 -24.12 11.27
CA GLY B 453 -54.89 -22.74 10.82
C GLY B 453 -53.68 -21.96 11.31
N ASP B 454 -52.50 -22.58 11.28
CA ASP B 454 -51.27 -21.94 11.72
C ASP B 454 -50.41 -21.64 10.50
N THR B 455 -50.48 -20.40 10.01
CA THR B 455 -49.71 -20.00 8.85
C THR B 455 -48.21 -19.98 9.13
N GLU B 456 -47.83 -19.90 10.39
CA GLU B 456 -46.43 -19.86 10.79
C GLU B 456 -45.93 -21.16 11.39
N ALA B 457 -46.45 -22.30 10.92
CA ALA B 457 -45.99 -23.60 11.35
C ALA B 457 -45.07 -24.12 10.25
N ALA B 458 -43.88 -24.55 10.64
CA ALA B 458 -42.87 -24.99 9.69
C ALA B 458 -43.31 -26.13 8.77
N GLN B 459 -42.99 -25.99 7.49
CA GLN B 459 -43.26 -26.98 6.47
C GLN B 459 -42.02 -27.86 6.32
N LEU B 460 -42.25 -29.13 6.00
CA LEU B 460 -41.15 -30.08 5.89
C LEU B 460 -40.28 -29.83 4.66
N ASP B 461 -38.97 -29.69 4.89
CA ASP B 461 -37.99 -29.52 3.83
C ASP B 461 -37.35 -30.89 3.61
N SER B 462 -37.69 -31.54 2.51
CA SER B 462 -37.14 -32.87 2.24
C SER B 462 -35.62 -32.81 2.07
N ALA B 463 -35.10 -31.73 1.50
CA ALA B 463 -33.66 -31.60 1.34
C ALA B 463 -32.96 -31.59 2.69
N PHE B 464 -33.52 -30.88 3.67
CA PHE B 464 -32.92 -30.81 5.00
C PHE B 464 -32.96 -32.17 5.72
N CYS B 465 -34.09 -32.87 5.64
CA CYS B 465 -34.17 -34.18 6.28
C CYS B 465 -33.16 -35.14 5.65
N THR B 466 -33.08 -35.15 4.32
CA THR B 466 -32.11 -35.99 3.64
C THR B 466 -30.70 -35.62 4.06
N SER B 467 -30.45 -34.32 4.29
CA SER B 467 -29.14 -33.87 4.71
C SER B 467 -28.79 -34.44 6.08
N LEU B 468 -29.76 -34.42 7.02
CA LEU B 468 -29.47 -34.97 8.33
C LEU B 468 -29.23 -36.47 8.26
N GLU B 469 -29.81 -37.14 7.26
CA GLU B 469 -29.59 -38.58 7.16
C GLU B 469 -28.13 -38.93 6.88
N TYR B 470 -27.37 -38.03 6.23
CA TYR B 470 -25.97 -38.36 6.01
C TYR B 470 -25.11 -38.07 7.23
N GLY B 471 -25.71 -37.67 8.34
CA GLY B 471 -24.97 -37.42 9.55
C GLY B 471 -24.68 -35.99 9.93
N LEU B 472 -25.47 -35.46 10.87
CA LEU B 472 -25.27 -34.13 11.39
C LEU B 472 -24.58 -34.31 12.73
N PRO B 473 -23.33 -33.88 12.90
CA PRO B 473 -22.67 -34.08 14.19
C PRO B 473 -23.32 -33.24 15.27
N PRO B 474 -23.07 -33.54 16.55
CA PRO B 474 -23.66 -32.72 17.62
C PRO B 474 -23.23 -31.28 17.39
N THR B 475 -24.21 -30.38 17.31
CA THR B 475 -23.92 -28.99 17.02
C THR B 475 -24.80 -28.06 17.85
N GLY B 476 -24.26 -26.90 18.16
CA GLY B 476 -24.98 -25.87 18.90
C GLY B 476 -25.16 -24.67 17.97
N GLY B 477 -26.40 -24.23 17.83
CA GLY B 477 -26.72 -23.11 16.95
C GLY B 477 -27.28 -21.94 17.70
N LEU B 478 -27.02 -20.76 17.17
CA LEU B 478 -27.52 -19.55 17.76
C LEU B 478 -27.92 -18.55 16.69
N GLY B 479 -28.76 -17.59 17.07
CA GLY B 479 -29.21 -16.54 16.20
C GLY B 479 -29.37 -15.25 16.98
N LEU B 480 -28.91 -14.16 16.39
CA LEU B 480 -28.94 -12.84 16.99
C LEU B 480 -29.79 -11.90 16.16
N GLY B 481 -30.56 -11.04 16.85
CA GLY B 481 -31.38 -10.04 16.20
C GLY B 481 -30.53 -8.78 16.24
N ILE B 482 -29.88 -8.47 15.13
CA ILE B 482 -28.99 -7.32 15.06
C ILE B 482 -29.72 -6.01 15.31
N ASP B 483 -30.90 -5.84 14.70
CA ASP B 483 -31.62 -4.58 14.84
C ASP B 483 -32.02 -4.29 16.28
N ARG B 484 -32.52 -5.29 17.00
CA ARG B 484 -32.92 -5.08 18.39
C ARG B 484 -31.71 -4.81 19.27
N ILE B 485 -30.60 -5.51 19.02
CA ILE B 485 -29.37 -5.26 19.79
C ILE B 485 -28.95 -3.82 19.58
N THR B 486 -29.01 -3.35 18.32
CA THR B 486 -28.64 -1.97 18.02
C THR B 486 -29.56 -1.00 18.74
N MET B 487 -30.86 -1.33 18.82
CA MET B 487 -31.81 -0.47 19.51
C MET B 487 -31.38 -0.25 20.95
N PHE B 488 -31.06 -1.34 21.67
CA PHE B 488 -30.68 -1.16 23.06
C PHE B 488 -29.30 -0.51 23.21
N LEU B 489 -28.37 -0.77 22.30
CA LEU B 489 -27.06 -0.15 22.43
C LEU B 489 -27.04 1.30 21.94
N THR B 490 -28.13 1.79 21.35
CA THR B 490 -28.21 3.17 20.88
C THR B 490 -29.33 3.94 21.58
N ASN B 491 -29.95 3.34 22.61
CA ASN B 491 -31.03 3.97 23.38
C ASN B 491 -32.18 4.41 22.47
N LYS B 492 -32.72 3.45 21.73
CA LYS B 492 -33.83 3.68 20.83
C LYS B 492 -35.00 2.79 21.21
N ASN B 493 -36.20 3.35 21.16
CA ASN B 493 -37.42 2.64 21.52
C ASN B 493 -38.14 2.06 20.32
N SER B 494 -37.67 2.33 19.10
CA SER B 494 -38.28 1.82 17.89
C SER B 494 -37.22 1.25 16.97
N ILE B 495 -37.54 0.13 16.31
CA ILE B 495 -36.59 -0.50 15.39
C ILE B 495 -36.38 0.40 14.19
N LYS B 496 -37.39 1.22 13.87
CA LYS B 496 -37.29 2.12 12.72
C LYS B 496 -36.16 3.12 12.90
N ASP B 497 -35.81 3.43 14.14
CA ASP B 497 -34.74 4.38 14.44
C ASP B 497 -33.35 3.77 14.22
N VAL B 498 -33.24 2.47 13.96
CA VAL B 498 -31.96 1.84 13.74
C VAL B 498 -31.85 1.22 12.35
N ILE B 499 -32.86 1.41 11.50
CA ILE B 499 -32.87 0.92 10.13
C ILE B 499 -32.91 2.14 9.22
N LEU B 500 -31.92 2.25 8.33
CA LEU B 500 -31.82 3.40 7.43
C LEU B 500 -33.11 3.67 6.68
N PHE B 501 -33.77 2.63 6.16
CA PHE B 501 -35.00 2.82 5.41
C PHE B 501 -36.00 1.75 5.82
N PRO B 502 -36.78 2.00 6.87
CA PRO B 502 -37.78 1.01 7.29
C PRO B 502 -38.89 0.88 6.28
N THR B 503 -39.60 -0.25 6.34
CA THR B 503 -40.70 -0.51 5.43
C THR B 503 -41.88 0.38 5.80
N MET B 504 -42.37 1.15 4.82
CA MET B 504 -43.50 2.04 5.07
C MET B 504 -44.37 2.15 3.82
N ARG B 505 -45.51 2.78 4.02
CA ARG B 505 -46.49 3.01 2.97
C ARG B 505 -45.94 4.01 1.95
N PRO B 506 -46.47 4.00 0.72
CA PRO B 506 -46.03 4.98 -0.26
C PRO B 506 -46.57 6.35 0.11
N ALA B 507 -45.86 7.38 -0.30
CA ALA B 507 -46.24 8.76 0.00
C ALA B 507 -47.65 9.08 -0.50
N VAL C 3 27.82 53.50 1.18
CA VAL C 3 26.41 53.88 1.22
C VAL C 3 25.62 52.85 2.02
N ASP C 4 24.29 52.95 1.93
CA ASP C 4 23.39 52.05 2.62
C ASP C 4 23.17 50.77 1.81
N PRO C 5 23.25 49.59 2.45
CA PRO C 5 23.03 48.33 1.70
C PRO C 5 21.74 48.33 0.89
N ARG C 6 20.63 48.78 1.48
CA ARG C 6 19.37 48.81 0.75
C ARG C 6 19.46 49.78 -0.43
N LEU C 7 20.04 50.96 -0.20
CA LEU C 7 20.21 51.94 -1.27
C LEU C 7 21.18 51.42 -2.33
N TYR C 8 22.25 50.75 -1.90
CA TYR C 8 23.22 50.20 -2.84
C TYR C 8 22.56 49.20 -3.77
N PHE C 9 21.76 48.29 -3.20
CA PHE C 9 21.07 47.28 -4.00
C PHE C 9 20.06 47.93 -4.94
N GLU C 10 19.28 48.89 -4.45
CA GLU C 10 18.31 49.56 -5.30
C GLU C 10 18.99 50.27 -6.46
N ASN C 11 20.15 50.88 -6.20
CA ASN C 11 20.87 51.58 -7.25
C ASN C 11 21.45 50.61 -8.29
N ARG C 12 22.01 49.48 -7.85
CA ARG C 12 22.54 48.54 -8.84
C ARG C 12 21.42 47.98 -9.70
N SER C 13 20.26 47.72 -9.10
CA SER C 13 19.12 47.23 -9.88
C SER C 13 18.69 48.26 -10.91
N LYS C 14 18.65 49.54 -10.49
CA LYS C 14 18.31 50.60 -11.42
C LYS C 14 19.33 50.68 -12.54
N PHE C 15 20.60 50.39 -12.22
CA PHE C 15 21.65 50.42 -13.24
C PHE C 15 21.43 49.32 -14.29
N ILE C 16 21.06 48.12 -13.84
CA ILE C 16 20.82 47.03 -14.79
C ILE C 16 19.65 47.39 -15.69
N GLN C 17 18.55 47.88 -15.11
CA GLN C 17 17.41 48.26 -15.93
C GLN C 17 17.78 49.43 -16.85
N ASP C 18 18.68 50.30 -16.38
CA ASP C 18 19.13 51.43 -17.19
C ASP C 18 19.90 50.94 -18.41
N GLN C 19 20.75 49.93 -18.20
CA GLN C 19 21.49 49.33 -19.30
C GLN C 19 20.54 48.70 -20.31
N LYS C 20 19.49 48.04 -19.80
CA LYS C 20 18.51 47.46 -20.71
C LYS C 20 17.83 48.56 -21.52
N ASP C 21 17.56 49.71 -20.87
CA ASP C 21 16.93 50.82 -21.56
C ASP C 21 17.85 51.36 -22.65
N LYS C 22 19.15 51.39 -22.38
CA LYS C 22 20.15 51.87 -23.34
C LYS C 22 20.51 50.82 -24.39
N GLY C 23 19.77 49.72 -24.46
CA GLY C 23 19.99 48.67 -25.43
C GLY C 23 21.08 47.65 -25.09
N ILE C 24 21.89 47.89 -24.07
CA ILE C 24 22.96 46.97 -23.72
C ILE C 24 22.41 45.80 -22.90
N ASN C 25 22.88 44.59 -23.23
CA ASN C 25 22.49 43.38 -22.52
C ASN C 25 23.47 43.21 -21.37
N PRO C 26 23.04 43.34 -20.11
CA PRO C 26 23.99 43.20 -19.00
C PRO C 26 24.43 41.78 -18.71
N TYR C 27 23.69 40.76 -19.14
CA TYR C 27 24.05 39.37 -18.91
C TYR C 27 24.22 38.68 -20.26
N PRO C 28 25.36 38.86 -20.91
CA PRO C 28 25.57 38.20 -22.20
C PRO C 28 25.55 36.69 -22.05
N HIS C 29 25.24 36.02 -23.15
CA HIS C 29 25.13 34.56 -23.15
C HIS C 29 26.46 33.83 -23.10
N LYS C 30 27.43 34.28 -23.89
CA LYS C 30 28.69 33.55 -23.96
C LYS C 30 29.92 34.43 -24.05
N PHE C 31 30.92 34.09 -23.26
CA PHE C 31 32.24 34.72 -23.25
C PHE C 31 33.20 33.54 -23.36
N GLU C 32 33.83 33.39 -24.50
CA GLU C 32 34.71 32.25 -24.73
C GLU C 32 36.09 32.47 -24.10
N ARG C 33 36.29 31.81 -22.97
CA ARG C 33 37.56 31.83 -22.26
C ARG C 33 38.61 31.01 -22.99
N THR C 34 39.84 31.52 -23.01
CA THR C 34 40.96 30.82 -23.64
C THR C 34 41.95 30.26 -22.64
N ILE C 35 41.84 30.63 -21.36
CA ILE C 35 42.73 30.17 -20.31
C ILE C 35 42.12 30.51 -18.95
N SER C 36 42.37 29.65 -17.95
CA SER C 36 41.85 29.88 -16.60
C SER C 36 42.88 30.62 -15.77
N ILE C 37 42.44 31.13 -14.61
CA ILE C 37 43.35 31.83 -13.71
C ILE C 37 44.44 30.91 -13.20
N PRO C 38 44.16 29.67 -12.77
CA PRO C 38 45.27 28.79 -12.36
C PRO C 38 46.23 28.52 -13.50
N GLU C 39 45.68 28.26 -14.68
CA GLU C 39 46.51 28.02 -15.86
C GLU C 39 47.28 29.28 -16.22
N PHE C 40 46.71 30.46 -15.95
CA PHE C 40 47.39 31.72 -16.23
C PHE C 40 48.55 31.94 -15.26
N ILE C 41 48.37 31.55 -13.99
CA ILE C 41 49.47 31.69 -13.03
C ILE C 41 50.58 30.71 -13.38
N GLU C 42 50.23 29.48 -13.79
CA GLU C 42 51.26 28.52 -14.19
C GLU C 42 52.00 28.97 -15.43
N LYS C 43 51.28 29.39 -16.46
CA LYS C 43 51.88 29.78 -17.72
C LYS C 43 52.66 31.10 -17.65
N TYR C 44 52.37 31.98 -16.69
CA TYR C 44 53.10 33.24 -16.70
C TYR C 44 53.77 33.56 -15.37
N LYS C 45 54.16 32.54 -14.60
CA LYS C 45 54.87 32.81 -13.35
C LYS C 45 56.34 33.06 -13.61
N ASP C 46 56.89 32.48 -14.68
CA ASP C 46 58.28 32.62 -15.06
C ASP C 46 58.60 33.92 -15.80
N LEU C 47 57.65 34.85 -15.88
CA LEU C 47 57.92 36.12 -16.55
C LEU C 47 58.81 37.01 -15.70
N GLY C 48 59.69 37.74 -16.36
CA GLY C 48 60.57 38.64 -15.64
C GLY C 48 59.80 39.82 -15.07
N ASN C 49 60.22 40.27 -13.91
CA ASN C 49 59.54 41.39 -13.26
C ASN C 49 59.57 42.62 -14.16
N GLY C 50 58.38 43.07 -14.57
CA GLY C 50 58.25 44.22 -15.45
C GLY C 50 58.21 43.89 -16.91
N GLU C 51 58.10 42.61 -17.28
CA GLU C 51 58.05 42.19 -18.67
C GLU C 51 56.62 42.08 -19.17
N HIS C 52 56.41 42.51 -20.40
CA HIS C 52 55.11 42.47 -21.04
C HIS C 52 55.20 41.66 -22.32
N LEU C 53 54.10 40.97 -22.65
CA LEU C 53 53.96 40.18 -23.87
C LEU C 53 52.67 40.74 -24.43
N GLU C 54 52.78 41.90 -25.10
CA GLU C 54 51.62 42.61 -25.63
C GLU C 54 51.13 42.05 -26.96
N ASP C 55 51.69 40.92 -27.37
CA ASP C 55 51.28 40.24 -28.59
C ASP C 55 50.52 38.97 -28.28
N THR C 56 50.34 38.65 -26.99
CA THR C 56 49.64 37.48 -26.51
C THR C 56 48.30 37.93 -25.96
N ILE C 57 47.26 37.87 -26.80
CA ILE C 57 45.93 38.28 -26.41
C ILE C 57 45.18 37.05 -25.90
N LEU C 58 44.72 37.13 -24.65
CA LEU C 58 44.01 36.05 -23.98
C LEU C 58 42.68 36.54 -23.45
N ASN C 59 41.79 35.57 -23.21
CA ASN C 59 40.46 35.83 -22.66
C ASN C 59 40.41 35.21 -21.27
N ILE C 60 40.21 36.05 -20.25
CA ILE C 60 40.17 35.63 -18.85
C ILE C 60 38.81 35.94 -18.25
N THR C 61 38.28 35.00 -17.48
CA THR C 61 37.02 35.18 -16.79
C THR C 61 37.30 35.29 -15.30
N GLY C 62 36.34 35.79 -14.54
CA GLY C 62 36.58 35.86 -13.12
C GLY C 62 35.63 36.77 -12.39
N ARG C 63 35.81 36.81 -11.06
CA ARG C 63 35.00 37.65 -10.19
C ARG C 63 35.88 38.71 -9.56
N ILE C 64 35.44 39.98 -9.66
CA ILE C 64 36.19 41.09 -9.08
C ILE C 64 35.94 41.10 -7.58
N MET C 65 37.03 41.08 -6.80
CA MET C 65 36.94 41.07 -5.35
C MET C 65 37.70 42.20 -4.67
N ARG C 66 38.29 43.12 -5.43
CA ARG C 66 39.05 44.23 -4.89
C ARG C 66 39.11 45.30 -5.97
N VAL C 67 38.70 46.52 -5.62
CA VAL C 67 38.70 47.63 -6.58
C VAL C 67 39.55 48.77 -6.02
N SER C 68 40.59 49.14 -6.77
CA SER C 68 41.50 50.21 -6.41
C SER C 68 41.88 50.97 -7.67
N ALA C 69 42.17 52.25 -7.50
CA ALA C 69 42.54 53.09 -8.63
C ALA C 69 43.66 54.05 -8.25
N SER C 70 44.61 54.20 -9.16
CA SER C 70 45.75 55.10 -9.02
C SER C 70 45.61 56.11 -10.14
N GLY C 71 44.80 57.14 -9.90
CA GLY C 71 44.52 58.14 -10.90
C GLY C 71 43.37 57.71 -11.78
N GLN C 72 42.97 58.62 -12.68
CA GLN C 72 41.85 58.32 -13.57
C GLN C 72 42.22 57.36 -14.69
N LYS C 73 43.51 57.24 -15.04
CA LYS C 73 43.92 56.39 -16.14
C LYS C 73 44.54 55.06 -15.72
N LEU C 74 44.52 54.72 -14.44
CA LEU C 74 45.07 53.45 -13.96
C LEU C 74 44.09 52.84 -12.97
N ARG C 75 43.62 51.63 -13.26
CA ARG C 75 42.66 50.93 -12.41
C ARG C 75 43.22 49.55 -12.06
N PHE C 76 43.26 49.23 -10.77
CA PHE C 76 43.75 47.93 -10.35
C PHE C 76 42.64 47.15 -9.68
N PHE C 77 42.54 45.85 -10.00
CA PHE C 77 41.54 45.00 -9.38
C PHE C 77 42.14 43.65 -9.04
N ASP C 78 41.41 42.91 -8.22
CA ASP C 78 41.77 41.54 -7.87
C ASP C 78 40.72 40.64 -8.50
N LEU C 79 41.14 39.77 -9.39
CA LEU C 79 40.25 38.86 -10.09
C LEU C 79 40.47 37.48 -9.49
N VAL C 80 39.40 36.89 -8.97
CA VAL C 80 39.47 35.56 -8.35
C VAL C 80 38.77 34.57 -9.26
N GLY C 81 39.25 33.33 -9.17
CA GLY C 81 38.73 32.21 -9.93
C GLY C 81 39.34 30.90 -9.49
N ASP C 82 38.50 29.89 -9.23
CA ASP C 82 38.96 28.57 -8.81
C ASP C 82 39.90 28.63 -7.61
N GLY C 83 39.51 29.41 -6.61
CA GLY C 83 40.30 29.54 -5.41
C GLY C 83 41.62 30.26 -5.58
N GLU C 84 41.86 30.90 -6.72
CA GLU C 84 43.11 31.62 -6.93
C GLU C 84 42.82 33.06 -7.32
N LYS C 85 43.88 33.88 -7.34
CA LYS C 85 43.73 35.30 -7.59
C LYS C 85 44.89 35.90 -8.38
N ILE C 86 44.54 36.83 -9.26
CA ILE C 86 45.49 37.59 -10.07
C ILE C 86 45.07 39.04 -10.01
N GLN C 87 45.96 39.92 -10.47
CA GLN C 87 45.66 41.34 -10.50
C GLN C 87 45.31 41.74 -11.91
N VAL C 88 44.44 42.74 -12.04
CA VAL C 88 44.01 43.27 -13.32
C VAL C 88 44.48 44.71 -13.35
N LEU C 89 45.42 45.02 -14.24
CA LEU C 89 46.00 46.35 -14.37
C LEU C 89 45.45 46.97 -15.65
N ALA C 90 44.36 47.74 -15.51
CA ALA C 90 43.73 48.40 -16.65
C ALA C 90 44.36 49.78 -16.82
N ASN C 91 45.16 49.92 -17.87
CA ASN C 91 45.84 51.17 -18.18
C ASN C 91 45.20 51.76 -19.43
N TYR C 92 44.95 53.07 -19.40
CA TYR C 92 44.32 53.74 -20.53
C TYR C 92 45.22 53.75 -21.78
N SER C 93 46.52 53.49 -21.62
CA SER C 93 47.37 53.42 -22.79
C SER C 93 47.11 52.15 -23.61
N PHE C 94 46.47 51.14 -23.01
CA PHE C 94 46.20 49.87 -23.66
C PHE C 94 44.73 49.64 -23.97
N HIS C 95 43.84 50.53 -23.52
CA HIS C 95 42.41 50.36 -23.74
C HIS C 95 42.03 50.49 -25.21
N ASN C 96 41.09 49.64 -25.64
CA ASN C 96 40.56 49.65 -27.00
C ASN C 96 39.44 50.68 -27.01
N HIS C 97 39.79 51.91 -27.41
CA HIS C 97 38.83 53.00 -27.42
C HIS C 97 37.72 52.84 -28.43
N GLU C 98 37.84 51.88 -29.34
CA GLU C 98 36.80 51.65 -30.32
C GLU C 98 35.55 51.03 -29.71
N LYS C 99 35.67 50.40 -28.54
CA LYS C 99 34.54 49.74 -27.90
C LYS C 99 33.98 50.48 -26.68
N GLY C 100 34.33 51.73 -26.48
CA GLY C 100 33.80 52.49 -25.36
C GLY C 100 34.82 53.33 -24.61
N ASN C 101 34.30 54.28 -23.82
CA ASN C 101 35.15 55.15 -23.03
C ASN C 101 35.74 54.38 -21.85
N PHE C 102 37.00 54.69 -21.54
CA PHE C 102 37.72 54.02 -20.46
C PHE C 102 37.01 54.18 -19.12
N ALA C 103 36.79 55.43 -18.70
CA ALA C 103 36.13 55.68 -17.42
C ALA C 103 34.72 55.11 -17.40
N GLU C 104 33.95 55.38 -18.46
CA GLU C 104 32.58 54.87 -18.53
C GLU C 104 32.53 53.36 -18.33
N CYS C 105 33.54 52.66 -18.84
CA CYS C 105 33.59 51.20 -18.73
C CYS C 105 34.00 50.72 -17.35
N TYR C 106 35.15 51.19 -16.85
CA TYR C 106 35.60 50.69 -15.55
C TYR C 106 34.85 51.29 -14.36
N ASP C 107 34.14 52.40 -14.52
CA ASP C 107 33.39 52.93 -13.39
C ASP C 107 32.22 52.01 -13.05
N LYS C 108 31.72 51.28 -14.05
CA LYS C 108 30.61 50.35 -13.85
C LYS C 108 31.04 49.16 -12.99
N ILE C 109 32.34 48.84 -12.99
CA ILE C 109 32.84 47.70 -12.24
C ILE C 109 32.72 47.94 -10.74
N ARG C 110 32.19 46.95 -10.03
CA ARG C 110 32.03 46.97 -8.59
C ARG C 110 32.52 45.65 -8.04
N ARG C 111 32.85 45.63 -6.75
CA ARG C 111 33.34 44.42 -6.10
C ARG C 111 32.30 43.32 -6.17
N GLY C 112 32.66 42.19 -6.76
CA GLY C 112 31.78 41.04 -6.90
C GLY C 112 31.28 40.81 -8.30
N ASP C 113 31.61 41.67 -9.25
CA ASP C 113 31.15 41.51 -10.63
C ASP C 113 31.91 40.43 -11.38
N ILE C 114 31.17 39.59 -12.08
CA ILE C 114 31.73 38.54 -12.93
C ILE C 114 32.04 39.22 -14.26
N VAL C 115 33.32 39.24 -14.63
CA VAL C 115 33.75 39.89 -15.85
C VAL C 115 34.51 38.95 -16.77
N GLY C 116 34.57 39.37 -18.04
CA GLY C 116 35.25 38.74 -19.15
C GLY C 116 36.23 39.81 -19.61
N ILE C 117 37.52 39.48 -19.68
CA ILE C 117 38.57 40.43 -20.01
C ILE C 117 39.40 39.92 -21.19
N VAL C 118 39.61 40.82 -22.16
CA VAL C 118 40.44 40.55 -23.32
C VAL C 118 41.72 41.34 -23.10
N GLY C 119 42.84 40.65 -22.86
CA GLY C 119 44.06 41.39 -22.62
C GLY C 119 45.35 40.65 -22.91
N PHE C 120 46.42 41.04 -22.24
CA PHE C 120 47.72 40.41 -22.40
C PHE C 120 48.38 40.25 -21.04
N PRO C 121 49.14 39.19 -20.85
CA PRO C 121 49.77 38.96 -19.54
C PRO C 121 51.00 39.82 -19.33
N GLY C 122 51.42 39.90 -18.07
CA GLY C 122 52.61 40.65 -17.74
C GLY C 122 52.77 40.77 -16.25
N LYS C 123 53.88 41.38 -15.86
CA LYS C 123 54.17 41.62 -14.45
C LYS C 123 54.30 43.12 -14.23
N SER C 124 53.99 43.55 -13.01
CA SER C 124 54.09 44.96 -12.69
C SER C 124 55.56 45.35 -12.59
N LYS C 125 55.80 46.61 -12.26
CA LYS C 125 57.18 47.08 -12.12
C LYS C 125 57.92 46.29 -11.05
N LYS C 126 57.23 45.94 -9.97
CA LYS C 126 57.85 45.18 -8.89
C LYS C 126 57.87 43.68 -9.19
N GLY C 127 56.83 43.17 -9.85
CA GLY C 127 56.77 41.76 -10.15
C GLY C 127 55.44 41.10 -9.87
N GLU C 128 54.40 41.90 -9.61
CA GLU C 128 53.08 41.34 -9.35
C GLU C 128 52.47 40.89 -10.67
N LEU C 129 52.23 39.59 -10.81
CA LEU C 129 51.65 39.07 -12.04
C LEU C 129 50.26 39.65 -12.24
N SER C 130 50.02 40.18 -13.43
CA SER C 130 48.75 40.81 -13.73
C SER C 130 48.38 40.61 -15.20
N ILE C 131 47.10 40.86 -15.48
CA ILE C 131 46.50 40.80 -16.79
C ILE C 131 46.17 42.23 -17.19
N PHE C 132 46.66 42.67 -18.35
CA PHE C 132 46.39 44.04 -18.74
C PHE C 132 45.32 43.98 -19.81
N PRO C 133 44.12 44.48 -19.53
CA PRO C 133 43.03 44.38 -20.49
C PRO C 133 42.96 45.46 -21.55
N LYS C 134 42.62 45.03 -22.76
CA LYS C 134 42.33 45.91 -23.87
C LYS C 134 40.85 46.23 -23.88
N GLU C 135 40.08 45.38 -23.19
CA GLU C 135 38.63 45.47 -23.09
C GLU C 135 38.17 44.64 -21.89
N THR C 136 37.15 45.12 -21.20
CA THR C 136 36.56 44.43 -20.05
C THR C 136 35.06 44.40 -20.27
N ILE C 137 34.48 43.21 -20.23
CA ILE C 137 33.04 43.02 -20.44
C ILE C 137 32.39 42.55 -19.15
N LEU C 138 31.24 43.15 -18.82
CA LEU C 138 30.50 42.78 -17.62
C LEU C 138 29.65 41.56 -17.95
N LEU C 139 29.93 40.43 -17.29
CA LEU C 139 29.18 39.21 -17.55
C LEU C 139 28.02 39.03 -16.58
N SER C 140 28.23 39.29 -15.29
CA SER C 140 27.17 39.13 -14.30
C SER C 140 27.50 40.03 -13.10
N ALA C 141 26.78 41.13 -12.95
CA ALA C 141 27.04 42.06 -11.87
C ALA C 141 26.54 41.56 -10.51
N CYS C 142 27.23 41.99 -9.46
CA CYS C 142 26.87 41.68 -8.08
C CYS C 142 26.05 42.85 -7.58
N LEU C 143 24.73 42.63 -7.44
CA LEU C 143 23.83 43.70 -7.03
C LEU C 143 23.96 44.09 -5.57
N HIS C 144 24.48 43.22 -4.72
CA HIS C 144 24.62 43.51 -3.29
C HIS C 144 26.07 43.83 -2.96
N MET C 145 26.27 44.35 -1.75
CA MET C 145 27.62 44.64 -1.26
C MET C 145 28.16 43.36 -0.64
N LEU C 146 29.17 42.78 -1.24
CA LEU C 146 29.74 41.57 -0.68
C LEU C 146 30.40 41.90 0.66
N PRO C 147 30.07 41.19 1.72
CA PRO C 147 30.71 41.45 3.02
C PRO C 147 32.21 41.23 2.87
N MET C 148 32.99 41.88 3.73
CA MET C 148 34.42 41.74 3.62
C MET C 148 34.91 40.54 4.46
N LYS C 149 36.22 40.34 4.47
CA LYS C 149 36.86 39.21 5.16
C LYS C 149 36.29 38.89 6.53
N TYR C 150 36.16 39.89 7.40
CA TYR C 150 35.64 39.67 8.74
C TYR C 150 34.11 39.74 8.81
N GLY C 151 33.43 40.00 7.70
CA GLY C 151 31.98 40.10 7.74
C GLY C 151 31.30 38.81 8.17
N LEU C 152 31.75 37.68 7.64
CA LEU C 152 31.15 36.37 7.96
C LEU C 152 32.03 35.69 9.00
N LYS C 153 31.84 36.06 10.27
CA LYS C 153 32.62 35.49 11.35
C LYS C 153 31.79 34.63 12.29
N ASP C 154 30.73 35.17 12.88
CA ASP C 154 29.88 34.43 13.80
C ASP C 154 28.44 34.28 13.32
N THR C 155 28.04 34.97 12.25
CA THR C 155 26.68 34.88 11.76
C THR C 155 26.42 33.53 11.09
N GLU C 156 25.15 33.13 11.11
CA GLU C 156 24.71 31.88 10.50
C GLU C 156 24.63 31.98 8.98
N ILE C 157 24.96 33.16 8.42
CA ILE C 157 24.90 33.33 6.97
C ILE C 157 25.91 32.44 6.27
N ARG C 158 26.90 31.90 7.00
CA ARG C 158 27.84 30.97 6.40
C ARG C 158 27.11 29.71 5.96
N TYR C 159 26.05 29.36 6.69
CA TYR C 159 25.23 28.17 6.48
C TYR C 159 24.02 28.45 5.60
N ARG C 160 23.41 29.63 5.73
CA ARG C 160 22.24 30.00 4.96
C ARG C 160 22.58 30.60 3.60
N GLN C 161 23.78 31.15 3.46
CA GLN C 161 24.29 31.78 2.25
C GLN C 161 25.70 31.30 1.96
N ARG C 162 25.87 29.97 1.98
CA ARG C 162 27.16 29.31 1.76
C ARG C 162 27.95 29.89 0.59
N TYR C 163 27.30 30.42 -0.44
CA TYR C 163 28.04 30.99 -1.55
C TYR C 163 28.91 32.15 -1.06
N LEU C 164 28.38 32.96 -0.13
CA LEU C 164 29.16 34.07 0.40
C LEU C 164 30.35 33.53 1.18
N ASP C 165 30.14 32.43 1.91
CA ASP C 165 31.22 31.82 2.69
C ASP C 165 32.32 31.31 1.76
N LEU C 166 31.94 30.73 0.63
CA LEU C 166 32.92 30.20 -0.32
C LEU C 166 33.65 31.33 -1.04
N LEU C 167 33.00 32.48 -1.22
CA LEU C 167 33.64 33.59 -1.91
C LEU C 167 34.53 34.43 -1.01
N ILE C 168 34.24 34.48 0.29
CA ILE C 168 35.00 35.32 1.22
C ILE C 168 36.08 34.56 1.97
N ASN C 169 35.72 33.47 2.64
CA ASN C 169 36.66 32.71 3.45
C ASN C 169 37.44 31.70 2.60
N GLU C 170 38.77 31.80 2.66
CA GLU C 170 39.61 30.88 1.90
C GLU C 170 39.58 29.47 2.50
N SER C 171 39.38 29.37 3.81
CA SER C 171 39.33 28.07 4.47
C SER C 171 38.09 27.26 4.12
N SER C 172 36.99 27.91 3.72
CA SER C 172 35.77 27.18 3.39
C SER C 172 35.97 26.30 2.14
N ARG C 173 36.51 26.89 1.07
CA ARG C 173 36.75 26.11 -0.14
C ARG C 173 37.68 24.94 0.16
N HIS C 174 38.70 25.18 0.99
CA HIS C 174 39.63 24.12 1.36
C HIS C 174 38.94 23.01 2.14
N THR C 175 38.04 23.39 3.05
CA THR C 175 37.34 22.39 3.85
C THR C 175 36.52 21.46 2.97
N PHE C 176 35.78 22.02 2.00
CA PHE C 176 34.99 21.14 1.15
C PHE C 176 35.85 20.38 0.15
N VAL C 177 36.98 20.95 -0.28
CA VAL C 177 37.87 20.22 -1.17
C VAL C 177 38.41 18.99 -0.44
N THR C 178 38.79 19.17 0.83
CA THR C 178 39.28 18.05 1.62
C THR C 178 38.18 17.02 1.82
N ARG C 179 36.93 17.48 1.97
CA ARG C 179 35.81 16.55 2.12
C ARG C 179 35.70 15.65 0.89
N THR C 180 35.70 16.25 -0.29
CA THR C 180 35.61 15.45 -1.51
C THR C 180 36.81 14.52 -1.64
N LYS C 181 37.99 14.96 -1.19
CA LYS C 181 39.16 14.09 -1.26
C LYS C 181 38.98 12.89 -0.33
N ILE C 182 38.36 13.11 0.84
CA ILE C 182 38.13 12.01 1.77
C ILE C 182 37.20 10.99 1.15
N ILE C 183 36.11 11.46 0.52
CA ILE C 183 35.17 10.54 -0.11
C ILE C 183 35.82 9.83 -1.30
N ASN C 184 36.62 10.55 -2.09
CA ASN C 184 37.28 9.92 -3.23
C ASN C 184 38.25 8.84 -2.78
N PHE C 185 39.02 9.10 -1.74
CA PHE C 185 39.95 8.08 -1.27
C PHE C 185 39.18 6.91 -0.68
N LEU C 186 38.05 7.14 -0.01
CA LEU C 186 37.29 6.00 0.48
C LEU C 186 36.80 5.13 -0.67
N ARG C 187 36.27 5.76 -1.73
CA ARG C 187 35.78 4.99 -2.87
C ARG C 187 36.90 4.22 -3.54
N ASN C 188 38.05 4.86 -3.75
CA ASN C 188 39.16 4.18 -4.40
C ASN C 188 39.71 3.07 -3.51
N PHE C 189 39.73 3.31 -2.20
CA PHE C 189 40.21 2.31 -1.25
C PHE C 189 39.33 1.07 -1.31
N LEU C 190 38.02 1.26 -1.45
CA LEU C 190 37.11 0.13 -1.51
C LEU C 190 37.14 -0.55 -2.87
N ASN C 191 37.26 0.22 -3.96
CA ASN C 191 37.29 -0.38 -5.29
C ASN C 191 38.56 -1.20 -5.50
N GLU C 192 39.70 -0.69 -5.04
CA GLU C 192 40.96 -1.43 -5.16
C GLU C 192 40.91 -2.77 -4.43
N ARG C 193 40.02 -2.91 -3.45
CA ARG C 193 39.85 -4.16 -2.71
C ARG C 193 38.76 -5.04 -3.30
N GLY C 194 38.28 -4.71 -4.49
CA GLY C 194 37.24 -5.50 -5.11
C GLY C 194 35.85 -5.30 -4.57
N PHE C 195 35.57 -4.17 -3.90
CA PHE C 195 34.22 -3.98 -3.39
C PHE C 195 33.34 -3.40 -4.49
N PHE C 196 32.08 -3.81 -4.47
CA PHE C 196 31.11 -3.41 -5.48
C PHE C 196 30.16 -2.36 -4.92
N GLU C 197 30.28 -1.13 -5.41
CA GLU C 197 29.40 -0.06 -5.00
C GLU C 197 27.99 -0.35 -5.50
N VAL C 198 26.99 -0.01 -4.69
CA VAL C 198 25.59 -0.28 -5.01
C VAL C 198 24.75 0.91 -4.57
N GLU C 199 23.46 0.83 -4.79
CA GLU C 199 22.54 1.90 -4.44
C GLU C 199 21.26 1.37 -3.80
N THR C 200 21.00 1.74 -2.56
CA THR C 200 19.81 1.25 -1.82
C THR C 200 18.63 2.22 -1.69
N PRO C 201 17.39 1.76 -1.83
CA PRO C 201 16.24 2.68 -1.82
C PRO C 201 16.19 3.47 -0.52
N MET C 202 16.01 4.78 -0.65
CA MET C 202 15.94 5.64 0.53
C MET C 202 14.55 5.61 1.15
N MET C 203 13.53 5.30 0.36
CA MET C 203 12.15 5.19 0.84
C MET C 203 11.89 3.72 1.09
N ASN C 204 11.59 3.36 2.33
CA ASN C 204 11.38 1.97 2.68
C ASN C 204 10.04 1.76 3.36
N LEU C 205 9.54 0.52 3.27
CA LEU C 205 8.29 0.16 3.93
C LEU C 205 8.51 0.14 5.43
N ILE C 206 9.75 -0.14 5.84
CA ILE C 206 10.19 -0.20 7.23
C ILE C 206 11.63 0.27 7.28
N ALA C 207 11.93 1.16 8.23
CA ALA C 207 13.27 1.70 8.38
C ALA C 207 13.99 0.93 9.49
N GLY C 208 15.04 0.19 9.10
CA GLY C 208 15.81 -0.60 10.03
C GLY C 208 17.31 -0.38 9.85
N GLY C 209 18.07 -1.08 10.68
CA GLY C 209 19.52 -1.00 10.64
C GLY C 209 20.14 -0.24 11.79
N ALA C 210 19.36 0.51 12.55
CA ALA C 210 19.88 1.27 13.68
C ALA C 210 18.71 1.59 14.61
N ASN C 211 19.01 2.31 15.69
CA ASN C 211 18.03 2.71 16.69
C ASN C 211 17.85 4.23 16.56
N ALA C 212 16.87 4.63 15.77
CA ALA C 212 16.63 6.06 15.56
C ALA C 212 15.22 6.28 15.03
N ARG C 213 14.68 7.45 15.32
CA ARG C 213 13.35 7.82 14.86
C ARG C 213 13.43 8.20 13.39
N PRO C 214 12.69 7.54 12.51
CA PRO C 214 12.77 7.86 11.09
C PRO C 214 11.73 8.86 10.59
N PHE C 215 12.05 9.46 9.45
CA PHE C 215 11.15 10.38 8.79
C PHE C 215 10.10 9.57 8.04
N ILE C 216 8.95 10.18 7.77
CA ILE C 216 7.89 9.48 7.06
C ILE C 216 7.26 10.40 6.02
N THR C 217 6.99 9.83 4.84
CA THR C 217 6.37 10.51 3.73
C THR C 217 5.28 9.62 3.16
N HIS C 218 4.62 10.08 2.10
CA HIS C 218 3.54 9.32 1.50
C HIS C 218 3.55 9.40 -0.01
N HIS C 219 3.40 8.25 -0.67
CA HIS C 219 3.31 8.17 -2.12
C HIS C 219 1.83 8.18 -2.44
N ASN C 220 1.40 9.17 -3.24
CA ASN C 220 -0.01 9.35 -3.54
C ASN C 220 -0.59 8.28 -4.45
N ASP C 221 0.06 7.97 -5.57
CA ASP C 221 -0.50 6.96 -6.48
C ASP C 221 -0.70 5.62 -5.78
N LEU C 222 0.38 5.03 -5.27
CA LEU C 222 0.24 3.76 -4.58
C LEU C 222 -0.47 3.92 -3.24
N ASP C 223 -0.64 5.16 -2.76
CA ASP C 223 -1.27 5.45 -1.48
C ASP C 223 -0.58 4.60 -0.41
N LEU C 224 0.72 4.85 -0.26
CA LEU C 224 1.53 4.08 0.65
C LEU C 224 2.42 4.98 1.50
N ASP C 225 2.48 4.71 2.79
CA ASP C 225 3.35 5.47 3.69
C ASP C 225 4.74 4.87 3.62
N LEU C 226 5.73 5.69 3.27
CA LEU C 226 7.10 5.23 3.16
C LEU C 226 7.97 5.90 4.22
N TYR C 227 9.02 5.19 4.63
CA TYR C 227 9.94 5.68 5.64
C TYR C 227 11.30 5.94 5.03
N LEU C 228 11.95 7.00 5.47
CA LEU C 228 13.29 7.32 5.01
C LEU C 228 14.26 6.39 5.72
N ARG C 229 15.26 5.93 4.98
CA ARG C 229 16.21 4.98 5.56
C ARG C 229 17.05 5.60 6.66
N ILE C 230 17.13 4.91 7.79
CA ILE C 230 17.95 5.37 8.91
C ILE C 230 19.35 4.81 8.78
N ALA C 231 19.53 3.79 7.95
CA ALA C 231 20.80 3.12 7.67
C ALA C 231 20.59 2.22 6.47
N THR C 232 21.70 1.82 5.85
CA THR C 232 21.69 0.95 4.69
C THR C 232 22.11 -0.47 5.03
N GLU C 233 22.09 -0.82 6.31
CA GLU C 233 22.54 -2.12 6.81
C GLU C 233 21.73 -3.30 6.26
N LEU C 234 20.41 -3.32 6.50
CA LEU C 234 19.59 -4.46 6.10
C LEU C 234 19.64 -4.79 4.61
N PRO C 235 19.32 -3.87 3.69
CA PRO C 235 19.38 -4.25 2.26
C PRO C 235 20.78 -4.63 1.80
N LEU C 236 21.83 -4.05 2.40
CA LEU C 236 23.17 -4.45 2.01
C LEU C 236 23.42 -5.92 2.38
N LYS C 237 22.97 -6.33 3.58
CA LYS C 237 23.12 -7.75 3.91
C LYS C 237 22.27 -8.58 2.96
N MET C 238 21.12 -8.06 2.54
CA MET C 238 20.30 -8.80 1.59
C MET C 238 21.08 -9.02 0.29
N LEU C 239 21.87 -8.03 -0.11
CA LEU C 239 22.69 -8.18 -1.31
C LEU C 239 23.78 -9.22 -1.07
N ILE C 240 24.30 -9.28 0.16
CA ILE C 240 25.31 -10.30 0.48
C ILE C 240 24.68 -11.67 0.26
N VAL C 241 23.40 -11.82 0.62
CA VAL C 241 22.70 -13.07 0.40
C VAL C 241 22.62 -13.35 -1.11
N GLY C 242 22.58 -12.29 -1.92
CA GLY C 242 22.51 -12.40 -3.37
C GLY C 242 23.79 -12.79 -4.07
N GLY C 243 24.91 -12.86 -3.34
CA GLY C 243 26.17 -13.23 -3.93
C GLY C 243 27.19 -12.12 -4.09
N ILE C 244 26.82 -10.86 -3.88
CA ILE C 244 27.78 -9.78 -4.00
C ILE C 244 28.50 -9.80 -2.66
N ASP C 245 29.55 -10.62 -2.56
CA ASP C 245 30.28 -10.82 -1.31
C ASP C 245 30.96 -9.56 -0.80
N LYS C 246 31.38 -8.66 -1.67
CA LYS C 246 32.02 -7.41 -1.26
C LYS C 246 31.12 -6.31 -1.79
N VAL C 247 30.29 -5.73 -0.92
CA VAL C 247 29.36 -4.71 -1.36
C VAL C 247 29.45 -3.51 -0.41
N TYR C 248 29.08 -2.33 -0.91
CA TYR C 248 29.12 -1.14 -0.08
C TYR C 248 28.25 -0.07 -0.72
N GLU C 249 28.04 1.01 0.04
CA GLU C 249 27.25 2.14 -0.42
C GLU C 249 27.59 3.37 0.39
N ILE C 250 27.80 4.49 -0.32
CA ILE C 250 28.12 5.78 0.25
C ILE C 250 26.95 6.69 -0.09
N GLY C 251 26.11 6.98 0.89
CA GLY C 251 24.97 7.83 0.56
C GLY C 251 24.39 8.53 1.77
N LYS C 252 23.33 9.29 1.51
CA LYS C 252 22.65 10.04 2.56
C LYS C 252 21.65 9.17 3.31
N VAL C 253 21.67 9.28 4.63
CA VAL C 253 20.75 8.57 5.51
C VAL C 253 20.05 9.64 6.33
N PHE C 254 18.80 9.34 6.73
CA PHE C 254 17.95 10.28 7.43
C PHE C 254 17.51 9.74 8.79
N ARG C 255 17.68 10.56 9.82
CA ARG C 255 17.28 10.21 11.17
C ARG C 255 16.60 11.43 11.79
N ASN C 256 15.34 11.27 12.20
CA ASN C 256 14.54 12.34 12.80
C ASN C 256 14.88 12.37 14.29
N GLU C 257 15.93 13.12 14.62
CA GLU C 257 16.41 13.24 16.00
C GLU C 257 16.77 14.68 16.28
N GLY C 258 17.49 14.87 17.38
CA GLY C 258 17.94 16.19 17.76
C GLY C 258 19.11 16.64 16.90
N ILE C 259 19.18 17.95 16.69
CA ILE C 259 20.23 18.58 15.89
C ILE C 259 21.23 19.19 16.87
N ASP C 260 22.52 19.03 16.58
CA ASP C 260 23.56 19.57 17.45
C ASP C 260 24.82 19.77 16.61
N ASN C 261 25.95 20.02 17.28
CA ASN C 261 27.19 20.23 16.55
C ASN C 261 27.70 18.96 15.86
N THR C 262 27.19 17.79 16.25
CA THR C 262 27.61 16.54 15.65
C THR C 262 26.45 15.75 15.08
N HIS C 263 25.28 16.36 14.93
CA HIS C 263 24.10 15.68 14.39
C HIS C 263 23.39 16.57 13.39
N ASN C 264 23.28 16.09 12.15
CA ASN C 264 22.56 16.77 11.08
C ASN C 264 21.42 15.82 10.70
N PRO C 265 20.18 16.31 10.54
CA PRO C 265 19.08 15.40 10.17
C PRO C 265 19.42 14.44 9.05
N GLU C 266 20.15 14.90 8.04
CA GLU C 266 20.55 14.05 6.92
C GLU C 266 22.08 14.04 6.91
N PHE C 267 22.68 12.86 6.91
CA PHE C 267 24.14 12.79 6.92
C PHE C 267 24.62 11.69 5.99
N THR C 268 25.85 11.86 5.50
CA THR C 268 26.46 10.92 4.58
C THR C 268 27.16 9.81 5.34
N SER C 269 26.73 8.57 5.09
CA SER C 269 27.33 7.40 5.73
C SER C 269 27.77 6.42 4.66
N CYS C 270 28.84 5.69 4.98
CA CYS C 270 29.38 4.67 4.10
C CYS C 270 29.34 3.34 4.82
N GLU C 271 28.60 2.38 4.28
CA GLU C 271 28.51 1.07 4.91
C GLU C 271 28.99 0.02 3.92
N PHE C 272 29.92 -0.83 4.36
CA PHE C 272 30.49 -1.85 3.50
C PHE C 272 30.42 -3.19 4.20
N TYR C 273 29.94 -4.21 3.48
CA TYR C 273 29.79 -5.55 4.00
C TYR C 273 30.72 -6.46 3.21
N TRP C 274 31.46 -7.29 3.96
CA TRP C 274 32.49 -8.17 3.44
C TRP C 274 32.21 -9.59 3.91
N ALA C 275 31.86 -10.45 2.96
CA ALA C 275 31.53 -11.83 3.26
C ALA C 275 32.77 -12.61 3.69
N TYR C 276 32.56 -13.56 4.60
CA TYR C 276 33.62 -14.42 5.14
C TYR C 276 34.64 -13.60 5.91
N ALA C 277 34.21 -12.45 6.42
CA ALA C 277 35.04 -11.55 7.21
C ALA C 277 34.63 -11.64 8.66
N ASP C 278 35.43 -11.10 9.56
CA ASP C 278 35.13 -11.18 10.97
C ASP C 278 35.07 -9.79 11.56
N TYR C 279 35.20 -9.69 12.86
CA TYR C 279 35.35 -8.38 13.46
C TYR C 279 36.82 -8.04 13.65
N ASN C 280 37.69 -9.06 13.68
CA ASN C 280 39.12 -8.77 13.75
C ASN C 280 39.54 -8.16 12.42
N ASP C 281 38.93 -8.65 11.33
CA ASP C 281 39.18 -8.10 10.01
C ASP C 281 38.72 -6.66 9.97
N LEU C 282 37.60 -6.36 10.64
CA LEU C 282 37.09 -5.00 10.68
C LEU C 282 38.01 -4.09 11.48
N ILE C 283 38.61 -4.63 12.56
CA ILE C 283 39.56 -3.85 13.34
C ILE C 283 40.74 -3.47 12.47
N LYS C 284 41.31 -4.45 11.77
CA LYS C 284 42.44 -4.18 10.90
C LYS C 284 42.06 -3.23 9.77
N TRP C 285 40.87 -3.40 9.19
CA TRP C 285 40.44 -2.52 8.12
C TRP C 285 40.34 -1.09 8.61
N SER C 286 39.78 -0.90 9.81
CA SER C 286 39.63 0.43 10.38
C SER C 286 40.99 1.09 10.60
N GLU C 287 41.92 0.36 11.21
CA GLU C 287 43.24 0.95 11.47
C GLU C 287 43.95 1.26 10.15
N ASP C 288 43.93 0.32 9.21
CA ASP C 288 44.57 0.55 7.92
C ASP C 288 43.97 1.74 7.20
N PHE C 289 42.64 1.79 7.11
CA PHE C 289 41.97 2.86 6.41
C PHE C 289 42.21 4.23 7.04
N PHE C 290 42.00 4.37 8.36
CA PHE C 290 42.22 5.71 8.92
C PHE C 290 43.69 6.12 8.86
N SER C 291 44.62 5.19 9.08
CA SER C 291 46.03 5.57 9.01
C SER C 291 46.39 6.04 7.62
N GLN C 292 45.99 5.28 6.59
CA GLN C 292 46.31 5.68 5.23
C GLN C 292 45.54 6.93 4.80
N LEU C 293 44.34 7.14 5.34
CA LEU C 293 43.56 8.33 4.99
C LEU C 293 44.24 9.59 5.51
N VAL C 294 44.62 9.57 6.79
CA VAL C 294 45.28 10.73 7.37
C VAL C 294 46.63 10.97 6.70
N TYR C 295 47.37 9.89 6.37
CA TYR C 295 48.65 10.11 5.71
C TYR C 295 48.46 10.62 4.29
N HIS C 296 47.39 10.17 3.60
CA HIS C 296 47.12 10.62 2.25
C HIS C 296 46.75 12.09 2.23
N LEU C 297 46.09 12.58 3.28
CA LEU C 297 45.71 13.99 3.28
C LEU C 297 46.81 14.91 3.78
N PHE C 298 47.43 14.62 4.94
CA PHE C 298 48.44 15.53 5.47
C PHE C 298 49.87 15.06 5.31
N GLY C 299 50.12 13.86 4.79
CA GLY C 299 51.49 13.42 4.68
C GLY C 299 52.11 13.11 6.02
N THR C 300 51.28 12.94 7.05
CA THR C 300 51.71 12.63 8.41
C THR C 300 50.57 11.92 9.11
N TYR C 301 50.91 11.22 10.18
CA TYR C 301 49.92 10.49 10.98
C TYR C 301 49.43 11.27 12.17
N LYS C 302 50.09 12.37 12.52
CA LYS C 302 49.73 13.22 13.64
C LYS C 302 49.15 14.52 13.11
N ILE C 303 47.92 14.83 13.51
CA ILE C 303 47.26 16.06 13.09
C ILE C 303 46.86 16.81 14.36
N SER C 304 46.55 18.09 14.19
CA SER C 304 46.14 18.93 15.30
C SER C 304 44.64 19.19 15.20
N TYR C 305 43.97 19.26 16.33
CA TYR C 305 42.53 19.48 16.34
C TYR C 305 42.13 20.30 17.55
N ASN C 306 41.32 21.34 17.34
CA ASN C 306 40.84 22.20 18.43
C ASN C 306 39.57 21.56 18.97
N LYS C 307 39.75 20.70 19.98
CA LYS C 307 38.62 19.99 20.58
C LYS C 307 37.59 20.93 21.19
N ASP C 308 38.05 21.98 21.87
CA ASP C 308 37.16 22.91 22.55
C ASP C 308 37.19 24.32 21.96
N GLY C 309 37.18 24.41 20.63
CA GLY C 309 37.19 25.70 19.98
C GLY C 309 38.57 26.15 19.52
N PRO C 310 38.61 27.03 18.53
CA PRO C 310 39.91 27.53 18.03
C PRO C 310 40.67 28.37 19.03
N GLU C 311 40.01 28.90 20.05
CA GLU C 311 40.66 29.72 21.07
C GLU C 311 41.16 28.91 22.26
N ASN C 312 40.92 27.60 22.27
CA ASN C 312 41.36 26.69 23.32
C ASN C 312 42.57 25.88 22.87
N GLN C 313 43.21 25.26 23.86
CA GLN C 313 44.38 24.42 23.62
C GLN C 313 44.04 23.29 22.66
N PRO C 314 44.75 23.15 21.55
CA PRO C 314 44.47 22.07 20.61
C PRO C 314 44.97 20.75 21.18
N ILE C 315 44.68 19.67 20.45
CA ILE C 315 45.08 18.33 20.84
C ILE C 315 45.72 17.65 19.64
N GLU C 316 46.74 16.83 19.93
CA GLU C 316 47.46 16.07 18.92
C GLU C 316 46.74 14.74 18.77
N ILE C 317 46.28 14.42 17.57
CA ILE C 317 45.62 13.16 17.31
C ILE C 317 46.58 12.35 16.45
N ASP C 318 47.08 11.25 17.03
CA ASP C 318 48.02 10.35 16.38
C ASP C 318 47.27 9.14 15.84
N PHE C 319 47.12 9.08 14.52
CA PHE C 319 46.45 7.97 13.86
C PHE C 319 47.39 6.81 13.56
N THR C 320 48.54 6.76 14.22
CA THR C 320 49.48 5.68 13.99
C THR C 320 48.92 4.41 14.61
N PRO C 321 48.75 3.33 13.84
CA PRO C 321 48.21 2.09 14.41
C PRO C 321 49.28 1.34 15.19
N PRO C 322 48.90 0.44 16.10
CA PRO C 322 47.50 0.10 16.45
C PRO C 322 46.84 1.06 17.44
N TYR C 323 45.51 1.09 17.41
CA TYR C 323 44.61 1.88 18.24
C TYR C 323 44.18 1.03 19.44
N PRO C 324 44.12 1.59 20.64
CA PRO C 324 43.74 0.79 21.81
C PRO C 324 42.31 0.25 21.72
N LYS C 325 42.14 -0.96 22.23
CA LYS C 325 40.85 -1.64 22.28
C LYS C 325 40.37 -1.61 23.73
N VAL C 326 39.12 -1.22 23.94
CA VAL C 326 38.57 -1.07 25.28
C VAL C 326 37.21 -1.77 25.37
N SER C 327 37.13 -2.80 26.22
CA SER C 327 35.85 -3.49 26.38
C SER C 327 34.90 -2.57 27.15
N ILE C 328 33.63 -2.62 26.78
CA ILE C 328 32.64 -1.73 27.38
C ILE C 328 32.34 -2.11 28.85
N VAL C 329 31.81 -3.31 29.07
CA VAL C 329 31.44 -3.72 30.42
C VAL C 329 32.67 -3.81 31.33
N GLU C 330 33.78 -4.36 30.83
CA GLU C 330 34.98 -4.45 31.65
C GLU C 330 35.48 -3.09 32.12
N GLU C 331 35.51 -2.10 31.22
CA GLU C 331 35.96 -0.78 31.67
C GLU C 331 34.93 -0.14 32.59
N ILE C 332 33.64 -0.42 32.40
CA ILE C 332 32.68 0.12 33.35
C ILE C 332 32.97 -0.42 34.73
N GLU C 333 33.37 -1.69 34.80
CA GLU C 333 33.70 -2.31 36.08
C GLU C 333 34.98 -1.73 36.67
N LYS C 334 35.93 -1.36 35.81
CA LYS C 334 37.17 -0.79 36.32
C LYS C 334 37.00 0.64 36.79
N VAL C 335 36.10 1.40 36.14
CA VAL C 335 35.87 2.79 36.52
C VAL C 335 34.92 2.91 37.71
N THR C 336 33.87 2.10 37.74
CA THR C 336 32.88 2.15 38.81
C THR C 336 33.08 1.09 39.89
N ASN C 337 33.93 0.09 39.67
CA ASN C 337 34.15 -1.00 40.62
C ASN C 337 32.82 -1.66 40.95
N THR C 338 32.22 -2.23 39.90
CA THR C 338 30.92 -2.87 39.97
C THR C 338 30.94 -4.19 39.21
N ILE C 339 30.08 -5.11 39.62
CA ILE C 339 29.89 -6.40 38.96
C ILE C 339 28.50 -6.31 38.33
N LEU C 340 28.44 -6.33 37.00
CA LEU C 340 27.15 -6.19 36.33
C LEU C 340 26.24 -7.39 36.58
N GLU C 341 26.82 -8.60 36.65
CA GLU C 341 26.07 -9.82 36.97
C GLU C 341 24.90 -10.08 36.01
N GLN C 342 25.25 -10.45 34.76
CA GLN C 342 24.28 -10.78 33.71
C GLN C 342 23.17 -11.68 34.27
N PRO C 343 21.93 -11.59 33.76
CA PRO C 343 21.42 -10.74 32.68
C PRO C 343 21.56 -9.24 32.93
N PHE C 344 22.00 -8.50 31.91
CA PHE C 344 22.16 -7.06 32.09
C PHE C 344 20.83 -6.36 32.27
N ASP C 345 19.73 -6.98 31.81
CA ASP C 345 18.40 -6.40 31.96
C ASP C 345 17.70 -6.91 33.21
N SER C 346 18.42 -7.56 34.13
CA SER C 346 17.82 -8.01 35.37
C SER C 346 17.62 -6.81 36.28
N ASN C 347 16.79 -6.98 37.31
CA ASN C 347 16.51 -5.85 38.19
C ASN C 347 17.71 -5.53 39.10
N GLU C 348 18.37 -6.58 39.61
CA GLU C 348 19.53 -6.37 40.48
C GLU C 348 20.62 -5.58 39.77
N THR C 349 20.69 -5.69 38.44
CA THR C 349 21.69 -4.97 37.66
C THR C 349 21.19 -3.59 37.22
N ILE C 350 19.89 -3.48 36.92
CA ILE C 350 19.33 -2.19 36.51
C ILE C 350 19.50 -1.19 37.64
N GLU C 351 19.26 -1.62 38.88
CA GLU C 351 19.43 -0.69 39.99
C GLU C 351 20.91 -0.41 40.27
N LYS C 352 21.79 -1.39 40.04
CA LYS C 352 23.20 -1.14 40.28
C LYS C 352 23.71 -0.07 39.34
N MET C 353 23.27 -0.11 38.07
CA MET C 353 23.68 0.92 37.12
C MET C 353 23.07 2.27 37.49
N ILE C 354 21.79 2.29 37.88
CA ILE C 354 21.17 3.56 38.25
C ILE C 354 21.84 4.14 39.50
N ASN C 355 22.24 3.28 40.43
CA ASN C 355 22.91 3.75 41.64
C ASN C 355 24.29 4.28 41.30
N ILE C 356 24.98 3.65 40.35
CA ILE C 356 26.29 4.14 39.94
C ILE C 356 26.13 5.49 39.26
N ILE C 357 25.00 5.71 38.58
CA ILE C 357 24.77 6.98 37.91
C ILE C 357 24.48 8.09 38.92
N LYS C 358 23.59 7.81 39.88
CA LYS C 358 23.26 8.81 40.89
C LYS C 358 24.46 9.12 41.79
N GLU C 359 25.33 8.13 42.01
CA GLU C 359 26.51 8.36 42.85
C GLU C 359 27.45 9.36 42.20
N HIS C 360 27.65 9.25 40.89
CA HIS C 360 28.51 10.14 40.14
C HIS C 360 27.74 11.34 39.58
N LYS C 361 26.49 11.51 40.02
CA LYS C 361 25.61 12.62 39.64
C LYS C 361 25.35 12.71 38.13
N ILE C 362 25.44 11.60 37.41
CA ILE C 362 25.20 11.63 35.97
C ILE C 362 23.70 11.73 35.71
N GLU C 363 23.33 12.28 34.56
CA GLU C 363 21.93 12.42 34.20
C GLU C 363 21.33 11.03 33.94
N LEU C 364 20.11 10.81 34.41
CA LEU C 364 19.61 9.48 34.13
C LEU C 364 18.73 9.46 32.89
N PRO C 365 18.86 8.45 32.04
CA PRO C 365 18.05 8.41 30.82
C PRO C 365 16.58 8.14 31.10
N ASN C 366 15.76 8.40 30.08
CA ASN C 366 14.32 8.21 30.10
C ASN C 366 13.87 7.65 28.76
N PRO C 367 13.40 6.39 28.69
CA PRO C 367 13.23 5.43 29.79
C PRO C 367 14.56 4.89 30.32
N PRO C 368 14.57 4.33 31.53
CA PRO C 368 15.80 3.78 32.13
C PRO C 368 16.06 2.32 31.76
N THR C 369 16.10 2.03 30.46
CA THR C 369 16.34 0.66 30.02
C THR C 369 17.81 0.30 30.25
N ALA C 370 18.07 -1.01 30.34
CA ALA C 370 19.43 -1.49 30.57
C ALA C 370 20.37 -1.07 29.46
N ALA C 371 19.93 -1.15 28.20
CA ALA C 371 20.78 -0.75 27.09
C ALA C 371 21.12 0.73 27.16
N LYS C 372 20.12 1.55 27.47
CA LYS C 372 20.35 2.98 27.55
C LYS C 372 21.24 3.35 28.74
N LEU C 373 21.12 2.61 29.85
CA LEU C 373 21.98 2.87 31.00
C LEU C 373 23.42 2.53 30.67
N LEU C 374 23.64 1.38 30.02
CA LEU C 374 24.99 1.00 29.61
C LEU C 374 25.55 2.04 28.65
N ASP C 375 24.69 2.60 27.79
CA ASP C 375 25.14 3.61 26.85
C ASP C 375 25.58 4.88 27.58
N GLN C 376 24.81 5.33 28.56
CA GLN C 376 25.19 6.53 29.30
C GLN C 376 26.47 6.29 30.09
N LEU C 377 26.60 5.09 30.68
CA LEU C 377 27.81 4.76 31.43
C LEU C 377 29.01 4.76 30.48
N ALA C 378 28.80 4.30 29.25
CA ALA C 378 29.87 4.30 28.26
C ALA C 378 30.29 5.73 27.93
N SER C 379 29.31 6.61 27.75
CA SER C 379 29.58 7.99 27.41
C SER C 379 30.38 8.71 28.49
N HIS C 380 30.05 8.46 29.76
CA HIS C 380 30.73 9.17 30.83
C HIS C 380 32.00 8.53 31.38
N PHE C 381 32.17 7.20 31.29
CA PHE C 381 33.39 6.62 31.84
C PHE C 381 34.34 5.98 30.83
N ILE C 382 33.96 5.87 29.56
CA ILE C 382 34.87 5.25 28.59
C ILE C 382 35.13 6.10 27.36
N GLU C 383 34.06 6.59 26.72
CA GLU C 383 34.15 7.35 25.47
C GLU C 383 35.15 8.51 25.48
N ASN C 384 35.62 8.96 26.65
CA ASN C 384 36.58 10.05 26.70
C ASN C 384 37.91 9.61 27.31
N LYS C 385 38.22 8.32 27.24
CA LYS C 385 39.47 7.82 27.81
C LYS C 385 40.68 8.26 26.99
N TYR C 386 40.54 8.31 25.66
CA TYR C 386 41.65 8.69 24.79
C TYR C 386 41.23 9.78 23.82
N ASN C 387 42.04 10.84 23.72
CA ASN C 387 41.76 11.91 22.78
C ASN C 387 43.00 12.14 21.91
N ASP C 388 44.18 11.79 22.45
CA ASP C 388 45.42 11.94 21.71
C ASP C 388 45.55 10.94 20.57
N LYS C 389 44.63 9.98 20.47
CA LYS C 389 44.65 8.95 19.44
C LYS C 389 43.28 8.29 19.40
N PRO C 390 42.81 7.86 18.23
CA PRO C 390 41.50 7.21 18.15
C PRO C 390 41.53 5.89 18.90
N PHE C 391 40.34 5.43 19.31
CA PHE C 391 40.35 4.16 20.04
C PHE C 391 39.04 3.42 19.81
N PHE C 392 39.08 2.11 20.07
CA PHE C 392 37.94 1.23 19.88
C PHE C 392 37.29 0.79 21.19
N ILE C 393 35.97 0.72 21.17
CA ILE C 393 35.14 0.23 22.26
C ILE C 393 34.54 -1.04 21.68
N VAL C 394 34.92 -2.19 22.22
CA VAL C 394 34.50 -3.46 21.67
C VAL C 394 33.72 -4.29 22.68
N GLU C 395 33.21 -5.42 22.19
CA GLU C 395 32.48 -6.42 22.97
C GLU C 395 31.24 -5.84 23.66
N HIS C 396 30.35 -5.26 22.84
CA HIS C 396 29.14 -4.72 23.45
C HIS C 396 28.16 -5.83 23.78
N PRO C 397 27.37 -5.66 24.84
CA PRO C 397 26.39 -6.70 25.21
C PRO C 397 25.36 -6.91 24.10
N GLN C 398 24.72 -8.08 24.15
CA GLN C 398 23.71 -8.43 23.14
C GLN C 398 22.52 -7.48 23.19
N ILE C 399 22.13 -7.03 24.38
CA ILE C 399 20.98 -6.14 24.51
C ILE C 399 21.24 -4.77 23.89
N MET C 400 22.46 -4.49 23.46
CA MET C 400 22.81 -3.23 22.83
C MET C 400 23.07 -3.38 21.34
N SER C 401 23.22 -4.61 20.85
CA SER C 401 23.53 -4.89 19.46
C SER C 401 22.57 -5.98 18.95
N PRO C 402 21.33 -5.61 18.62
CA PRO C 402 20.36 -6.62 18.15
C PRO C 402 20.70 -7.26 16.82
N LEU C 403 21.59 -6.67 16.03
CA LEU C 403 21.95 -7.23 14.72
C LEU C 403 23.36 -7.82 14.73
N ALA C 404 23.91 -8.01 15.92
CA ALA C 404 25.27 -8.50 16.11
C ALA C 404 25.37 -10.01 16.29
N LYS C 405 26.45 -10.57 15.74
CA LYS C 405 26.70 -11.98 15.91
C LYS C 405 27.14 -12.11 17.36
N TYR C 406 26.55 -13.04 18.10
CA TYR C 406 26.92 -13.22 19.49
C TYR C 406 28.41 -13.51 19.60
N HIS C 407 28.97 -13.21 20.77
CA HIS C 407 30.40 -13.41 20.99
C HIS C 407 30.73 -14.90 21.07
N ARG C 408 31.92 -15.27 20.57
CA ARG C 408 32.34 -16.67 20.56
C ARG C 408 32.57 -17.21 21.96
N THR C 409 33.41 -16.54 22.74
CA THR C 409 33.77 -17.02 24.06
C THR C 409 33.27 -16.15 25.20
N LYS C 410 32.52 -15.09 24.94
CA LYS C 410 32.00 -14.22 26.00
C LYS C 410 30.48 -14.20 25.92
N PRO C 411 29.78 -14.96 26.76
CA PRO C 411 28.32 -14.99 26.70
C PRO C 411 27.69 -13.64 26.97
N GLY C 412 26.53 -13.41 26.34
CA GLY C 412 25.80 -12.17 26.47
C GLY C 412 26.39 -10.99 25.75
N LEU C 413 27.59 -11.10 25.20
CA LEU C 413 28.26 -10.04 24.49
C LEU C 413 28.24 -10.31 22.99
N THR C 414 28.73 -9.34 22.23
CA THR C 414 28.76 -9.44 20.79
C THR C 414 30.14 -9.10 20.26
N GLU C 415 30.37 -9.48 19.01
CA GLU C 415 31.63 -9.24 18.32
C GLU C 415 31.55 -7.89 17.57
N ARG C 416 31.28 -6.87 18.36
CA ARG C 416 31.11 -5.50 17.88
C ARG C 416 32.26 -4.59 18.29
N LEU C 417 32.50 -3.57 17.46
CA LEU C 417 33.53 -2.56 17.67
C LEU C 417 33.00 -1.20 17.26
N GLU C 418 33.47 -0.16 17.95
CA GLU C 418 33.09 1.22 17.66
C GLU C 418 34.31 2.09 17.86
N MET C 419 34.73 2.82 16.83
CA MET C 419 35.90 3.66 16.94
C MET C 419 35.48 5.10 17.18
N PHE C 420 36.12 5.74 18.15
CA PHE C 420 35.85 7.13 18.49
C PHE C 420 37.09 7.98 18.32
N ILE C 421 36.83 9.26 18.05
CA ILE C 421 37.82 10.31 17.90
C ILE C 421 37.37 11.47 18.77
N CYS C 422 38.18 11.83 19.77
CA CYS C 422 37.87 12.93 20.69
C CYS C 422 36.51 12.74 21.36
N GLY C 423 36.12 11.49 21.61
CA GLY C 423 34.85 11.20 22.24
C GLY C 423 33.66 11.13 21.32
N LYS C 424 33.86 11.20 20.00
CA LYS C 424 32.77 11.13 19.04
C LYS C 424 32.86 9.84 18.24
N GLU C 425 31.75 9.11 18.19
CA GLU C 425 31.67 7.86 17.43
C GLU C 425 31.67 8.15 15.94
N VAL C 426 32.60 7.54 15.21
CA VAL C 426 32.67 7.72 13.76
C VAL C 426 32.55 6.41 13.02
N LEU C 427 32.71 5.28 13.71
CA LEU C 427 32.68 3.97 13.09
C LEU C 427 31.92 2.98 13.95
N ASN C 428 31.03 2.22 13.33
CA ASN C 428 30.27 1.17 13.99
C ASN C 428 30.49 -0.08 13.15
N ALA C 429 30.98 -1.16 13.73
CA ALA C 429 31.23 -2.36 12.94
C ALA C 429 31.06 -3.58 13.80
N TYR C 430 30.71 -4.70 13.19
CA TYR C 430 30.57 -5.93 13.95
C TYR C 430 30.31 -7.13 13.10
N THR C 431 30.46 -8.30 13.68
CA THR C 431 30.21 -9.55 12.98
C THR C 431 28.70 -9.65 12.80
N GLU C 432 28.26 -9.75 11.55
CA GLU C 432 26.83 -9.76 11.28
C GLU C 432 26.13 -10.99 11.85
N LEU C 433 24.98 -10.75 12.49
CA LEU C 433 24.16 -11.82 13.03
C LEU C 433 23.45 -12.46 11.84
N ASN C 434 23.90 -13.63 11.42
CA ASN C 434 23.34 -14.32 10.27
C ASN C 434 22.43 -15.48 10.62
N ASP C 435 22.12 -15.68 11.90
CA ASP C 435 21.25 -16.78 12.30
C ASP C 435 19.81 -16.29 12.29
N PRO C 436 18.95 -16.77 11.40
CA PRO C 436 17.56 -16.30 11.39
C PRO C 436 16.81 -16.64 12.66
N PHE C 437 17.10 -17.80 13.25
CA PHE C 437 16.44 -18.18 14.49
C PHE C 437 16.76 -17.21 15.61
N LYS C 438 18.03 -16.79 15.72
CA LYS C 438 18.41 -15.84 16.76
C LYS C 438 18.03 -14.41 16.38
N GLN C 439 18.09 -14.09 15.09
CA GLN C 439 17.73 -12.75 14.66
C GLN C 439 16.26 -12.46 14.95
N LYS C 440 15.39 -13.44 14.70
CA LYS C 440 13.98 -13.22 14.99
C LYS C 440 13.75 -13.01 16.48
N GLU C 441 14.59 -13.62 17.33
CA GLU C 441 14.45 -13.40 18.76
C GLU C 441 14.86 -11.98 19.10
N CYS C 442 15.92 -11.48 18.47
CA CYS C 442 16.32 -10.09 18.71
C CYS C 442 15.23 -9.15 18.21
N PHE C 443 14.56 -9.52 17.12
CA PHE C 443 13.47 -8.70 16.59
C PHE C 443 12.28 -8.71 17.55
N LYS C 444 12.01 -9.86 18.17
CA LYS C 444 10.90 -9.97 19.10
C LYS C 444 11.19 -9.23 20.40
N LEU C 445 12.46 -9.19 20.81
CA LEU C 445 12.84 -8.50 22.03
C LEU C 445 12.89 -6.99 21.83
N GLN C 446 13.20 -6.53 20.61
CA GLN C 446 13.26 -5.09 20.36
C GLN C 446 11.91 -4.51 19.94
N GLN C 447 11.12 -5.27 19.19
CA GLN C 447 9.82 -4.77 18.73
C GLN C 447 8.75 -4.79 19.81
N LYS C 448 8.77 -5.79 20.71
CA LYS C 448 7.76 -5.91 21.75
C LYS C 448 8.29 -5.52 23.13
N ASP C 449 9.36 -6.15 23.60
CA ASP C 449 9.88 -5.85 24.93
C ASP C 449 10.51 -4.45 25.00
N ARG C 450 11.12 -3.99 23.92
CA ARG C 450 11.75 -2.67 23.92
C ARG C 450 10.80 -1.58 23.42
N GLU C 451 10.20 -1.78 22.25
CA GLU C 451 9.27 -0.80 21.70
C GLU C 451 7.89 -0.96 22.30
N GLN C 459 12.40 -2.41 15.83
CA GLN C 459 11.67 -2.41 14.56
C GLN C 459 12.01 -3.64 13.74
N LEU C 460 11.09 -4.59 13.68
CA LEU C 460 11.29 -5.83 12.97
C LEU C 460 10.87 -5.72 11.50
N ASP C 461 11.69 -6.27 10.62
CA ASP C 461 11.44 -6.29 9.18
C ASP C 461 11.20 -7.73 8.73
N SER C 462 10.23 -7.91 7.84
CA SER C 462 9.91 -9.23 7.33
C SER C 462 10.76 -9.62 6.12
N ALA C 463 11.00 -8.66 5.20
CA ALA C 463 11.81 -8.96 4.03
C ALA C 463 13.21 -9.38 4.43
N PHE C 464 13.82 -8.67 5.38
CA PHE C 464 15.17 -8.99 5.84
C PHE C 464 15.20 -10.33 6.57
N CYS C 465 14.18 -10.60 7.41
CA CYS C 465 14.14 -11.88 8.13
C CYS C 465 14.01 -13.05 7.17
N THR C 466 13.12 -12.95 6.18
CA THR C 466 12.99 -14.04 5.21
C THR C 466 14.26 -14.18 4.38
N SER C 467 14.96 -13.06 4.13
CA SER C 467 16.20 -13.12 3.37
C SER C 467 17.26 -13.90 4.13
N LEU C 468 17.27 -13.75 5.46
CA LEU C 468 18.27 -14.50 6.25
C LEU C 468 18.02 -16.00 6.21
N GLU C 469 16.80 -16.43 5.88
CA GLU C 469 16.48 -17.85 5.81
C GLU C 469 17.06 -18.52 4.57
N TYR C 470 17.46 -17.74 3.57
CA TYR C 470 18.05 -18.27 2.35
C TYR C 470 19.56 -18.44 2.48
N GLY C 471 20.13 -18.09 3.63
CA GLY C 471 21.54 -18.25 3.85
C GLY C 471 22.40 -17.00 3.77
N LEU C 472 22.73 -16.45 4.93
CA LEU C 472 23.61 -15.29 5.01
C LEU C 472 24.96 -15.82 5.45
N PRO C 473 25.96 -15.86 4.58
CA PRO C 473 27.27 -16.38 4.97
C PRO C 473 27.88 -15.55 6.08
N PRO C 474 28.86 -16.10 6.83
CA PRO C 474 29.51 -15.29 7.88
C PRO C 474 30.02 -14.01 7.24
N THR C 475 29.54 -12.87 7.72
CA THR C 475 29.90 -11.60 7.13
C THR C 475 30.32 -10.58 8.20
N GLY C 476 31.18 -9.66 7.81
CA GLY C 476 31.64 -8.60 8.68
C GLY C 476 31.15 -7.31 8.08
N GLY C 477 30.50 -6.44 8.85
CA GLY C 477 29.99 -5.19 8.33
C GLY C 477 30.53 -4.00 9.09
N LEU C 478 30.63 -2.87 8.39
CA LEU C 478 31.10 -1.65 9.04
C LEU C 478 30.41 -0.44 8.42
N GLY C 479 30.26 0.59 9.24
CA GLY C 479 29.64 1.83 8.83
C GLY C 479 30.48 2.99 9.33
N LEU C 480 30.62 3.99 8.47
CA LEU C 480 31.40 5.19 8.72
C LEU C 480 30.55 6.44 8.59
N GLY C 481 30.82 7.41 9.45
CA GLY C 481 30.16 8.69 9.42
C GLY C 481 31.11 9.63 8.70
N ILE C 482 30.84 9.89 7.42
CA ILE C 482 31.72 10.74 6.61
C ILE C 482 31.82 12.15 7.17
N ASP C 483 30.71 12.70 7.64
CA ASP C 483 30.70 14.08 8.12
C ASP C 483 31.59 14.26 9.35
N ARG C 484 31.53 13.33 10.31
CA ARG C 484 32.36 13.48 11.50
C ARG C 484 33.85 13.31 11.16
N ILE C 485 34.16 12.33 10.30
CA ILE C 485 35.54 12.13 9.89
C ILE C 485 36.06 13.39 9.21
N THR C 486 35.20 14.03 8.40
CA THR C 486 35.57 15.26 7.73
C THR C 486 35.78 16.38 8.76
N MET C 487 34.96 16.40 9.81
CA MET C 487 35.11 17.42 10.85
C MET C 487 36.49 17.36 11.46
N PHE C 488 36.95 16.16 11.82
CA PHE C 488 38.26 16.04 12.44
C PHE C 488 39.39 16.28 11.43
N LEU C 489 39.22 15.81 10.19
CA LEU C 489 40.28 16.01 9.21
C LEU C 489 40.30 17.41 8.61
N THR C 490 39.36 18.28 8.99
CA THR C 490 39.31 19.66 8.51
C THR C 490 39.39 20.64 9.67
N ASN C 491 39.59 20.15 10.89
CA ASN C 491 39.72 20.97 12.10
C ASN C 491 38.50 21.88 12.29
N LYS C 492 37.34 21.24 12.42
CA LYS C 492 36.08 21.95 12.60
C LYS C 492 35.34 21.35 13.78
N ASN C 493 34.63 22.20 14.52
CA ASN C 493 33.91 21.77 15.72
C ASN C 493 32.43 21.46 15.49
N SER C 494 31.84 21.93 14.39
CA SER C 494 30.43 21.68 14.12
C SER C 494 30.27 20.95 12.80
N ILE C 495 29.29 20.04 12.75
CA ILE C 495 29.01 19.28 11.54
C ILE C 495 28.47 20.20 10.44
N LYS C 496 27.91 21.35 10.82
CA LYS C 496 27.38 22.32 9.87
C LYS C 496 28.47 23.01 9.08
N ASP C 497 29.73 22.88 9.50
CA ASP C 497 30.86 23.47 8.82
C ASP C 497 31.41 22.60 7.71
N VAL C 498 31.11 21.29 7.74
CA VAL C 498 31.57 20.35 6.73
C VAL C 498 30.45 19.96 5.77
N ILE C 499 29.25 20.49 5.95
CA ILE C 499 28.11 20.24 5.09
C ILE C 499 27.82 21.54 4.35
N LEU C 500 27.62 21.46 3.03
CA LEU C 500 27.38 22.66 2.25
C LEU C 500 26.19 23.46 2.78
N PHE C 501 25.00 22.87 2.77
CA PHE C 501 23.81 23.55 3.28
C PHE C 501 23.22 22.70 4.39
N PRO C 502 23.64 22.92 5.64
CA PRO C 502 23.08 22.14 6.75
C PRO C 502 21.63 22.49 6.99
N THR C 503 20.96 21.64 7.78
CA THR C 503 19.55 21.82 8.11
C THR C 503 19.44 22.90 9.18
N MET C 504 18.88 24.05 8.83
CA MET C 504 18.74 25.19 9.72
C MET C 504 17.28 25.58 9.90
N ARG C 505 16.97 26.22 11.04
CA ARG C 505 15.60 26.69 11.21
C ARG C 505 15.40 27.84 10.22
N PRO C 506 14.28 27.88 9.52
CA PRO C 506 14.06 28.95 8.54
C PRO C 506 14.11 30.33 9.19
N ALA C 507 14.54 31.31 8.40
CA ALA C 507 14.63 32.69 8.86
C ALA C 507 13.26 33.35 8.87
N VAL D 3 6.21 -31.72 -3.50
CA VAL D 3 7.33 -31.13 -2.75
C VAL D 3 6.88 -29.82 -2.11
N ASP D 4 6.04 -29.94 -1.09
CA ASP D 4 5.51 -28.77 -0.38
C ASP D 4 6.63 -27.91 0.18
N PRO D 5 6.77 -26.65 -0.28
CA PRO D 5 7.84 -25.79 0.25
C PRO D 5 7.69 -25.49 1.73
N ARG D 6 6.45 -25.36 2.22
CA ARG D 6 6.25 -25.08 3.64
C ARG D 6 6.80 -26.24 4.49
N LEU D 7 6.53 -27.47 4.07
CA LEU D 7 7.04 -28.63 4.79
C LEU D 7 8.55 -28.70 4.71
N TYR D 8 9.13 -28.31 3.56
CA TYR D 8 10.58 -28.32 3.40
C TYR D 8 11.23 -27.32 4.34
N PHE D 9 10.70 -26.10 4.38
CA PHE D 9 11.25 -25.08 5.26
C PHE D 9 11.15 -25.50 6.71
N GLU D 10 9.98 -26.01 7.13
CA GLU D 10 9.84 -26.46 8.51
C GLU D 10 10.78 -27.63 8.80
N ASN D 11 11.00 -28.49 7.81
CA ASN D 11 11.88 -29.64 7.98
C ASN D 11 13.30 -29.17 8.29
N ARG D 12 13.83 -28.29 7.44
CA ARG D 12 15.19 -27.80 7.68
C ARG D 12 15.25 -26.88 8.91
N SER D 13 14.13 -26.27 9.28
CA SER D 13 14.12 -25.45 10.48
C SER D 13 14.37 -26.35 11.69
N LYS D 14 13.69 -27.50 11.71
CA LYS D 14 13.92 -28.45 12.80
C LYS D 14 15.33 -29.03 12.71
N PHE D 15 15.86 -29.13 11.49
CA PHE D 15 17.23 -29.63 11.29
C PHE D 15 18.24 -28.75 12.00
N ILE D 16 18.07 -27.42 11.89
CA ILE D 16 19.02 -26.51 12.54
C ILE D 16 19.03 -26.70 14.05
N GLN D 17 17.84 -26.73 14.67
CA GLN D 17 17.80 -26.88 16.12
C GLN D 17 18.26 -28.28 16.54
N ASP D 18 18.10 -29.29 15.68
CA ASP D 18 18.62 -30.62 16.02
C ASP D 18 20.14 -30.59 16.05
N GLN D 19 20.74 -29.92 15.06
CA GLN D 19 22.19 -29.79 15.04
C GLN D 19 22.68 -28.97 16.22
N LYS D 20 21.90 -27.94 16.58
CA LYS D 20 22.25 -27.06 17.67
C LYS D 20 22.22 -27.78 19.01
N ASP D 21 21.27 -28.71 19.19
CA ASP D 21 21.21 -29.47 20.42
C ASP D 21 22.37 -30.46 20.50
N LYS D 22 22.81 -30.99 19.36
CA LYS D 22 23.92 -31.92 19.24
C LYS D 22 25.26 -31.33 19.61
N GLY D 23 25.33 -30.05 19.95
CA GLY D 23 26.59 -29.43 20.26
C GLY D 23 27.30 -28.90 19.03
N ILE D 24 26.55 -28.58 17.98
CA ILE D 24 27.08 -28.09 16.72
C ILE D 24 26.58 -26.67 16.50
N ASN D 25 27.48 -25.79 16.07
CA ASN D 25 27.12 -24.42 15.75
C ASN D 25 26.85 -24.40 14.26
N PRO D 26 25.58 -24.41 13.84
CA PRO D 26 25.29 -24.42 12.39
C PRO D 26 25.74 -23.17 11.66
N TYR D 27 26.05 -22.09 12.37
CA TYR D 27 26.52 -20.86 11.75
C TYR D 27 27.84 -20.48 12.43
N PRO D 28 28.94 -21.10 12.01
CA PRO D 28 30.24 -20.77 12.60
C PRO D 28 30.56 -19.29 12.41
N HIS D 29 31.46 -18.79 13.25
CA HIS D 29 31.80 -17.37 13.22
C HIS D 29 32.79 -17.01 12.13
N LYS D 30 33.88 -17.76 11.99
CA LYS D 30 34.88 -17.40 10.99
C LYS D 30 35.55 -18.61 10.38
N PHE D 31 35.62 -18.63 9.05
CA PHE D 31 36.31 -19.67 8.30
C PHE D 31 37.30 -18.93 7.41
N GLU D 32 38.56 -19.01 7.79
CA GLU D 32 39.66 -18.33 7.11
C GLU D 32 39.74 -18.80 5.67
N ARG D 33 39.39 -17.93 4.72
CA ARG D 33 39.44 -18.31 3.32
C ARG D 33 40.81 -18.00 2.74
N THR D 34 41.30 -18.91 1.90
CA THR D 34 42.59 -18.79 1.25
C THR D 34 42.53 -18.27 -0.17
N ILE D 35 41.51 -18.66 -0.93
CA ILE D 35 41.39 -18.25 -2.32
C ILE D 35 39.91 -18.17 -2.70
N SER D 36 39.58 -17.22 -3.57
CA SER D 36 38.22 -17.06 -4.03
C SER D 36 37.99 -17.93 -5.25
N ILE D 37 36.71 -18.19 -5.56
CA ILE D 37 36.38 -19.01 -6.73
C ILE D 37 36.92 -18.39 -8.02
N PRO D 38 36.78 -17.09 -8.28
CA PRO D 38 37.38 -16.55 -9.51
C PRO D 38 38.88 -16.74 -9.55
N GLU D 39 39.55 -16.48 -8.42
CA GLU D 39 40.99 -16.66 -8.34
C GLU D 39 41.37 -18.12 -8.54
N PHE D 40 40.53 -19.04 -8.03
CA PHE D 40 40.81 -20.46 -8.18
C PHE D 40 40.68 -20.89 -9.64
N ILE D 41 39.66 -20.39 -10.35
CA ILE D 41 39.55 -20.76 -11.76
C ILE D 41 40.71 -20.18 -12.55
N GLU D 42 41.08 -18.93 -12.26
CA GLU D 42 42.19 -18.32 -12.98
C GLU D 42 43.51 -19.02 -12.71
N LYS D 43 43.71 -19.53 -11.49
CA LYS D 43 44.95 -20.20 -11.13
C LYS D 43 45.00 -21.67 -11.53
N TYR D 44 43.87 -22.32 -11.80
CA TYR D 44 43.91 -23.74 -12.14
C TYR D 44 43.17 -24.14 -13.41
N LYS D 45 42.68 -23.18 -14.20
CA LYS D 45 41.98 -23.54 -15.43
C LYS D 45 42.91 -24.22 -16.43
N ASP D 46 44.21 -24.07 -16.27
CA ASP D 46 45.20 -24.66 -17.17
C ASP D 46 45.43 -26.14 -16.94
N LEU D 47 45.15 -26.66 -15.74
CA LEU D 47 45.40 -28.06 -15.44
C LEU D 47 44.73 -29.00 -16.44
N GLY D 48 45.33 -30.19 -16.58
CA GLY D 48 44.82 -31.20 -17.48
C GLY D 48 43.74 -32.05 -16.82
N ASN D 49 43.07 -32.85 -17.64
CA ASN D 49 42.00 -33.68 -17.14
C ASN D 49 42.55 -34.74 -16.19
N GLY D 50 41.79 -35.04 -15.14
CA GLY D 50 42.20 -36.04 -14.17
C GLY D 50 43.42 -35.69 -13.35
N GLU D 51 43.98 -34.49 -13.52
CA GLU D 51 45.17 -34.08 -12.78
C GLU D 51 44.76 -33.52 -11.42
N HIS D 52 45.39 -34.03 -10.36
CA HIS D 52 45.10 -33.61 -8.99
C HIS D 52 46.34 -32.98 -8.36
N LEU D 53 46.18 -31.78 -7.79
CA LEU D 53 47.30 -31.15 -7.08
C LEU D 53 47.14 -31.41 -5.58
N GLU D 54 47.22 -32.70 -5.26
CA GLU D 54 47.07 -33.19 -3.89
C GLU D 54 48.02 -32.53 -2.91
N ASP D 55 49.11 -31.93 -3.38
CA ASP D 55 50.05 -31.27 -2.47
C ASP D 55 49.56 -29.90 -2.02
N THR D 56 48.67 -29.27 -2.79
CA THR D 56 48.16 -27.95 -2.46
C THR D 56 46.83 -28.05 -1.71
N ILE D 57 46.82 -27.60 -0.46
CA ILE D 57 45.60 -27.60 0.34
C ILE D 57 45.02 -26.20 0.24
N LEU D 58 43.69 -26.11 0.19
CA LEU D 58 43.03 -24.82 0.04
C LEU D 58 41.73 -24.78 0.82
N ASN D 59 41.31 -23.56 1.16
CA ASN D 59 40.06 -23.31 1.86
C ASN D 59 39.18 -22.54 0.90
N ILE D 60 38.05 -23.13 0.51
CA ILE D 60 37.13 -22.55 -0.47
C ILE D 60 35.76 -22.36 0.16
N THR D 61 35.10 -21.26 -0.22
CA THR D 61 33.75 -20.95 0.24
C THR D 61 32.87 -20.71 -0.98
N GLY D 62 31.56 -20.88 -0.80
CA GLY D 62 30.64 -20.68 -1.90
C GLY D 62 29.25 -21.15 -1.51
N ARG D 63 28.37 -21.14 -2.51
CA ARG D 63 26.98 -21.56 -2.34
C ARG D 63 26.72 -22.80 -3.19
N ILE D 64 26.16 -23.84 -2.57
CA ILE D 64 25.84 -25.07 -3.28
C ILE D 64 24.60 -24.84 -4.13
N MET D 65 24.74 -24.96 -5.45
CA MET D 65 23.63 -24.75 -6.36
C MET D 65 23.17 -26.01 -7.07
N ARG D 66 23.83 -27.14 -6.84
CA ARG D 66 23.43 -28.39 -7.48
C ARG D 66 23.98 -29.54 -6.66
N VAL D 67 23.13 -30.52 -6.37
CA VAL D 67 23.47 -31.70 -5.58
C VAL D 67 23.26 -32.94 -6.45
N SER D 68 24.23 -33.84 -6.44
CA SER D 68 24.15 -35.07 -7.22
C SER D 68 25.08 -36.09 -6.58
N ALA D 69 24.78 -37.37 -6.82
CA ALA D 69 25.59 -38.43 -6.23
C ALA D 69 25.78 -39.56 -7.24
N SER D 70 26.89 -40.29 -7.06
CA SER D 70 27.26 -41.46 -7.86
C SER D 70 27.59 -42.52 -6.82
N GLY D 71 26.56 -43.20 -6.33
CA GLY D 71 26.75 -44.19 -5.29
C GLY D 71 27.05 -43.47 -3.99
N GLN D 72 27.27 -44.25 -2.93
CA GLN D 72 27.57 -43.67 -1.63
C GLN D 72 29.04 -43.29 -1.47
N LYS D 73 29.85 -43.46 -2.52
CA LYS D 73 31.27 -43.10 -2.45
C LYS D 73 31.58 -41.77 -3.11
N LEU D 74 30.87 -41.41 -4.17
CA LEU D 74 31.11 -40.16 -4.89
C LEU D 74 29.93 -39.20 -4.75
N ARG D 75 30.25 -37.93 -4.47
CA ARG D 75 29.26 -36.86 -4.34
C ARG D 75 29.73 -35.68 -5.16
N PHE D 76 28.84 -35.08 -5.93
CA PHE D 76 29.20 -33.94 -6.76
C PHE D 76 28.25 -32.80 -6.48
N PHE D 77 28.80 -31.59 -6.40
CA PHE D 77 27.99 -30.41 -6.17
C PHE D 77 28.52 -29.26 -7.01
N ASP D 78 27.70 -28.24 -7.17
CA ASP D 78 28.07 -27.03 -7.89
C ASP D 78 28.27 -25.93 -6.87
N LEU D 79 29.47 -25.37 -6.80
CA LEU D 79 29.80 -24.32 -5.86
C LEU D 79 29.99 -23.02 -6.64
N VAL D 80 29.12 -22.05 -6.38
CA VAL D 80 29.16 -20.77 -7.07
C VAL D 80 29.60 -19.69 -6.09
N GLY D 81 30.19 -18.64 -6.65
CA GLY D 81 30.69 -17.50 -5.91
C GLY D 81 31.14 -16.41 -6.85
N ASP D 82 30.75 -15.16 -6.56
CA ASP D 82 31.13 -14.02 -7.38
C ASP D 82 30.73 -14.21 -8.84
N GLY D 83 29.55 -14.79 -9.05
CA GLY D 83 29.04 -15.04 -10.39
C GLY D 83 29.76 -16.12 -11.17
N GLU D 84 30.64 -16.90 -10.53
CA GLU D 84 31.36 -17.95 -11.22
C GLU D 84 31.10 -19.28 -10.53
N LYS D 85 31.38 -20.38 -11.23
CA LYS D 85 31.09 -21.69 -10.68
C LYS D 85 32.22 -22.69 -10.89
N ILE D 86 32.37 -23.58 -9.90
CA ILE D 86 33.33 -24.68 -9.93
C ILE D 86 32.58 -25.90 -9.40
N GLN D 87 33.20 -27.07 -9.53
CA GLN D 87 32.58 -28.30 -9.07
C GLN D 87 33.22 -28.78 -7.78
N VAL D 88 32.41 -29.45 -6.96
CA VAL D 88 32.84 -30.04 -5.70
C VAL D 88 32.75 -31.54 -5.93
N LEU D 89 33.88 -32.23 -5.79
CA LEU D 89 33.94 -33.66 -6.01
C LEU D 89 34.38 -34.33 -4.71
N ALA D 90 33.40 -34.70 -3.88
CA ALA D 90 33.65 -35.33 -2.60
C ALA D 90 33.81 -36.83 -2.83
N ASN D 91 35.03 -37.32 -2.65
CA ASN D 91 35.35 -38.73 -2.82
C ASN D 91 35.66 -39.34 -1.47
N TYR D 92 35.03 -40.48 -1.19
CA TYR D 92 35.25 -41.18 0.08
C TYR D 92 36.72 -41.47 0.30
N SER D 93 37.48 -41.63 -0.78
CA SER D 93 38.90 -41.94 -0.68
C SER D 93 39.72 -40.80 -0.07
N PHE D 94 39.31 -39.54 -0.26
CA PHE D 94 40.10 -38.44 0.29
C PHE D 94 39.44 -37.76 1.48
N HIS D 95 38.32 -38.27 1.97
CA HIS D 95 37.65 -37.65 3.10
C HIS D 95 38.43 -37.85 4.40
N ASN D 96 38.55 -36.77 5.18
CA ASN D 96 39.21 -36.84 6.48
C ASN D 96 38.19 -37.47 7.41
N HIS D 97 38.30 -38.78 7.58
CA HIS D 97 37.35 -39.52 8.42
C HIS D 97 37.41 -39.14 9.89
N GLU D 98 38.41 -38.35 10.32
CA GLU D 98 38.47 -37.96 11.72
C GLU D 98 37.43 -36.89 12.05
N LYS D 99 37.03 -36.11 11.05
CA LYS D 99 36.06 -35.04 11.24
C LYS D 99 34.62 -35.52 11.27
N GLY D 100 34.34 -36.73 10.85
CA GLY D 100 32.99 -37.25 10.86
C GLY D 100 32.79 -38.25 9.74
N ASN D 101 31.57 -38.80 9.69
CA ASN D 101 31.22 -39.77 8.67
C ASN D 101 30.96 -39.07 7.34
N PHE D 102 31.45 -39.70 6.26
CA PHE D 102 31.30 -39.14 4.93
C PHE D 102 29.83 -38.98 4.54
N ALA D 103 29.06 -40.06 4.68
CA ALA D 103 27.64 -40.01 4.35
C ALA D 103 26.89 -39.04 5.25
N GLU D 104 27.15 -39.11 6.57
CA GLU D 104 26.49 -38.20 7.50
C GLU D 104 26.84 -36.74 7.21
N CYS D 105 27.98 -36.48 6.59
CA CYS D 105 28.35 -35.10 6.29
C CYS D 105 27.71 -34.60 5.01
N TYR D 106 27.83 -35.34 3.91
CA TYR D 106 27.32 -34.85 2.64
C TYR D 106 25.83 -35.09 2.40
N ASP D 107 25.19 -36.05 3.09
CA ASP D 107 23.77 -36.27 2.86
C ASP D 107 22.93 -35.10 3.36
N LYS D 108 23.42 -34.35 4.34
CA LYS D 108 22.69 -33.22 4.90
C LYS D 108 22.84 -31.94 4.10
N ILE D 109 23.74 -31.91 3.12
CA ILE D 109 23.92 -30.70 2.30
C ILE D 109 22.78 -30.60 1.30
N ARG D 110 22.18 -29.41 1.23
CA ARG D 110 21.09 -29.12 0.31
C ARG D 110 21.51 -27.99 -0.63
N ARG D 111 20.69 -27.78 -1.65
CA ARG D 111 20.96 -26.74 -2.63
C ARG D 111 20.75 -25.37 -1.98
N GLY D 112 21.73 -24.48 -2.15
CA GLY D 112 21.69 -23.15 -1.59
C GLY D 112 22.53 -22.96 -0.33
N ASP D 113 23.08 -24.04 0.21
CA ASP D 113 23.88 -23.94 1.42
C ASP D 113 25.24 -23.30 1.17
N ILE D 114 25.66 -22.46 2.11
CA ILE D 114 26.96 -21.81 2.10
C ILE D 114 27.87 -22.74 2.89
N VAL D 115 28.78 -23.43 2.20
CA VAL D 115 29.65 -24.39 2.83
C VAL D 115 31.10 -23.91 2.83
N GLY D 116 31.88 -24.51 3.73
CA GLY D 116 33.28 -24.25 3.87
C GLY D 116 34.00 -25.51 3.46
N ILE D 117 34.86 -25.44 2.44
CA ILE D 117 35.53 -26.62 1.90
C ILE D 117 37.04 -26.53 2.10
N VAL D 118 37.63 -27.63 2.56
CA VAL D 118 39.07 -27.79 2.75
C VAL D 118 39.50 -28.97 1.91
N GLY D 119 40.30 -28.72 0.88
CA GLY D 119 40.74 -29.81 0.01
C GLY D 119 41.72 -29.31 -1.04
N PHE D 120 42.01 -30.19 -2.02
CA PHE D 120 42.97 -29.76 -3.03
C PHE D 120 42.29 -29.38 -4.33
N PRO D 121 42.98 -28.67 -5.21
CA PRO D 121 42.41 -28.35 -6.52
C PRO D 121 42.73 -29.47 -7.50
N GLY D 122 41.87 -29.62 -8.49
CA GLY D 122 42.11 -30.66 -9.48
C GLY D 122 41.07 -30.55 -10.56
N LYS D 123 41.10 -31.51 -11.47
CA LYS D 123 40.16 -31.53 -12.57
C LYS D 123 39.70 -32.97 -12.73
N SER D 124 38.39 -33.17 -12.87
CA SER D 124 37.86 -34.52 -13.01
C SER D 124 38.30 -35.12 -14.34
N LYS D 125 38.14 -36.45 -14.44
CA LYS D 125 38.50 -37.15 -15.67
C LYS D 125 37.73 -36.60 -16.87
N LYS D 126 36.59 -35.96 -16.62
CA LYS D 126 35.78 -35.38 -17.68
C LYS D 126 36.23 -33.97 -18.04
N GLY D 127 37.20 -33.42 -17.31
CA GLY D 127 37.71 -32.09 -17.59
C GLY D 127 37.06 -30.96 -16.83
N GLU D 128 36.42 -31.26 -15.70
CA GLU D 128 35.72 -30.27 -14.89
C GLU D 128 36.61 -29.78 -13.76
N LEU D 129 36.92 -28.48 -13.76
CA LEU D 129 37.73 -27.92 -12.69
C LEU D 129 36.98 -28.05 -11.38
N SER D 130 37.54 -28.81 -10.45
CA SER D 130 36.86 -29.08 -9.20
C SER D 130 37.79 -28.94 -8.01
N ILE D 131 37.15 -28.86 -6.84
CA ILE D 131 37.80 -28.81 -5.54
C ILE D 131 37.49 -30.12 -4.86
N PHE D 132 38.52 -30.91 -4.55
CA PHE D 132 38.26 -32.18 -3.90
C PHE D 132 38.36 -31.94 -2.40
N PRO D 133 37.27 -31.98 -1.67
CA PRO D 133 37.32 -31.69 -0.23
C PRO D 133 37.67 -32.89 0.63
N LYS D 134 38.47 -32.61 1.67
CA LYS D 134 38.79 -33.59 2.68
C LYS D 134 37.84 -33.42 3.85
N GLU D 135 37.27 -32.21 3.96
CA GLU D 135 36.34 -31.80 4.99
C GLU D 135 35.47 -30.69 4.43
N THR D 136 34.17 -30.74 4.72
CA THR D 136 33.22 -29.73 4.28
C THR D 136 32.40 -29.30 5.47
N ILE D 137 32.43 -28.01 5.80
CA ILE D 137 31.72 -27.46 6.96
C ILE D 137 30.60 -26.56 6.48
N LEU D 138 29.45 -26.69 7.14
CA LEU D 138 28.28 -25.87 6.84
C LEU D 138 28.49 -24.49 7.46
N LEU D 139 28.53 -23.45 6.63
CA LEU D 139 28.72 -22.10 7.13
C LEU D 139 27.40 -21.37 7.35
N SER D 140 26.45 -21.53 6.44
CA SER D 140 25.14 -20.89 6.58
C SER D 140 24.14 -21.70 5.78
N ALA D 141 23.02 -22.07 6.40
CA ALA D 141 22.03 -22.91 5.75
C ALA D 141 20.95 -22.13 4.99
N CYS D 142 20.47 -22.76 3.92
CA CYS D 142 19.39 -22.23 3.08
C CYS D 142 18.18 -23.07 3.45
N LEU D 143 17.34 -22.53 4.33
CA LEU D 143 16.16 -23.26 4.81
C LEU D 143 15.07 -23.42 3.77
N HIS D 144 15.06 -22.62 2.72
CA HIS D 144 14.04 -22.69 1.67
C HIS D 144 14.54 -23.47 0.46
N MET D 145 13.61 -23.76 -0.46
CA MET D 145 13.94 -24.40 -1.71
C MET D 145 14.19 -23.30 -2.72
N LEU D 146 15.33 -23.33 -3.36
CA LEU D 146 15.51 -22.27 -4.33
C LEU D 146 14.78 -22.61 -5.62
N PRO D 147 14.26 -21.61 -6.33
CA PRO D 147 13.58 -21.89 -7.59
C PRO D 147 14.57 -22.45 -8.60
N MET D 148 14.02 -23.09 -9.63
CA MET D 148 14.88 -23.66 -10.67
C MET D 148 15.45 -22.53 -11.53
N LYS D 149 16.24 -22.92 -12.54
CA LYS D 149 16.83 -21.92 -13.43
C LYS D 149 15.78 -21.08 -14.13
N TYR D 150 14.61 -21.66 -14.42
CA TYR D 150 13.53 -20.94 -15.08
C TYR D 150 13.08 -19.71 -14.30
N THR D 155 8.26 -12.50 -13.86
CA THR D 155 7.65 -12.40 -12.54
C THR D 155 8.06 -11.13 -11.82
N GLU D 156 7.55 -10.96 -10.59
CA GLU D 156 7.86 -9.81 -9.77
C GLU D 156 8.70 -10.13 -8.55
N ILE D 157 8.98 -11.41 -8.29
CA ILE D 157 9.78 -11.76 -7.12
C ILE D 157 11.20 -11.23 -7.29
N ARG D 158 11.64 -11.04 -8.52
CA ARG D 158 12.97 -10.51 -8.79
C ARG D 158 13.13 -9.11 -8.20
N TYR D 159 12.04 -8.36 -8.12
CA TYR D 159 12.05 -7.02 -7.57
C TYR D 159 11.91 -7.01 -6.06
N ARG D 160 11.17 -7.99 -5.52
CA ARG D 160 10.97 -8.09 -4.08
C ARG D 160 12.12 -8.81 -3.41
N GLN D 161 12.62 -9.87 -4.03
CA GLN D 161 13.73 -10.65 -3.49
C GLN D 161 14.81 -10.60 -4.57
N ARG D 162 15.58 -9.51 -4.57
CA ARG D 162 16.64 -9.35 -5.55
C ARG D 162 17.77 -10.33 -5.33
N TYR D 163 17.93 -10.85 -4.10
CA TYR D 163 18.98 -11.82 -3.83
C TYR D 163 18.76 -13.10 -4.62
N LEU D 164 17.50 -13.57 -4.70
CA LEU D 164 17.23 -14.77 -5.47
C LEU D 164 17.50 -14.54 -6.95
N ASP D 165 17.10 -13.36 -7.46
CA ASP D 165 17.34 -13.03 -8.86
C ASP D 165 18.84 -12.98 -9.14
N LEU D 166 19.61 -12.42 -8.20
CA LEU D 166 21.06 -12.33 -8.40
C LEU D 166 21.71 -13.71 -8.34
N LEU D 167 21.13 -14.64 -7.59
CA LEU D 167 21.71 -15.98 -7.49
C LEU D 167 21.31 -16.93 -8.61
N ILE D 168 20.15 -16.74 -9.24
CA ILE D 168 19.69 -17.64 -10.29
C ILE D 168 19.90 -17.08 -11.70
N ASN D 169 19.62 -15.81 -11.91
CA ASN D 169 19.74 -15.20 -13.24
C ASN D 169 21.09 -14.49 -13.38
N GLU D 170 21.92 -14.98 -14.31
CA GLU D 170 23.24 -14.41 -14.57
C GLU D 170 23.15 -13.01 -15.19
N SER D 171 22.11 -12.79 -16.01
CA SER D 171 21.92 -11.50 -16.65
C SER D 171 21.75 -10.37 -15.64
N SER D 172 21.15 -10.66 -14.48
CA SER D 172 20.97 -9.62 -13.47
C SER D 172 22.29 -9.12 -12.94
N ARG D 173 23.19 -10.04 -12.56
CA ARG D 173 24.48 -9.63 -12.04
C ARG D 173 25.24 -8.84 -13.09
N HIS D 174 25.21 -9.30 -14.35
CA HIS D 174 25.90 -8.55 -15.39
C HIS D 174 25.32 -7.15 -15.56
N THR D 175 23.99 -7.03 -15.43
CA THR D 175 23.32 -5.74 -15.58
C THR D 175 23.74 -4.74 -14.51
N PHE D 176 23.71 -5.15 -13.24
CA PHE D 176 24.09 -4.21 -12.20
C PHE D 176 25.58 -3.87 -12.25
N VAL D 177 26.41 -4.83 -12.68
CA VAL D 177 27.83 -4.52 -12.85
C VAL D 177 27.98 -3.43 -13.90
N THR D 178 27.22 -3.54 -15.00
CA THR D 178 27.26 -2.52 -16.04
C THR D 178 26.76 -1.17 -15.52
N ARG D 179 25.78 -1.20 -14.65
CA ARG D 179 25.26 0.05 -14.11
C ARG D 179 26.33 0.78 -13.34
N THR D 180 27.01 0.10 -12.44
CA THR D 180 28.08 0.76 -11.70
C THR D 180 29.19 1.18 -12.65
N LYS D 181 29.42 0.42 -13.73
CA LYS D 181 30.45 0.83 -14.68
C LYS D 181 30.07 2.16 -15.31
N ILE D 182 28.78 2.35 -15.60
CA ILE D 182 28.31 3.61 -16.19
C ILE D 182 28.57 4.76 -15.23
N ILE D 183 28.20 4.57 -13.96
CA ILE D 183 28.41 5.65 -12.99
C ILE D 183 29.90 5.94 -12.80
N ASN D 184 30.73 4.89 -12.77
CA ASN D 184 32.17 5.08 -12.60
C ASN D 184 32.75 5.87 -13.77
N PHE D 185 32.36 5.50 -14.99
CA PHE D 185 32.82 6.21 -16.17
C PHE D 185 32.39 7.66 -16.12
N LEU D 186 31.14 7.92 -15.72
CA LEU D 186 30.63 9.29 -15.63
C LEU D 186 31.43 10.11 -14.63
N ARG D 187 31.65 9.56 -13.44
CA ARG D 187 32.39 10.29 -12.40
C ARG D 187 33.82 10.59 -12.84
N ASN D 188 34.50 9.61 -13.45
CA ASN D 188 35.88 9.87 -13.88
C ASN D 188 35.93 10.82 -15.06
N PHE D 189 34.93 10.70 -15.94
CA PHE D 189 34.83 11.57 -17.11
C PHE D 189 34.67 13.02 -16.67
N LEU D 190 33.92 13.23 -15.58
CA LEU D 190 33.72 14.58 -15.10
C LEU D 190 34.94 15.06 -14.29
N ASN D 191 35.56 14.17 -13.52
CA ASN D 191 36.73 14.56 -12.73
C ASN D 191 37.93 14.86 -13.61
N GLU D 192 38.06 14.20 -14.76
CA GLU D 192 39.16 14.46 -15.68
C GLU D 192 39.03 15.79 -16.39
N ARG D 193 37.95 16.52 -16.12
CA ARG D 193 37.69 17.82 -16.73
C ARG D 193 37.57 18.92 -15.67
N GLY D 194 38.18 18.70 -14.51
CA GLY D 194 38.17 19.67 -13.43
C GLY D 194 36.85 19.83 -12.70
N PHE D 195 35.95 18.84 -12.77
CA PHE D 195 34.71 19.05 -12.05
C PHE D 195 34.86 18.61 -10.60
N PHE D 196 34.01 19.18 -9.74
CA PHE D 196 34.03 18.93 -8.31
C PHE D 196 32.70 18.31 -7.87
N GLU D 197 32.79 17.19 -7.16
CA GLU D 197 31.63 16.47 -6.66
C GLU D 197 31.25 17.00 -5.29
N VAL D 198 29.97 17.34 -5.11
CA VAL D 198 29.45 17.87 -3.86
C VAL D 198 28.20 17.09 -3.47
N GLU D 199 27.59 17.50 -2.35
CA GLU D 199 26.36 16.87 -1.86
C GLU D 199 25.44 17.98 -1.38
N THR D 200 24.31 18.14 -2.06
CA THR D 200 23.30 19.15 -1.74
C THR D 200 22.23 18.56 -0.83
N PRO D 201 21.40 19.41 -0.23
CA PRO D 201 20.37 18.89 0.68
C PRO D 201 19.31 18.05 -0.01
N MET D 202 18.94 16.95 0.66
CA MET D 202 17.88 16.08 0.19
C MET D 202 16.52 16.63 0.58
N MET D 203 16.48 17.32 1.71
CA MET D 203 15.29 17.94 2.26
C MET D 203 15.47 19.46 2.21
N ASN D 204 14.42 20.17 1.85
CA ASN D 204 14.48 21.62 1.73
C ASN D 204 13.14 22.24 2.12
N LEU D 205 13.15 23.57 2.26
CA LEU D 205 11.92 24.28 2.59
C LEU D 205 11.00 24.31 1.37
N ILE D 206 11.57 24.32 0.17
CA ILE D 206 10.86 24.32 -1.09
C ILE D 206 11.41 23.17 -1.93
N ALA D 207 10.89 23.02 -3.14
CA ALA D 207 11.33 21.96 -4.04
C ALA D 207 11.34 22.52 -5.46
N GLY D 208 12.52 22.92 -5.94
CA GLY D 208 12.68 23.49 -7.26
C GLY D 208 13.63 22.68 -8.12
N GLY D 209 13.84 23.17 -9.34
CA GLY D 209 14.71 22.54 -10.30
C GLY D 209 14.02 21.64 -11.29
N ALA D 210 12.73 21.38 -11.12
CA ALA D 210 11.99 20.52 -12.03
C ALA D 210 10.50 20.79 -11.86
N ASN D 211 9.72 20.28 -12.80
CA ASN D 211 8.26 20.43 -12.79
C ASN D 211 7.66 19.09 -12.36
N ALA D 212 7.58 18.88 -11.05
CA ALA D 212 7.05 17.63 -10.54
C ALA D 212 6.58 17.79 -9.10
N ARG D 213 5.59 16.98 -8.73
CA ARG D 213 5.04 16.99 -7.38
C ARG D 213 6.01 16.29 -6.44
N PRO D 214 6.46 16.94 -5.35
CA PRO D 214 7.43 16.30 -4.45
C PRO D 214 6.82 15.56 -3.28
N PHE D 215 7.65 14.94 -2.43
CA PHE D 215 7.13 14.27 -1.27
C PHE D 215 7.18 15.25 -0.09
N ILE D 216 6.42 14.94 0.95
CA ILE D 216 6.37 15.76 2.15
C ILE D 216 6.97 14.97 3.30
N THR D 217 7.70 15.66 4.17
CA THR D 217 8.34 15.04 5.32
C THR D 217 8.24 16.05 6.46
N HIS D 218 8.33 15.57 7.70
CA HIS D 218 8.22 16.47 8.84
C HIS D 218 9.30 16.18 9.87
N HIS D 219 10.07 17.22 10.21
CA HIS D 219 11.10 17.11 11.24
C HIS D 219 10.41 17.46 12.55
N ASN D 220 10.54 16.56 13.54
CA ASN D 220 9.89 16.67 14.83
C ASN D 220 10.43 17.81 15.69
N ASP D 221 11.72 17.79 16.03
CA ASP D 221 12.25 18.86 16.88
C ASP D 221 12.02 20.23 16.27
N LEU D 222 12.31 20.39 14.99
CA LEU D 222 12.07 21.67 14.35
C LEU D 222 10.59 21.91 14.10
N ASP D 223 9.76 20.87 14.22
CA ASP D 223 8.33 20.96 13.96
C ASP D 223 8.13 21.69 12.63
N LEU D 224 8.90 21.25 11.64
CA LEU D 224 8.91 21.89 10.34
C LEU D 224 8.64 20.89 9.22
N ASP D 225 7.92 21.33 8.20
CA ASP D 225 7.62 20.50 7.05
C ASP D 225 8.65 20.75 5.97
N LEU D 226 9.36 19.69 5.58
CA LEU D 226 10.38 19.72 4.54
C LEU D 226 9.90 18.94 3.33
N TYR D 227 10.49 19.24 2.19
CA TYR D 227 10.14 18.62 0.92
C TYR D 227 11.36 17.90 0.38
N LEU D 228 11.18 16.64 -0.05
CA LEU D 228 12.30 15.92 -0.61
C LEU D 228 12.61 16.54 -1.96
N ARG D 229 13.90 16.71 -2.25
CA ARG D 229 14.31 17.36 -3.49
C ARG D 229 13.85 16.58 -4.71
N ILE D 230 13.45 17.32 -5.75
CA ILE D 230 13.06 16.74 -7.02
C ILE D 230 14.16 16.93 -8.05
N ALA D 231 15.18 17.73 -7.71
CA ALA D 231 16.33 18.03 -8.55
C ALA D 231 17.36 18.74 -7.69
N THR D 232 18.60 18.70 -8.15
CA THR D 232 19.74 19.35 -7.51
C THR D 232 20.16 20.60 -8.25
N GLU D 233 19.25 21.17 -9.05
CA GLU D 233 19.57 22.33 -9.88
C GLU D 233 19.85 23.60 -9.09
N LEU D 234 18.88 24.06 -8.30
CA LEU D 234 19.04 25.31 -7.57
C LEU D 234 20.24 25.36 -6.63
N PRO D 235 20.45 24.40 -5.72
CA PRO D 235 21.65 24.50 -4.85
C PRO D 235 22.95 24.42 -5.62
N LEU D 236 23.01 23.62 -6.70
CA LEU D 236 24.24 23.55 -7.48
C LEU D 236 24.55 24.89 -8.14
N LYS D 237 23.52 25.59 -8.64
CA LYS D 237 23.79 26.90 -9.20
C LYS D 237 24.22 27.86 -8.09
N MET D 238 23.63 27.70 -6.90
CA MET D 238 24.04 28.53 -5.77
C MET D 238 25.50 28.26 -5.44
N LEU D 239 26.00 27.07 -5.79
CA LEU D 239 27.40 26.76 -5.57
C LEU D 239 28.24 27.37 -6.69
N ILE D 240 27.65 27.51 -7.88
CA ILE D 240 28.36 28.16 -8.98
C ILE D 240 28.65 29.60 -8.63
N VAL D 241 27.65 30.31 -8.06
CA VAL D 241 27.91 31.69 -7.68
C VAL D 241 28.93 31.76 -6.55
N GLY D 242 29.11 30.66 -5.80
CA GLY D 242 30.07 30.61 -4.71
C GLY D 242 31.51 30.48 -5.15
N GLY D 243 31.77 30.25 -6.43
CA GLY D 243 33.12 30.13 -6.94
C GLY D 243 33.48 28.77 -7.51
N ILE D 244 32.68 27.73 -7.25
CA ILE D 244 32.98 26.40 -7.78
C ILE D 244 32.44 26.40 -9.21
N ASP D 245 33.27 26.82 -10.16
CA ASP D 245 32.86 26.95 -11.56
C ASP D 245 32.57 25.63 -12.26
N LYS D 246 33.07 24.50 -11.78
CA LYS D 246 32.82 23.20 -12.39
C LYS D 246 32.35 22.30 -11.25
N VAL D 247 31.02 22.23 -11.07
CA VAL D 247 30.46 21.46 -9.97
C VAL D 247 29.48 20.43 -10.53
N TYR D 248 29.22 19.38 -9.76
CA TYR D 248 28.28 18.36 -10.18
C TYR D 248 27.88 17.53 -8.97
N GLU D 249 26.85 16.71 -9.18
CA GLU D 249 26.35 15.84 -8.12
C GLU D 249 25.61 14.67 -8.75
N ILE D 250 25.95 13.47 -8.29
CA ILE D 250 25.32 12.22 -8.73
C ILE D 250 24.60 11.68 -7.51
N GLY D 251 23.27 11.71 -7.55
CA GLY D 251 22.55 11.21 -6.40
C GLY D 251 21.09 10.96 -6.70
N LYS D 252 20.37 10.57 -5.65
CA LYS D 252 18.95 10.26 -5.72
C LYS D 252 18.09 11.51 -5.60
N VAL D 253 17.05 11.56 -6.43
CA VAL D 253 16.06 12.63 -6.40
C VAL D 253 14.72 11.92 -6.34
N PHE D 254 13.76 12.56 -5.67
CA PHE D 254 12.44 11.97 -5.46
C PHE D 254 11.36 12.80 -6.13
N ARG D 255 10.46 12.12 -6.85
CA ARG D 255 9.34 12.76 -7.52
C ARG D 255 8.09 11.94 -7.23
N ASN D 256 7.07 12.59 -6.68
CA ASN D 256 5.81 11.91 -6.32
C ASN D 256 4.92 11.92 -7.55
N GLU D 257 5.10 10.91 -8.40
CA GLU D 257 4.37 10.80 -9.65
C GLU D 257 3.94 9.36 -9.89
N GLY D 258 3.51 9.11 -11.13
CA GLY D 258 3.10 7.79 -11.52
C GLY D 258 4.29 6.87 -11.75
N ILE D 259 4.04 5.58 -11.58
CA ILE D 259 5.07 4.56 -11.74
C ILE D 259 4.74 3.73 -12.98
N ASP D 260 5.75 3.56 -13.84
CA ASP D 260 5.64 2.77 -15.05
C ASP D 260 7.02 2.19 -15.32
N ASN D 261 7.23 1.66 -16.52
CA ASN D 261 8.52 1.05 -16.82
C ASN D 261 9.66 2.07 -16.97
N THR D 262 9.37 3.36 -16.91
CA THR D 262 10.41 4.38 -16.98
C THR D 262 10.26 5.41 -15.86
N HIS D 263 9.62 5.03 -14.76
CA HIS D 263 9.42 5.94 -13.65
C HIS D 263 9.45 5.21 -12.32
N ASN D 264 10.40 5.57 -11.46
CA ASN D 264 10.55 5.06 -10.12
C ASN D 264 10.50 6.29 -9.22
N PRO D 265 9.73 6.27 -8.12
CA PRO D 265 9.66 7.47 -7.26
C PRO D 265 11.02 8.07 -6.93
N GLU D 266 12.02 7.25 -6.59
CA GLU D 266 13.36 7.72 -6.32
C GLU D 266 14.26 7.20 -7.43
N PHE D 267 14.96 8.10 -8.11
CA PHE D 267 15.84 7.67 -9.19
C PHE D 267 17.15 8.44 -9.12
N THR D 268 18.18 7.83 -9.70
CA THR D 268 19.53 8.38 -9.71
C THR D 268 19.72 9.30 -10.90
N SER D 269 20.19 10.52 -10.62
CA SER D 269 20.44 11.51 -11.65
C SER D 269 21.82 12.11 -11.42
N CYS D 270 22.32 12.77 -12.47
CA CYS D 270 23.63 13.42 -12.42
C CYS D 270 23.50 14.81 -13.02
N GLU D 271 23.58 15.84 -12.20
CA GLU D 271 23.49 17.21 -12.68
C GLU D 271 24.86 17.86 -12.55
N PHE D 272 25.32 18.48 -13.62
CA PHE D 272 26.62 19.10 -13.65
C PHE D 272 26.44 20.52 -14.19
N TYR D 273 27.14 21.47 -13.58
CA TYR D 273 27.06 22.87 -13.93
C TYR D 273 28.47 23.34 -14.28
N TRP D 274 28.60 23.90 -15.47
CA TRP D 274 29.86 24.34 -16.04
C TRP D 274 29.75 25.81 -16.40
N ALA D 275 30.42 26.65 -15.62
CA ALA D 275 30.38 28.08 -15.81
C ALA D 275 31.08 28.49 -17.11
N TYR D 276 30.62 29.59 -17.67
CA TYR D 276 31.11 30.21 -18.90
C TYR D 276 30.79 29.38 -20.14
N ALA D 277 30.04 28.30 -19.99
CA ALA D 277 29.64 27.44 -21.10
C ALA D 277 28.23 27.83 -21.52
N ASP D 278 27.73 27.21 -22.59
CA ASP D 278 26.39 27.50 -23.06
C ASP D 278 25.82 26.28 -23.78
N TYR D 279 24.73 26.52 -24.51
CA TYR D 279 24.01 25.50 -25.27
C TYR D 279 24.92 24.63 -26.14
N ASN D 280 25.73 25.27 -26.99
CA ASN D 280 26.61 24.54 -27.90
C ASN D 280 27.60 23.64 -27.16
N ASP D 281 28.17 24.14 -26.05
CA ASP D 281 29.11 23.33 -25.30
C ASP D 281 28.43 22.10 -24.72
N LEU D 282 27.16 22.25 -24.31
CA LEU D 282 26.43 21.12 -23.77
C LEU D 282 26.13 20.10 -24.87
N ILE D 283 25.87 20.58 -26.09
CA ILE D 283 25.63 19.66 -27.21
C ILE D 283 26.89 18.84 -27.47
N LYS D 284 28.04 19.52 -27.56
CA LYS D 284 29.30 18.83 -27.78
C LYS D 284 29.60 17.86 -26.64
N TRP D 285 29.33 18.27 -25.40
CA TRP D 285 29.57 17.42 -24.25
C TRP D 285 28.73 16.15 -24.32
N SER D 286 27.44 16.29 -24.64
CA SER D 286 26.56 15.13 -24.70
C SER D 286 27.01 14.17 -25.78
N GLU D 287 27.35 14.69 -26.97
CA GLU D 287 27.79 13.81 -28.05
C GLU D 287 29.07 13.07 -27.65
N ASP D 288 30.05 13.81 -27.11
CA ASP D 288 31.30 13.18 -26.68
C ASP D 288 31.06 12.13 -25.61
N PHE D 289 30.27 12.48 -24.59
CA PHE D 289 30.01 11.57 -23.47
C PHE D 289 29.35 10.27 -23.92
N PHE D 290 28.20 10.36 -24.59
CA PHE D 290 27.53 9.13 -24.99
C PHE D 290 28.37 8.30 -25.95
N SER D 291 29.08 8.95 -26.89
CA SER D 291 29.91 8.19 -27.81
C SER D 291 31.01 7.45 -27.06
N GLN D 292 31.77 8.18 -26.23
CA GLN D 292 32.87 7.55 -25.49
C GLN D 292 32.37 6.50 -24.50
N LEU D 293 31.19 6.71 -23.90
CA LEU D 293 30.65 5.73 -22.95
C LEU D 293 30.27 4.43 -23.64
N VAL D 294 29.48 4.53 -24.71
CA VAL D 294 29.08 3.33 -25.44
C VAL D 294 30.30 2.61 -25.99
N TYR D 295 31.31 3.37 -26.44
CA TYR D 295 32.51 2.74 -26.97
C TYR D 295 33.32 2.09 -25.86
N HIS D 296 33.32 2.70 -24.66
CA HIS D 296 34.03 2.14 -23.52
C HIS D 296 33.40 0.83 -23.06
N LEU D 297 32.09 0.68 -23.21
CA LEU D 297 31.41 -0.53 -22.79
C LEU D 297 31.30 -1.61 -23.86
N PHE D 298 31.37 -1.26 -25.16
CA PHE D 298 31.20 -2.27 -26.19
C PHE D 298 32.25 -2.33 -27.28
N GLY D 299 33.25 -1.44 -27.29
CA GLY D 299 34.24 -1.48 -28.34
C GLY D 299 33.64 -1.17 -29.71
N THR D 300 32.54 -0.42 -29.72
CA THR D 300 31.82 -0.04 -30.93
C THR D 300 30.86 1.10 -30.55
N TYR D 301 30.29 1.73 -31.58
CA TYR D 301 29.34 2.81 -31.38
C TYR D 301 27.92 2.38 -31.70
N LYS D 302 27.71 1.12 -32.07
CA LYS D 302 26.40 0.60 -32.43
C LYS D 302 26.01 -0.51 -31.48
N ILE D 303 24.80 -0.43 -30.94
CA ILE D 303 24.30 -1.43 -30.00
C ILE D 303 22.97 -1.98 -30.51
N SER D 304 22.57 -3.11 -29.92
CA SER D 304 21.31 -3.78 -30.26
C SER D 304 20.40 -3.70 -29.04
N TYR D 305 19.31 -2.96 -29.17
CA TYR D 305 18.35 -2.77 -28.09
C TYR D 305 16.97 -3.20 -28.54
N ASN D 306 16.34 -4.06 -27.76
CA ASN D 306 14.99 -4.53 -28.06
C ASN D 306 14.03 -3.40 -27.69
N LYS D 307 13.77 -2.50 -28.64
CA LYS D 307 12.84 -1.41 -28.38
C LYS D 307 11.49 -1.99 -27.99
N ASP D 308 11.07 -3.03 -28.71
CA ASP D 308 9.84 -3.75 -28.42
C ASP D 308 10.26 -4.84 -27.44
N GLY D 309 9.35 -5.74 -27.09
CA GLY D 309 9.70 -6.79 -26.15
C GLY D 309 10.80 -7.70 -26.67
N PRO D 310 11.42 -8.47 -25.78
CA PRO D 310 12.47 -9.41 -26.21
C PRO D 310 11.91 -10.47 -27.15
N GLU D 311 10.60 -10.54 -27.30
CA GLU D 311 9.91 -11.47 -28.17
C GLU D 311 9.72 -10.89 -29.57
N ASN D 312 10.41 -9.78 -29.88
CA ASN D 312 10.35 -9.12 -31.16
C ASN D 312 11.77 -8.81 -31.62
N GLN D 313 11.89 -8.42 -32.88
CA GLN D 313 13.20 -8.11 -33.44
C GLN D 313 13.81 -6.89 -32.74
N PRO D 314 15.11 -6.90 -32.49
CA PRO D 314 15.76 -5.76 -31.84
C PRO D 314 15.99 -4.64 -32.84
N ILE D 315 16.50 -3.52 -32.34
CA ILE D 315 16.78 -2.36 -33.17
C ILE D 315 18.26 -2.01 -32.97
N GLU D 316 18.84 -1.37 -33.98
CA GLU D 316 20.24 -0.96 -33.93
C GLU D 316 20.30 0.54 -33.64
N ILE D 317 20.96 0.89 -32.55
CA ILE D 317 21.09 2.29 -32.14
C ILE D 317 22.55 2.68 -32.34
N ASP D 318 22.77 3.71 -33.16
CA ASP D 318 24.10 4.20 -33.48
C ASP D 318 24.37 5.47 -32.67
N PHE D 319 25.36 5.39 -31.78
CA PHE D 319 25.76 6.53 -30.95
C PHE D 319 26.89 7.32 -31.59
N THR D 320 27.09 7.17 -32.89
CA THR D 320 28.16 7.89 -33.58
C THR D 320 27.80 9.36 -33.69
N PRO D 321 28.62 10.26 -33.15
CA PRO D 321 28.32 11.68 -33.26
C PRO D 321 28.57 12.18 -34.67
N PRO D 322 27.91 13.26 -35.10
CA PRO D 322 26.95 14.03 -34.32
C PRO D 322 25.53 13.47 -34.35
N TYR D 323 24.69 13.91 -33.43
CA TYR D 323 23.31 13.52 -33.26
C TYR D 323 22.41 14.61 -33.84
N PRO D 324 21.22 14.26 -34.34
CA PRO D 324 20.35 15.29 -34.91
C PRO D 324 19.65 16.14 -33.86
N LYS D 325 19.42 17.40 -34.24
CA LYS D 325 18.77 18.40 -33.41
C LYS D 325 17.46 18.80 -34.07
N VAL D 326 16.37 18.83 -33.29
CA VAL D 326 15.05 19.15 -33.82
C VAL D 326 14.42 20.26 -32.99
N SER D 327 13.92 21.30 -33.67
CA SER D 327 13.25 22.39 -32.99
C SER D 327 11.86 21.89 -32.60
N ILE D 328 11.50 22.06 -31.32
CA ILE D 328 10.24 21.53 -30.81
C ILE D 328 9.01 22.16 -31.49
N VAL D 329 8.87 23.49 -31.39
CA VAL D 329 7.70 24.13 -31.98
C VAL D 329 7.68 23.97 -33.50
N GLU D 330 8.84 24.03 -34.13
CA GLU D 330 8.92 23.91 -35.58
C GLU D 330 8.45 22.53 -36.05
N GLU D 331 8.93 21.47 -35.40
CA GLU D 331 8.52 20.13 -35.80
C GLU D 331 7.06 19.88 -35.44
N ILE D 332 6.58 20.43 -34.31
CA ILE D 332 5.18 20.26 -33.95
C ILE D 332 4.30 20.89 -35.02
N GLU D 333 4.65 22.10 -35.46
CA GLU D 333 3.89 22.78 -36.49
C GLU D 333 3.95 22.05 -37.82
N LYS D 334 5.09 21.42 -38.14
CA LYS D 334 5.22 20.72 -39.41
C LYS D 334 4.41 19.41 -39.42
N VAL D 335 4.48 18.63 -38.34
CA VAL D 335 3.76 17.35 -38.31
C VAL D 335 2.26 17.56 -38.09
N THR D 336 1.87 18.49 -37.21
CA THR D 336 0.45 18.73 -36.98
C THR D 336 -0.15 19.63 -38.06
N ASN D 337 0.69 20.16 -38.96
CA ASN D 337 0.34 21.03 -40.08
C ASN D 337 -0.16 22.40 -39.64
N THR D 338 -0.29 22.65 -38.34
CA THR D 338 -0.79 23.92 -37.84
C THR D 338 0.35 24.90 -37.58
N ILE D 339 0.01 26.06 -37.01
CA ILE D 339 0.96 27.11 -36.66
C ILE D 339 0.61 27.58 -35.25
N LEU D 340 1.56 27.44 -34.33
CA LEU D 340 1.39 27.86 -32.94
C LEU D 340 2.05 29.22 -32.82
N GLU D 341 1.27 30.27 -33.01
CA GLU D 341 1.84 31.61 -32.95
C GLU D 341 1.91 32.12 -31.52
N GLN D 342 2.95 32.90 -31.25
CA GLN D 342 3.25 33.49 -29.96
C GLN D 342 2.33 34.65 -29.62
N PRO D 343 1.98 34.83 -28.32
CA PRO D 343 2.44 34.00 -27.20
C PRO D 343 1.78 32.62 -27.12
N PHE D 344 2.52 31.62 -26.67
CA PHE D 344 2.00 30.26 -26.57
C PHE D 344 0.96 30.12 -25.46
N ASP D 345 1.01 31.00 -24.46
CA ASP D 345 0.09 30.98 -23.32
C ASP D 345 -1.22 31.69 -23.59
N SER D 346 -1.42 32.22 -24.80
CA SER D 346 -2.66 32.92 -25.12
C SER D 346 -3.82 31.95 -25.24
N ASN D 347 -5.04 32.47 -24.99
CA ASN D 347 -6.22 31.63 -25.10
C ASN D 347 -6.39 31.06 -26.50
N GLU D 348 -5.94 31.80 -27.51
CA GLU D 348 -6.03 31.34 -28.89
C GLU D 348 -5.18 30.09 -29.10
N THR D 349 -3.88 30.19 -28.80
CA THR D 349 -2.98 29.06 -28.97
C THR D 349 -3.37 27.91 -28.05
N ILE D 350 -3.84 28.21 -26.85
CA ILE D 350 -4.26 27.16 -25.93
C ILE D 350 -5.43 26.38 -26.52
N GLU D 351 -6.43 27.10 -27.04
CA GLU D 351 -7.58 26.43 -27.64
C GLU D 351 -7.16 25.67 -28.89
N LYS D 352 -6.18 26.18 -29.64
CA LYS D 352 -5.72 25.48 -30.83
C LYS D 352 -5.04 24.17 -30.47
N MET D 353 -4.15 24.20 -29.47
CA MET D 353 -3.48 22.98 -29.04
C MET D 353 -4.50 21.99 -28.49
N ILE D 354 -5.53 22.49 -27.78
CA ILE D 354 -6.56 21.62 -27.27
C ILE D 354 -7.33 20.97 -28.41
N ASN D 355 -7.61 21.74 -29.46
CA ASN D 355 -8.31 21.19 -30.62
C ASN D 355 -7.46 20.15 -31.33
N ILE D 356 -6.14 20.32 -31.34
CA ILE D 356 -5.28 19.33 -31.97
C ILE D 356 -5.30 18.04 -31.15
N ILE D 357 -5.17 18.18 -29.82
CA ILE D 357 -5.19 17.01 -28.94
C ILE D 357 -6.50 16.25 -29.09
N LYS D 358 -7.61 16.97 -29.24
CA LYS D 358 -8.91 16.31 -29.39
C LYS D 358 -9.09 15.72 -30.78
N GLU D 359 -8.55 16.38 -31.80
CA GLU D 359 -8.69 15.88 -33.17
C GLU D 359 -7.96 14.56 -33.36
N HIS D 360 -6.73 14.46 -32.86
CA HIS D 360 -5.94 13.23 -32.97
C HIS D 360 -6.31 12.19 -31.94
N LYS D 361 -7.45 12.36 -31.26
CA LYS D 361 -7.92 11.41 -30.24
C LYS D 361 -6.86 11.15 -29.18
N ILE D 362 -6.17 12.19 -28.76
CA ILE D 362 -5.13 12.09 -27.74
C ILE D 362 -5.72 12.57 -26.42
N GLU D 363 -5.18 12.03 -25.32
CA GLU D 363 -5.66 12.42 -24.00
C GLU D 363 -5.21 13.83 -23.67
N LEU D 364 -6.15 14.63 -23.17
CA LEU D 364 -5.81 16.01 -22.81
C LEU D 364 -5.20 16.04 -21.41
N PRO D 365 -4.11 16.80 -21.22
CA PRO D 365 -3.48 16.86 -19.90
C PRO D 365 -4.50 17.29 -18.84
N ASN D 366 -4.36 16.71 -17.61
CA ASN D 366 -5.28 17.02 -16.52
C ASN D 366 -5.41 18.54 -16.44
N PRO D 367 -4.37 19.31 -16.14
CA PRO D 367 -4.51 20.75 -16.24
C PRO D 367 -4.17 21.16 -17.65
N PRO D 368 -5.13 21.67 -18.44
CA PRO D 368 -4.81 22.01 -19.83
C PRO D 368 -3.95 23.26 -19.99
N THR D 369 -2.83 23.31 -19.28
CA THR D 369 -1.94 24.45 -19.39
C THR D 369 -1.20 24.42 -20.73
N ALA D 370 -0.71 25.58 -21.15
CA ALA D 370 0.01 25.65 -22.43
C ALA D 370 1.28 24.81 -22.39
N ALA D 371 1.95 24.76 -21.24
CA ALA D 371 3.18 23.97 -21.13
C ALA D 371 2.90 22.48 -21.23
N LYS D 372 1.85 21.99 -20.57
CA LYS D 372 1.53 20.56 -20.67
C LYS D 372 0.96 20.23 -22.04
N LEU D 373 0.27 21.18 -22.67
CA LEU D 373 -0.24 20.92 -24.01
C LEU D 373 0.94 20.78 -24.97
N LEU D 374 1.95 21.65 -24.83
CA LEU D 374 3.14 21.52 -25.66
C LEU D 374 3.88 20.23 -25.34
N ASP D 375 3.89 19.85 -24.06
CA ASP D 375 4.55 18.62 -23.65
C ASP D 375 3.86 17.41 -24.27
N GLN D 376 2.52 17.39 -24.26
CA GLN D 376 1.77 16.29 -24.87
C GLN D 376 1.95 16.28 -26.38
N LEU D 377 1.94 17.46 -27.02
CA LEU D 377 2.13 17.52 -28.46
C LEU D 377 3.49 16.98 -28.85
N ALA D 378 4.55 17.41 -28.15
CA ALA D 378 5.87 16.92 -28.46
C ALA D 378 6.00 15.43 -28.16
N SER D 379 5.31 14.96 -27.11
CA SER D 379 5.38 13.55 -26.75
C SER D 379 4.72 12.66 -27.80
N HIS D 380 3.64 13.14 -28.42
CA HIS D 380 2.94 12.32 -29.41
C HIS D 380 3.29 12.65 -30.85
N PHE D 381 4.15 13.64 -31.11
CA PHE D 381 4.47 13.98 -32.49
C PHE D 381 5.95 14.10 -32.82
N ILE D 382 6.85 14.21 -31.84
CA ILE D 382 8.26 14.36 -32.16
C ILE D 382 9.17 13.35 -31.48
N GLU D 383 8.92 13.12 -30.18
CA GLU D 383 9.78 12.29 -29.33
C GLU D 383 10.14 10.92 -29.93
N ASN D 384 9.44 10.43 -30.94
CA ASN D 384 9.85 9.15 -31.54
C ASN D 384 10.23 9.36 -32.99
N LYS D 385 10.78 10.54 -33.32
CA LYS D 385 11.18 10.81 -34.70
C LYS D 385 12.32 9.90 -35.11
N TYR D 386 13.31 9.71 -34.25
CA TYR D 386 14.43 8.82 -34.54
C TYR D 386 14.56 7.79 -33.44
N ASN D 387 14.81 6.54 -33.83
CA ASN D 387 15.04 5.45 -32.91
C ASN D 387 16.35 4.72 -33.18
N ASP D 388 16.93 4.86 -34.36
CA ASP D 388 18.18 4.24 -34.74
C ASP D 388 19.39 5.03 -34.25
N LYS D 389 19.15 6.12 -33.52
CA LYS D 389 20.18 7.01 -33.00
C LYS D 389 19.58 7.99 -31.99
N PRO D 390 20.32 8.41 -30.98
CA PRO D 390 19.77 9.38 -30.03
C PRO D 390 19.63 10.73 -30.72
N PHE D 391 18.59 11.48 -30.35
CA PHE D 391 18.42 12.77 -31.02
C PHE D 391 18.03 13.83 -30.01
N PHE D 392 18.25 15.09 -30.39
CA PHE D 392 17.99 16.22 -29.53
C PHE D 392 16.74 17.01 -29.87
N ILE D 393 16.04 17.45 -28.83
CA ILE D 393 14.89 18.34 -28.91
C ILE D 393 15.45 19.65 -28.37
N VAL D 394 15.57 20.66 -29.24
CA VAL D 394 16.19 21.91 -28.86
C VAL D 394 15.20 23.06 -28.96
N GLU D 395 15.66 24.23 -28.50
CA GLU D 395 14.94 25.48 -28.55
C GLU D 395 13.54 25.39 -27.94
N HIS D 396 13.49 25.03 -26.66
CA HIS D 396 12.22 24.94 -25.97
C HIS D 396 11.66 26.33 -25.70
N PRO D 397 10.33 26.47 -25.64
CA PRO D 397 9.74 27.77 -25.33
C PRO D 397 10.07 28.16 -23.91
N GLN D 398 9.84 29.44 -23.59
CA GLN D 398 10.13 29.93 -22.25
C GLN D 398 9.10 29.46 -21.23
N ILE D 399 7.84 29.29 -21.65
CA ILE D 399 6.81 28.84 -20.72
C ILE D 399 7.10 27.42 -20.25
N MET D 400 7.80 26.63 -21.05
CA MET D 400 8.17 25.27 -20.69
C MET D 400 9.46 25.23 -19.91
N SER D 401 10.22 26.32 -19.93
CA SER D 401 11.54 26.40 -19.30
C SER D 401 11.63 27.63 -18.41
N PRO D 402 11.10 27.57 -17.19
CA PRO D 402 11.18 28.74 -16.29
C PRO D 402 12.58 29.01 -15.76
N LEU D 403 13.50 28.07 -15.88
CA LEU D 403 14.86 28.25 -15.40
C LEU D 403 15.86 28.35 -16.56
N ALA D 404 15.37 28.49 -17.77
CA ALA D 404 16.19 28.56 -18.97
C ALA D 404 16.47 29.99 -19.40
N LYS D 405 17.70 30.25 -19.81
CA LYS D 405 18.01 31.57 -20.30
C LYS D 405 17.40 31.67 -21.68
N TYR D 406 16.84 32.84 -22.00
CA TYR D 406 16.22 33.03 -23.29
C TYR D 406 17.14 32.72 -24.46
N HIS D 407 16.57 32.54 -25.65
CA HIS D 407 17.38 32.29 -26.83
C HIS D 407 18.04 33.60 -27.26
N ARG D 408 19.21 33.50 -27.89
CA ARG D 408 19.93 34.70 -28.31
C ARG D 408 19.19 35.46 -29.40
N THR D 409 18.72 34.75 -30.43
CA THR D 409 18.06 35.40 -31.55
C THR D 409 16.64 34.92 -31.81
N LYS D 410 16.15 33.90 -31.10
CA LYS D 410 14.79 33.42 -31.33
C LYS D 410 13.89 33.81 -30.16
N PRO D 411 13.09 34.87 -30.30
CA PRO D 411 12.22 35.28 -29.19
C PRO D 411 11.22 34.21 -28.81
N GLY D 412 10.87 34.19 -27.52
CA GLY D 412 9.93 33.23 -26.98
C GLY D 412 10.51 31.87 -26.70
N LEU D 413 11.66 31.55 -27.27
CA LEU D 413 12.32 30.27 -27.06
C LEU D 413 13.47 30.43 -26.08
N THR D 414 14.07 29.30 -25.74
CA THR D 414 15.20 29.25 -24.82
C THR D 414 16.32 28.43 -25.46
N GLU D 415 17.49 28.47 -24.83
CA GLU D 415 18.65 27.72 -25.30
C GLU D 415 18.72 26.41 -24.52
N ARG D 416 17.70 25.58 -24.75
CA ARG D 416 17.54 24.30 -24.08
C ARG D 416 17.68 23.13 -25.05
N LEU D 417 18.03 21.97 -24.48
CA LEU D 417 18.20 20.74 -25.23
C LEU D 417 17.80 19.55 -24.35
N GLU D 418 17.23 18.53 -24.99
CA GLU D 418 16.81 17.30 -24.32
C GLU D 418 17.13 16.15 -25.26
N MET D 419 18.00 15.23 -24.82
CA MET D 419 18.35 14.09 -25.65
C MET D 419 17.45 12.92 -25.35
N PHE D 420 17.01 12.23 -26.40
CA PHE D 420 16.15 11.06 -26.25
C PHE D 420 16.76 9.85 -26.94
N ILE D 421 16.45 8.69 -26.37
CA ILE D 421 16.85 7.38 -26.86
C ILE D 421 15.57 6.54 -26.88
N CYS D 422 15.20 6.06 -28.07
CA CYS D 422 13.99 5.26 -28.25
C CYS D 422 12.77 5.94 -27.64
N GLY D 423 12.66 7.24 -27.90
CA GLY D 423 11.54 8.01 -27.39
C GLY D 423 11.52 8.23 -25.90
N LYS D 424 12.66 8.07 -25.23
CA LYS D 424 12.74 8.27 -23.79
C LYS D 424 13.79 9.32 -23.49
N GLU D 425 13.37 10.35 -22.75
CA GLU D 425 14.27 11.44 -22.36
C GLU D 425 15.28 10.94 -21.35
N VAL D 426 16.56 11.22 -21.60
CA VAL D 426 17.61 10.79 -20.68
C VAL D 426 18.50 11.95 -20.29
N LEU D 427 18.36 13.07 -21.01
CA LEU D 427 19.20 14.23 -20.76
C LEU D 427 18.39 15.52 -20.84
N ASN D 428 18.68 16.44 -19.92
CA ASN D 428 18.03 17.75 -19.89
C ASN D 428 19.13 18.77 -19.62
N ALA D 429 19.51 19.53 -20.64
CA ALA D 429 20.56 20.53 -20.51
C ALA D 429 20.11 21.84 -21.12
N TYR D 430 20.62 22.94 -20.57
CA TYR D 430 20.29 24.27 -21.09
C TYR D 430 21.05 25.41 -20.47
N THR D 431 21.23 26.47 -21.23
CA THR D 431 22.00 27.61 -20.76
C THR D 431 21.28 28.18 -19.54
N GLU D 432 21.96 28.20 -18.40
CA GLU D 432 21.33 28.65 -17.18
C GLU D 432 20.97 30.14 -17.21
N LEU D 433 19.77 30.45 -16.74
CA LEU D 433 19.32 31.82 -16.67
C LEU D 433 20.01 32.46 -15.46
N ASN D 434 20.73 33.55 -15.70
CA ASN D 434 21.45 34.24 -14.64
C ASN D 434 20.89 35.62 -14.30
N ASP D 435 19.84 36.06 -14.99
CA ASP D 435 19.25 37.37 -14.72
C ASP D 435 18.22 37.20 -13.61
N PRO D 436 18.48 37.72 -12.40
CA PRO D 436 17.50 37.53 -11.31
C PRO D 436 16.14 38.14 -11.58
N PHE D 437 16.09 39.28 -12.28
CA PHE D 437 14.82 39.91 -12.55
C PHE D 437 13.94 39.02 -13.44
N LYS D 438 14.54 38.46 -14.50
CA LYS D 438 13.76 37.57 -15.35
C LYS D 438 13.45 36.27 -14.63
N GLN D 439 14.32 35.85 -13.70
CA GLN D 439 14.06 34.62 -12.97
C GLN D 439 12.83 34.79 -12.08
N LYS D 440 12.76 35.91 -11.35
CA LYS D 440 11.60 36.16 -10.51
C LYS D 440 10.34 36.29 -11.36
N GLU D 441 10.48 36.90 -12.55
CA GLU D 441 9.32 37.02 -13.43
C GLU D 441 8.85 35.64 -13.89
N CYS D 442 9.79 34.74 -14.19
CA CYS D 442 9.44 33.39 -14.60
C CYS D 442 8.78 32.63 -13.45
N PHE D 443 9.25 32.85 -12.22
CA PHE D 443 8.64 32.19 -11.08
C PHE D 443 7.22 32.71 -10.87
N LYS D 444 6.99 33.99 -11.18
CA LYS D 444 5.64 34.53 -11.06
C LYS D 444 4.72 33.87 -12.07
N LEU D 445 5.22 33.64 -13.30
CA LEU D 445 4.39 32.98 -14.30
C LEU D 445 4.11 31.53 -13.90
N GLN D 446 5.12 30.86 -13.34
CA GLN D 446 4.92 29.47 -12.90
C GLN D 446 3.90 29.42 -11.77
N GLN D 447 3.93 30.41 -10.88
CA GLN D 447 2.95 30.45 -9.79
C GLN D 447 1.56 30.78 -10.35
N LYS D 448 1.50 31.56 -11.43
CA LYS D 448 0.21 31.84 -12.05
C LYS D 448 -0.38 30.56 -12.61
N ASP D 449 0.48 29.63 -13.04
CA ASP D 449 0.02 28.34 -13.52
C ASP D 449 -0.34 27.42 -12.35
N ARG D 450 0.42 27.52 -11.25
CA ARG D 450 0.15 26.70 -10.07
C ARG D 450 -1.18 27.09 -9.44
N GLU D 451 -1.56 28.36 -9.56
CA GLU D 451 -2.83 28.84 -9.03
C GLU D 451 -4.00 28.34 -9.86
N LYS D 452 -3.74 27.82 -11.06
CA LYS D 452 -4.76 27.30 -11.95
C LYS D 452 -5.02 25.81 -11.73
N GLY D 453 -4.19 25.13 -10.95
CA GLY D 453 -4.37 23.71 -10.69
C GLY D 453 -3.24 22.83 -11.18
N ASP D 454 -2.02 23.39 -11.23
CA ASP D 454 -0.84 22.68 -11.68
C ASP D 454 0.08 22.48 -10.48
N THR D 455 0.04 21.30 -9.87
CA THR D 455 0.88 21.00 -8.72
C THR D 455 2.33 20.70 -9.11
N GLU D 456 2.67 20.82 -10.39
CA GLU D 456 4.03 20.59 -10.87
C GLU D 456 4.67 21.88 -11.37
N ALA D 457 4.32 22.99 -10.75
CA ALA D 457 4.85 24.31 -11.08
C ALA D 457 5.75 24.73 -9.93
N ALA D 458 7.03 24.93 -10.23
CA ALA D 458 8.01 25.29 -9.21
C ALA D 458 7.66 26.59 -8.49
N GLN D 459 7.62 26.52 -7.16
CA GLN D 459 7.36 27.69 -6.35
C GLN D 459 8.62 28.53 -6.27
N LEU D 460 8.46 29.80 -5.94
CA LEU D 460 9.60 30.71 -5.88
C LEU D 460 10.50 30.43 -4.68
N ASP D 461 11.76 30.10 -4.95
CA ASP D 461 12.78 29.85 -3.92
C ASP D 461 13.45 31.20 -3.67
N SER D 462 13.12 31.83 -2.54
CA SER D 462 13.69 33.15 -2.23
C SER D 462 15.22 33.11 -2.11
N ALA D 463 15.75 32.10 -1.42
CA ALA D 463 17.20 32.01 -1.26
C ALA D 463 17.91 31.92 -2.60
N PHE D 464 17.33 31.16 -3.54
CA PHE D 464 17.93 31.02 -4.87
C PHE D 464 17.93 32.34 -5.63
N CYS D 465 16.82 33.10 -5.57
CA CYS D 465 16.78 34.38 -6.26
C CYS D 465 17.82 35.34 -5.67
N THR D 466 17.98 35.32 -4.34
CA THR D 466 18.99 36.18 -3.73
C THR D 466 20.38 35.77 -4.22
N SER D 467 20.62 34.46 -4.34
CA SER D 467 21.91 34.00 -4.85
C SER D 467 22.16 34.57 -6.23
N LEU D 468 21.13 34.56 -7.08
CA LEU D 468 21.29 35.14 -8.41
C LEU D 468 21.61 36.63 -8.31
N GLU D 469 21.03 37.29 -7.31
CA GLU D 469 21.31 38.71 -7.11
C GLU D 469 22.79 38.93 -6.81
N TYR D 470 23.43 37.96 -6.17
CA TYR D 470 24.86 38.10 -5.88
C TYR D 470 25.77 37.83 -7.08
N GLY D 471 25.20 37.51 -8.25
CA GLY D 471 26.01 37.28 -9.43
C GLY D 471 26.28 35.87 -9.88
N LEU D 472 25.55 35.42 -10.90
CA LEU D 472 25.73 34.10 -11.48
C LEU D 472 26.38 34.26 -12.84
N PRO D 473 27.61 33.79 -13.04
CA PRO D 473 28.24 33.93 -14.35
C PRO D 473 27.48 33.12 -15.38
N PRO D 474 27.67 33.42 -16.68
CA PRO D 474 27.00 32.61 -17.70
C PRO D 474 27.37 31.15 -17.48
N THR D 475 26.36 30.29 -17.38
CA THR D 475 26.62 28.89 -17.08
C THR D 475 25.76 27.97 -17.93
N GLY D 476 26.28 26.77 -18.18
CA GLY D 476 25.58 25.75 -18.92
C GLY D 476 25.38 24.57 -18.00
N GLY D 477 24.14 24.14 -17.80
CA GLY D 477 23.85 23.03 -16.91
C GLY D 477 23.27 21.85 -17.67
N LEU D 478 23.47 20.66 -17.11
CA LEU D 478 22.96 19.45 -17.73
C LEU D 478 22.65 18.40 -16.67
N GLY D 479 21.61 17.61 -16.95
CA GLY D 479 21.20 16.56 -16.06
C GLY D 479 21.03 15.27 -16.84
N LEU D 480 21.37 14.17 -16.19
CA LEU D 480 21.30 12.84 -16.78
C LEU D 480 20.47 11.90 -15.92
N GLY D 481 19.71 11.03 -16.61
CA GLY D 481 18.89 10.03 -15.97
C GLY D 481 19.71 8.76 -15.99
N ILE D 482 20.35 8.45 -14.87
CA ILE D 482 21.23 7.29 -14.78
C ILE D 482 20.48 5.98 -15.04
N ASP D 483 19.32 5.83 -14.43
CA ASP D 483 18.59 4.57 -14.58
C ASP D 483 18.12 4.34 -16.01
N ARG D 484 17.68 5.39 -16.71
CA ARG D 484 17.22 5.20 -18.09
C ARG D 484 18.40 4.89 -19.02
N ILE D 485 19.52 5.59 -18.83
CA ILE D 485 20.70 5.31 -19.64
C ILE D 485 21.13 3.87 -19.41
N THR D 486 21.11 3.43 -18.15
CA THR D 486 21.47 2.06 -17.82
C THR D 486 20.49 1.08 -18.47
N MET D 487 19.21 1.45 -18.57
CA MET D 487 18.24 0.58 -19.21
C MET D 487 18.61 0.34 -20.67
N PHE D 488 18.94 1.42 -21.38
CA PHE D 488 19.26 1.26 -22.80
C PHE D 488 20.62 0.60 -23.04
N LEU D 489 21.58 0.76 -22.12
CA LEU D 489 22.87 0.11 -22.34
C LEU D 489 22.90 -1.33 -21.82
N THR D 490 21.89 -1.74 -21.06
CA THR D 490 21.80 -3.11 -20.53
C THR D 490 20.65 -3.88 -21.19
N ASN D 491 20.00 -3.30 -22.19
CA ASN D 491 18.90 -3.92 -22.93
C ASN D 491 17.78 -4.38 -22.00
N LYS D 492 17.15 -3.40 -21.34
CA LYS D 492 16.06 -3.65 -20.42
C LYS D 492 14.89 -2.74 -20.80
N ASN D 493 13.67 -3.25 -20.64
CA ASN D 493 12.47 -2.49 -20.98
C ASN D 493 11.84 -1.78 -19.80
N SER D 494 12.24 -2.11 -18.58
CA SER D 494 11.65 -1.48 -17.40
C SER D 494 12.70 -0.84 -16.52
N ILE D 495 12.29 0.23 -15.83
CA ILE D 495 13.18 0.92 -14.91
C ILE D 495 13.55 -0.03 -13.78
N LYS D 496 12.59 -0.88 -13.39
CA LYS D 496 12.76 -1.84 -12.30
C LYS D 496 13.86 -2.84 -12.59
N ASP D 497 14.26 -3.02 -13.85
CA ASP D 497 15.31 -3.97 -14.18
C ASP D 497 16.70 -3.41 -13.92
N VAL D 498 16.85 -2.11 -13.72
CA VAL D 498 18.16 -1.53 -13.44
C VAL D 498 18.21 -0.88 -12.07
N ILE D 499 17.22 -1.16 -11.23
CA ILE D 499 17.13 -0.66 -9.86
C ILE D 499 17.01 -1.90 -8.99
N LEU D 500 17.99 -2.10 -8.10
CA LEU D 500 18.01 -3.30 -7.27
C LEU D 500 16.73 -3.49 -6.48
N PHE D 501 16.20 -2.44 -5.88
CA PHE D 501 14.98 -2.53 -5.08
C PHE D 501 13.97 -1.51 -5.57
N PRO D 502 13.20 -1.84 -6.60
CA PRO D 502 12.19 -0.91 -7.11
C PRO D 502 11.12 -0.66 -6.06
N THR D 503 10.48 0.50 -6.16
CA THR D 503 9.42 0.86 -5.22
C THR D 503 8.24 -0.08 -5.46
N MET D 504 8.06 -1.03 -4.56
CA MET D 504 7.01 -2.04 -4.66
C MET D 504 5.99 -1.88 -3.55
N ARG D 505 4.76 -2.33 -3.83
CA ARG D 505 3.70 -2.30 -2.82
C ARG D 505 3.90 -3.52 -1.92
N PRO D 506 3.71 -3.40 -0.61
CA PRO D 506 3.96 -4.53 0.29
C PRO D 506 3.08 -5.74 0.00
N ALA D 507 3.48 -6.87 0.58
CA ALA D 507 2.77 -8.14 0.43
C ALA D 507 1.46 -8.12 1.21
#